data_1KH0
# 
_entry.id   1KH0 
# 
_audit_conform.dict_name       mmcif_pdbx.dic 
_audit_conform.dict_version    5.376 
_audit_conform.dict_location   http://mmcif.pdb.org/dictionaries/ascii/mmcif_pdbx.dic 
# 
loop_
_database_2.database_id 
_database_2.database_code 
_database_2.pdbx_database_accession 
_database_2.pdbx_DOI 
PDB   1KH0         pdb_00001kh0 10.2210/pdb1kh0/pdb 
RCSB  RCSB014949   ?            ?                   
WWPDB D_1000014949 ?            ?                   
# 
loop_
_pdbx_database_related.db_name 
_pdbx_database_related.db_id 
_pdbx_database_related.details 
_pdbx_database_related.content_type 
PDB 1HZ5 'Monomeric WT protein L, B1 domain with a Y47W mutation'                         unspecified 
PDB 1HZ6 'Monomeric WT protein L, B1 domain with a Y47W mutation, Zn-coordinated His-tag' unspecified 
# 
_pdbx_database_status.status_code                     REL 
_pdbx_database_status.entry_id                        1KH0 
_pdbx_database_status.recvd_initial_deposition_date   2001-11-28 
_pdbx_database_status.deposit_site                    RCSB 
_pdbx_database_status.process_site                    RCSB 
_pdbx_database_status.status_code_sf                  REL 
_pdbx_database_status.SG_entry                        . 
_pdbx_database_status.pdb_format_compatible           Y 
_pdbx_database_status.status_code_mr                  ? 
_pdbx_database_status.status_code_cs                  ? 
_pdbx_database_status.methods_development_category    ? 
_pdbx_database_status.status_code_nmr_data            ? 
# 
loop_
_audit_author.name 
_audit_author.pdbx_ordinal 
;O'Neill, J.W.
;
1 
'Kuhlman, B.'   2 
'Kim, D.E.'     3 
'Zhang, K.Y.'   4 
'Baker, D.'     5 
# 
_citation.id                        primary 
_citation.title                     
'Accurate computer-based design of a new backbone conformation in the second turn of protein L.' 
_citation.journal_abbrev            J.Mol.Biol. 
_citation.journal_volume            315 
_citation.page_first                471 
_citation.page_last                 477 
_citation.year                      2002 
_citation.journal_id_ASTM           JMOBAK 
_citation.country                   UK 
_citation.journal_id_ISSN           0022-2836 
_citation.journal_id_CSD            0070 
_citation.book_publisher            ? 
_citation.pdbx_database_id_PubMed   11786026 
_citation.pdbx_database_id_DOI      10.1006/jmbi.2001.5229 
# 
loop_
_citation_author.citation_id 
_citation_author.name 
_citation_author.ordinal 
_citation_author.identifier_ORCID 
primary 'Kuhlman, B.'   1 ? 
primary 
;O'Neill, J.W.
;
2 ? 
primary 'Kim, D.E.'     3 ? 
primary 'Zhang, K.Y.'   4 ? 
primary 'Baker, D.'     5 ? 
# 
_cell.entry_id           1KH0 
_cell.length_a           38.622 
_cell.length_b           55.542 
_cell.length_c           67.382 
_cell.angle_alpha        90.00 
_cell.angle_beta         90.00 
_cell.angle_gamma        90.00 
_cell.Z_PDB              8 
_cell.pdbx_unique_axis   ? 
# 
_symmetry.entry_id                         1KH0 
_symmetry.space_group_name_H-M             'P 21 21 21' 
_symmetry.pdbx_full_space_group_name_H-M   ? 
_symmetry.cell_setting                     ? 
_symmetry.Int_Tables_number                19 
# 
loop_
_entity.id 
_entity.type 
_entity.src_method 
_entity.pdbx_description 
_entity.formula_weight 
_entity.pdbx_number_of_molecules 
_entity.pdbx_ec 
_entity.pdbx_mutation 
_entity.pdbx_fragment 
_entity.details 
1 polymer man 'protein L' 7124.085 2  ? 'F26K, T30L, A33V, Y34L, Y47W, V49I, A54T, D55N, K56G, G57B, Y58I, T59I' 
'B1 DOMAIN (RESIDUES 111-173)' ? 
2 water   nat water       18.015   80 ? ?                                                                        ? ? 
# 
_entity_poly.entity_id                      1 
_entity_poly.type                           'polypeptide(L)' 
_entity_poly.nstd_linkage                   no 
_entity_poly.nstd_monomer                   no 
_entity_poly.pdbx_seq_one_letter_code       EEVTIKANLIFANGSTQTAEFKGTKEKALSEVLAYADTLKKDNGEWTIDKRVTNGVIILNIKFAG 
_entity_poly.pdbx_seq_one_letter_code_can   EEVTIKANLIFANGSTQTAEFKGTKEKALSEVLAYADTLKKDNGEWTIDKRVTNGVIILNIKFAG 
_entity_poly.pdbx_strand_id                 A,B 
_entity_poly.pdbx_target_identifier         ? 
# 
loop_
_entity_poly_seq.entity_id 
_entity_poly_seq.num 
_entity_poly_seq.mon_id 
_entity_poly_seq.hetero 
1 1  GLU n 
1 2  GLU n 
1 3  VAL n 
1 4  THR n 
1 5  ILE n 
1 6  LYS n 
1 7  ALA n 
1 8  ASN n 
1 9  LEU n 
1 10 ILE n 
1 11 PHE n 
1 12 ALA n 
1 13 ASN n 
1 14 GLY n 
1 15 SER n 
1 16 THR n 
1 17 GLN n 
1 18 THR n 
1 19 ALA n 
1 20 GLU n 
1 21 PHE n 
1 22 LYS n 
1 23 GLY n 
1 24 THR n 
1 25 LYS n 
1 26 GLU n 
1 27 LYS n 
1 28 ALA n 
1 29 LEU n 
1 30 SER n 
1 31 GLU n 
1 32 VAL n 
1 33 LEU n 
1 34 ALA n 
1 35 TYR n 
1 36 ALA n 
1 37 ASP n 
1 38 THR n 
1 39 LEU n 
1 40 LYS n 
1 41 LYS n 
1 42 ASP n 
1 43 ASN n 
1 44 GLY n 
1 45 GLU n 
1 46 TRP n 
1 47 THR n 
1 48 ILE n 
1 49 ASP n 
1 50 LYS n 
1 51 ARG n 
1 52 VAL n 
1 53 THR n 
1 54 ASN n 
1 55 GLY n 
1 56 VAL n 
1 57 ILE n 
1 58 ILE n 
1 59 LEU n 
1 60 ASN n 
1 61 ILE n 
1 62 LYS n 
1 63 PHE n 
1 64 ALA n 
1 65 GLY n 
# 
_entity_src_gen.entity_id                          1 
_entity_src_gen.pdbx_src_id                        1 
_entity_src_gen.pdbx_alt_source_flag               sample 
_entity_src_gen.pdbx_seq_type                      ? 
_entity_src_gen.pdbx_beg_seq_num                   ? 
_entity_src_gen.pdbx_end_seq_num                   ? 
_entity_src_gen.gene_src_common_name               ? 
_entity_src_gen.gene_src_genus                     Finegoldia 
_entity_src_gen.pdbx_gene_src_gene                 ? 
_entity_src_gen.gene_src_species                   'Finegoldia magna' 
_entity_src_gen.gene_src_strain                    'ATCC 29328' 
_entity_src_gen.gene_src_tissue                    ? 
_entity_src_gen.gene_src_tissue_fraction           ? 
_entity_src_gen.gene_src_details                   ? 
_entity_src_gen.pdbx_gene_src_fragment             ? 
_entity_src_gen.pdbx_gene_src_scientific_name      'Finegoldia magna' 
_entity_src_gen.pdbx_gene_src_ncbi_taxonomy_id     334413 
_entity_src_gen.pdbx_gene_src_variant              ? 
_entity_src_gen.pdbx_gene_src_cell_line            ? 
_entity_src_gen.pdbx_gene_src_atcc                 ? 
_entity_src_gen.pdbx_gene_src_organ                ? 
_entity_src_gen.pdbx_gene_src_organelle            ? 
_entity_src_gen.pdbx_gene_src_cell                 ? 
_entity_src_gen.pdbx_gene_src_cellular_location    ? 
_entity_src_gen.host_org_common_name               ? 
_entity_src_gen.pdbx_host_org_scientific_name      'Escherichia coli BL21(DE3)' 
_entity_src_gen.pdbx_host_org_ncbi_taxonomy_id     469008 
_entity_src_gen.host_org_genus                     Escherichia 
_entity_src_gen.pdbx_host_org_gene                 ? 
_entity_src_gen.pdbx_host_org_organ                ? 
_entity_src_gen.host_org_species                   'Escherichia coli' 
_entity_src_gen.pdbx_host_org_tissue               ? 
_entity_src_gen.pdbx_host_org_tissue_fraction      ? 
_entity_src_gen.pdbx_host_org_strain               'BL21(DE3)' 
_entity_src_gen.pdbx_host_org_variant              ? 
_entity_src_gen.pdbx_host_org_cell_line            ? 
_entity_src_gen.pdbx_host_org_atcc                 ? 
_entity_src_gen.pdbx_host_org_culture_collection   ? 
_entity_src_gen.pdbx_host_org_cell                 ? 
_entity_src_gen.pdbx_host_org_organelle            ? 
_entity_src_gen.pdbx_host_org_cellular_location    ? 
_entity_src_gen.pdbx_host_org_vector_type          plasmid 
_entity_src_gen.pdbx_host_org_vector               ? 
_entity_src_gen.host_org_details                   ? 
_entity_src_gen.expression_system_id               ? 
_entity_src_gen.plasmid_name                       pET3A 
_entity_src_gen.plasmid_details                    ? 
_entity_src_gen.pdbx_description                   ? 
# 
_struct_ref.id                         1 
_struct_ref.db_name                    UNP 
_struct_ref.db_code                    Q51912_PEPMA 
_struct_ref.entity_id                  1 
_struct_ref.pdbx_seq_one_letter_code   EEVTIKANLIFANGSTQTAEFKGTFEKATSEAYAYADTLKKDNGEYTVDVADKGYTLNIKFAG 
_struct_ref.pdbx_align_begin           111 
_struct_ref.pdbx_db_accession          Q51912 
_struct_ref.pdbx_db_isoform            ? 
# 
loop_
_struct_ref_seq.align_id 
_struct_ref_seq.ref_id 
_struct_ref_seq.pdbx_PDB_id_code 
_struct_ref_seq.pdbx_strand_id 
_struct_ref_seq.seq_align_beg 
_struct_ref_seq.pdbx_seq_align_beg_ins_code 
_struct_ref_seq.seq_align_end 
_struct_ref_seq.pdbx_seq_align_end_ins_code 
_struct_ref_seq.pdbx_db_accession 
_struct_ref_seq.db_align_beg 
_struct_ref_seq.pdbx_db_align_beg_ins_code 
_struct_ref_seq.db_align_end 
_struct_ref_seq.pdbx_db_align_end_ins_code 
_struct_ref_seq.pdbx_auth_seq_align_beg 
_struct_ref_seq.pdbx_auth_seq_align_end 
1 1 1KH0 A 1 ? 65 ? Q51912 111 ? 173 ? 2 66 
2 1 1KH0 B 1 ? 65 ? Q51912 111 ? 173 ? 2 66 
# 
loop_
_struct_ref_seq_dif.align_id 
_struct_ref_seq_dif.pdbx_pdb_id_code 
_struct_ref_seq_dif.mon_id 
_struct_ref_seq_dif.pdbx_pdb_strand_id 
_struct_ref_seq_dif.seq_num 
_struct_ref_seq_dif.pdbx_pdb_ins_code 
_struct_ref_seq_dif.pdbx_seq_db_name 
_struct_ref_seq_dif.pdbx_seq_db_accession_code 
_struct_ref_seq_dif.db_mon_id 
_struct_ref_seq_dif.pdbx_seq_db_seq_num 
_struct_ref_seq_dif.details 
_struct_ref_seq_dif.pdbx_auth_seq_num 
_struct_ref_seq_dif.pdbx_ordinal 
1 1KH0 LYS A 25 ? UNP Q51912 PHE 135 'engineered mutation' 26 1  
1 1KH0 LEU A 29 ? UNP Q51912 THR 139 'engineered mutation' 30 2  
1 1KH0 VAL A 32 ? UNP Q51912 ALA 142 'engineered mutation' 33 3  
1 1KH0 LEU A 33 ? UNP Q51912 TYR 143 'engineered mutation' 34 4  
1 1KH0 TRP A 46 ? UNP Q51912 TYR 156 'engineered mutation' 47 5  
1 1KH0 ILE A 48 ? UNP Q51912 VAL 158 'engineered mutation' 49 6  
1 1KH0 LYS A 50 ? UNP Q51912 ?   ?   insertion             51 7  
1 1KH0 ARG A 51 ? UNP Q51912 ?   ?   insertion             52 8  
1 1KH0 THR A 53 ? UNP Q51912 ALA 161 'engineered mutation' 54 9  
1 1KH0 ASN A 54 ? UNP Q51912 ASP 162 'engineered mutation' 55 10 
1 1KH0 GLY A 55 ? UNP Q51912 LYS 163 'engineered mutation' 56 11 
1 1KH0 VAL A 56 ? UNP Q51912 GLY 164 'engineered mutation' 57 12 
1 1KH0 ILE A 57 ? UNP Q51912 TYR 165 'engineered mutation' 58 13 
1 1KH0 ILE A 58 ? UNP Q51912 THR 166 'engineered mutation' 59 14 
2 1KH0 LYS B 25 ? UNP Q51912 PHE 135 'engineered mutation' 26 15 
2 1KH0 LEU B 29 ? UNP Q51912 THR 139 'engineered mutation' 30 16 
2 1KH0 VAL B 32 ? UNP Q51912 ALA 142 'engineered mutation' 33 17 
2 1KH0 LEU B 33 ? UNP Q51912 TYR 143 'engineered mutation' 34 18 
2 1KH0 TRP B 46 ? UNP Q51912 TYR 156 'engineered mutation' 47 19 
2 1KH0 ILE B 48 ? UNP Q51912 VAL 158 'engineered mutation' 49 20 
2 1KH0 LYS B 50 ? UNP Q51912 ?   ?   insertion             51 21 
2 1KH0 ARG B 51 ? UNP Q51912 ?   ?   insertion             52 22 
2 1KH0 THR B 53 ? UNP Q51912 ALA 161 'engineered mutation' 54 23 
2 1KH0 ASN B 54 ? UNP Q51912 ASP 162 'engineered mutation' 55 24 
2 1KH0 GLY B 55 ? UNP Q51912 LYS 163 'engineered mutation' 56 25 
2 1KH0 VAL B 56 ? UNP Q51912 GLY 164 'engineered mutation' 57 26 
2 1KH0 ILE B 57 ? UNP Q51912 TYR 165 'engineered mutation' 58 27 
2 1KH0 ILE B 58 ? UNP Q51912 THR 166 'engineered mutation' 59 28 
# 
loop_
_chem_comp.id 
_chem_comp.type 
_chem_comp.mon_nstd_flag 
_chem_comp.name 
_chem_comp.pdbx_synonyms 
_chem_comp.formula 
_chem_comp.formula_weight 
ALA 'L-peptide linking' y ALANINE         ? 'C3 H7 N O2'     89.093  
ARG 'L-peptide linking' y ARGININE        ? 'C6 H15 N4 O2 1' 175.209 
ASN 'L-peptide linking' y ASPARAGINE      ? 'C4 H8 N2 O3'    132.118 
ASP 'L-peptide linking' y 'ASPARTIC ACID' ? 'C4 H7 N O4'     133.103 
GLN 'L-peptide linking' y GLUTAMINE       ? 'C5 H10 N2 O3'   146.144 
GLU 'L-peptide linking' y 'GLUTAMIC ACID' ? 'C5 H9 N O4'     147.129 
GLY 'peptide linking'   y GLYCINE         ? 'C2 H5 N O2'     75.067  
HOH non-polymer         . WATER           ? 'H2 O'           18.015  
ILE 'L-peptide linking' y ISOLEUCINE      ? 'C6 H13 N O2'    131.173 
LEU 'L-peptide linking' y LEUCINE         ? 'C6 H13 N O2'    131.173 
LYS 'L-peptide linking' y LYSINE          ? 'C6 H15 N2 O2 1' 147.195 
PHE 'L-peptide linking' y PHENYLALANINE   ? 'C9 H11 N O2'    165.189 
SER 'L-peptide linking' y SERINE          ? 'C3 H7 N O3'     105.093 
THR 'L-peptide linking' y THREONINE       ? 'C4 H9 N O3'     119.119 
TRP 'L-peptide linking' y TRYPTOPHAN      ? 'C11 H12 N2 O2'  204.225 
TYR 'L-peptide linking' y TYROSINE        ? 'C9 H11 N O3'    181.189 
VAL 'L-peptide linking' y VALINE          ? 'C5 H11 N O2'    117.146 
# 
_exptl.entry_id          1KH0 
_exptl.method            'X-RAY DIFFRACTION' 
_exptl.crystals_number   1 
# 
_exptl_crystal.id                    1 
_exptl_crystal.density_meas          ? 
_exptl_crystal.density_Matthews      2.20 
_exptl_crystal.density_percent_sol   43.74 
_exptl_crystal.description           ? 
# 
_exptl_crystal_grow.crystal_id      1 
_exptl_crystal_grow.method          'VAPOR DIFFUSION, HANGING DROP' 
_exptl_crystal_grow.temp            277 
_exptl_crystal_grow.temp_details    ? 
_exptl_crystal_grow.pH              6.5 
_exptl_crystal_grow.pdbx_details    '1M Sodium Citrate, 100mM Cacodylate, pH 6.5, VAPOR DIFFUSION, HANGING DROP, temperature 277K' 
_exptl_crystal_grow.pdbx_pH_range   . 
# 
_diffrn.id                     1 
_diffrn.ambient_temp           100 
_diffrn.ambient_temp_details   ? 
_diffrn.crystal_id             1 
# 
_diffrn_detector.diffrn_id              1 
_diffrn_detector.detector               'IMAGE PLATE' 
_diffrn_detector.type                   'RIGAKU RAXIS IV' 
_diffrn_detector.pdbx_collection_date   2000-10-22 
_diffrn_detector.details                mirrors 
# 
_diffrn_radiation.diffrn_id                        1 
_diffrn_radiation.wavelength_id                    1 
_diffrn_radiation.pdbx_monochromatic_or_laue_m_l   M 
_diffrn_radiation.monochromator                    'Yale Mirrors' 
_diffrn_radiation.pdbx_diffrn_protocol             'SINGLE WAVELENGTH' 
_diffrn_radiation.pdbx_scattering_type             x-ray 
# 
_diffrn_radiation_wavelength.id           1 
_diffrn_radiation_wavelength.wavelength   1.5418 
_diffrn_radiation_wavelength.wt           1.0 
# 
_diffrn_source.diffrn_id                   1 
_diffrn_source.source                      'ROTATING ANODE' 
_diffrn_source.type                        RIGAKU 
_diffrn_source.pdbx_synchrotron_site       ? 
_diffrn_source.pdbx_synchrotron_beamline   ? 
_diffrn_source.pdbx_wavelength             ? 
_diffrn_source.pdbx_wavelength_list        1.5418 
# 
_reflns.entry_id                     1KH0 
_reflns.observed_criterion_sigma_I   -3 
_reflns.observed_criterion_sigma_F   -3 
_reflns.d_resolution_low             25 
_reflns.d_resolution_high            1.9 
_reflns.number_obs                   11610 
_reflns.number_all                   11610 
_reflns.percent_possible_obs         96.9 
_reflns.pdbx_Rmerge_I_obs            0.0490000 
_reflns.pdbx_Rsym_value              0.0430000 
_reflns.pdbx_netI_over_sigmaI        36.4 
_reflns.B_iso_Wilson_estimate        23.4 
_reflns.pdbx_redundancy              6.9 
_reflns.R_free_details               ? 
_reflns.limit_h_max                  ? 
_reflns.limit_h_min                  ? 
_reflns.limit_k_max                  ? 
_reflns.limit_k_min                  ? 
_reflns.limit_l_max                  ? 
_reflns.limit_l_min                  ? 
_reflns.observed_criterion_F_max     ? 
_reflns.observed_criterion_F_min     ? 
_reflns.pdbx_ordinal                 1 
_reflns.pdbx_diffrn_id               1 
# 
_reflns_shell.d_res_high             1.90 
_reflns_shell.d_res_low              1.96 
_reflns_shell.percent_possible_all   95.1 
_reflns_shell.Rmerge_I_obs           0.2700000 
_reflns_shell.pdbx_Rsym_value        0.2520000 
_reflns_shell.meanI_over_sigI_obs    6.9 
_reflns_shell.pdbx_redundancy        6.8 
_reflns_shell.percent_possible_obs   ? 
_reflns_shell.number_unique_all      923 
_reflns_shell.pdbx_ordinal           1 
_reflns_shell.pdbx_diffrn_id         1 
# 
_refine.entry_id                                 1KH0 
_refine.ls_number_reflns_obs                     11579 
_refine.ls_number_reflns_all                     11579 
_refine.pdbx_ls_sigma_I                          0 
_refine.pdbx_ls_sigma_F                          0 
_refine.pdbx_data_cutoff_high_absF               1027037.39 
_refine.pdbx_data_cutoff_low_absF                0.000000 
_refine.ls_d_res_low                             23.09 
_refine.ls_d_res_high                            1.90 
_refine.ls_percent_reflns_obs                    97.0 
_refine.ls_R_factor_obs                          0.1970000 
_refine.ls_R_factor_all                          ? 
_refine.ls_R_factor_R_work                       0.1970000 
_refine.ls_R_factor_R_free                       0.2270000 
_refine.ls_R_factor_R_free_error                 0.007 
_refine.ls_R_factor_R_free_error_details         ? 
_refine.ls_percent_reflns_R_free                 9.8 
_refine.ls_number_reflns_R_free                  1134 
_refine.ls_number_parameters                     ? 
_refine.ls_number_restraints                     ? 
_refine.occupancy_min                            ? 
_refine.occupancy_max                            ? 
_refine.B_iso_mean                               34.9 
_refine.aniso_B[1][1]                            6.22 
_refine.aniso_B[2][2]                            -3.83 
_refine.aniso_B[3][3]                            -2.39 
_refine.aniso_B[1][2]                            0.00 
_refine.aniso_B[1][3]                            0.00 
_refine.aniso_B[2][3]                            0.00 
_refine.solvent_model_details                    'FLAT MODEL' 
_refine.solvent_model_param_ksol                 0.341182 
_refine.solvent_model_param_bsol                 54.2031 
_refine.pdbx_ls_cross_valid_method               THROUGHOUT 
_refine.details                                  ? 
_refine.pdbx_starting_model                      'PDB ENTRY 1HZ6' 
_refine.pdbx_method_to_determine_struct          'MOLECULAR REPLACEMENT' 
_refine.pdbx_isotropic_thermal_model             RESTRAINED 
_refine.pdbx_stereochemistry_target_values       'Maximum likelihood' 
_refine.pdbx_stereochem_target_val_spec_case     ? 
_refine.pdbx_R_Free_selection_details            RANDOM 
_refine.pdbx_overall_ESU_R_Free                  ? 
_refine.overall_SU_B                             ? 
_refine.ls_redundancy_reflns_obs                 ? 
_refine.B_iso_min                                ? 
_refine.B_iso_max                                ? 
_refine.correlation_coeff_Fo_to_Fc               ? 
_refine.overall_SU_R_Cruickshank_DPI             ? 
_refine.overall_SU_R_free                        ? 
_refine.overall_SU_ML                            ? 
_refine.pdbx_overall_ESU_R                       ? 
_refine.pdbx_data_cutoff_high_rms_absF           ? 
_refine.correlation_coeff_Fo_to_Fc_free          ? 
_refine.pdbx_solvent_vdw_probe_radii             ? 
_refine.pdbx_solvent_ion_probe_radii             ? 
_refine.pdbx_solvent_shrinkage_radii             ? 
_refine.pdbx_refine_id                           'X-RAY DIFFRACTION' 
_refine.pdbx_diffrn_id                           1 
_refine.pdbx_TLS_residual_ADP_flag               ? 
_refine.pdbx_overall_phase_error                 ? 
_refine.pdbx_overall_SU_R_free_Cruickshank_DPI   ? 
_refine.pdbx_overall_SU_R_Blow_DPI               ? 
_refine.pdbx_overall_SU_R_free_Blow_DPI          ? 
# 
_refine_analyze.entry_id                        1KH0 
_refine_analyze.Luzzati_coordinate_error_obs    0.21 
_refine_analyze.Luzzati_sigma_a_obs             0.09 
_refine_analyze.Luzzati_d_res_low_obs           5.00 
_refine_analyze.Luzzati_coordinate_error_free   0.25 
_refine_analyze.Luzzati_sigma_a_free            0.17 
_refine_analyze.Luzzati_d_res_low_free          ? 
_refine_analyze.number_disordered_residues      ? 
_refine_analyze.occupancy_sum_hydrogen          ? 
_refine_analyze.occupancy_sum_non_hydrogen      ? 
_refine_analyze.pdbx_Luzzati_d_res_high_obs     ? 
_refine_analyze.pdbx_refine_id                  'X-RAY DIFFRACTION' 
# 
_refine_hist.pdbx_refine_id                   'X-RAY DIFFRACTION' 
_refine_hist.cycle_id                         LAST 
_refine_hist.pdbx_number_atoms_protein        994 
_refine_hist.pdbx_number_atoms_nucleic_acid   0 
_refine_hist.pdbx_number_atoms_ligand         0 
_refine_hist.number_atoms_solvent             80 
_refine_hist.number_atoms_total               1074 
_refine_hist.d_res_high                       1.90 
_refine_hist.d_res_low                        23.09 
# 
loop_
_refine_ls_restr.type 
_refine_ls_restr.dev_ideal 
_refine_ls_restr.dev_ideal_target 
_refine_ls_restr.weight 
_refine_ls_restr.number 
_refine_ls_restr.pdbx_refine_id 
_refine_ls_restr.pdbx_restraint_function 
c_bond_d                0.009 ?    ? ? 'X-RAY DIFFRACTION' ? 
c_bond_d_na             ?     ?    ? ? 'X-RAY DIFFRACTION' ? 
c_bond_d_prot           ?     ?    ? ? 'X-RAY DIFFRACTION' ? 
c_angle_d               ?     ?    ? ? 'X-RAY DIFFRACTION' ? 
c_angle_d_na            ?     ?    ? ? 'X-RAY DIFFRACTION' ? 
c_angle_d_prot          ?     ?    ? ? 'X-RAY DIFFRACTION' ? 
c_angle_deg             1.5   ?    ? ? 'X-RAY DIFFRACTION' ? 
c_angle_deg_na          ?     ?    ? ? 'X-RAY DIFFRACTION' ? 
c_angle_deg_prot        ?     ?    ? ? 'X-RAY DIFFRACTION' ? 
c_dihedral_angle_d      26.1  ?    ? ? 'X-RAY DIFFRACTION' ? 
c_dihedral_angle_d_na   ?     ?    ? ? 'X-RAY DIFFRACTION' ? 
c_dihedral_angle_d_prot ?     ?    ? ? 'X-RAY DIFFRACTION' ? 
c_improper_angle_d      0.77  ?    ? ? 'X-RAY DIFFRACTION' ? 
c_improper_angle_d_na   ?     ?    ? ? 'X-RAY DIFFRACTION' ? 
c_improper_angle_d_prot ?     ?    ? ? 'X-RAY DIFFRACTION' ? 
c_mcbond_it             1.74  1.50 ? ? 'X-RAY DIFFRACTION' ? 
c_mcangle_it            2.72  2.00 ? ? 'X-RAY DIFFRACTION' ? 
c_scbond_it             3.80  2.00 ? ? 'X-RAY DIFFRACTION' ? 
c_scangle_it            5.19  2.50 ? ? 'X-RAY DIFFRACTION' ? 
# 
_refine_ls_shell.pdbx_total_number_of_bins_used   6 
_refine_ls_shell.d_res_high                       1.90 
_refine_ls_shell.d_res_low                        2.02 
_refine_ls_shell.number_reflns_R_work             1683 
_refine_ls_shell.R_factor_R_work                  0.2080000 
_refine_ls_shell.percent_reflns_obs               95.1 
_refine_ls_shell.R_factor_R_free                  0.2650000 
_refine_ls_shell.R_factor_R_free_error            0.020 
_refine_ls_shell.percent_reflns_R_free            9.2 
_refine_ls_shell.number_reflns_R_free             171 
_refine_ls_shell.number_reflns_obs                1630 
_refine_ls_shell.redundancy_reflns_obs            ? 
_refine_ls_shell.number_reflns_all                ? 
_refine_ls_shell.pdbx_refine_id                   'X-RAY DIFFRACTION' 
_refine_ls_shell.R_factor_all                     ? 
# 
loop_
_pdbx_xplor_file.serial_no 
_pdbx_xplor_file.param_file 
_pdbx_xplor_file.topol_file 
_pdbx_xplor_file.pdbx_refine_id 
1 PROTEIN_REP.PARAM  PROTEIN.TOP 'X-RAY DIFFRACTION' 
2 WATER_REP.PARAM    ?           'X-RAY DIFFRACTION' 
3 CARBOHYDRATE.PARAM ?           'X-RAY DIFFRACTION' 
4 ION.PARAM          ?           'X-RAY DIFFRACTION' 
# 
_struct.entry_id                  1KH0 
_struct.title                     'Accurate Computer Base Design of a New Backbone Conformation in the Second Turn of Protein L' 
_struct.pdbx_model_details        ? 
_struct.pdbx_CASP_flag            ? 
_struct.pdbx_model_type_details   ? 
# 
_struct_keywords.entry_id        1KH0 
_struct_keywords.pdbx_keywords   'PROTEIN BINDING' 
_struct_keywords.text            
;Protein L B1 domain, computational based protein design, Type 1' beta turn, extensive amino acid mutations., PROTEIN BINDING
;
# 
loop_
_struct_asym.id 
_struct_asym.pdbx_blank_PDB_chainid_flag 
_struct_asym.pdbx_modified 
_struct_asym.entity_id 
_struct_asym.details 
A N N 1 ? 
B N N 1 ? 
C N N 2 ? 
D N N 2 ? 
# 
_struct_biol.id   1 
# 
loop_
_struct_conf.conf_type_id 
_struct_conf.id 
_struct_conf.pdbx_PDB_helix_id 
_struct_conf.beg_label_comp_id 
_struct_conf.beg_label_asym_id 
_struct_conf.beg_label_seq_id 
_struct_conf.pdbx_beg_PDB_ins_code 
_struct_conf.end_label_comp_id 
_struct_conf.end_label_asym_id 
_struct_conf.end_label_seq_id 
_struct_conf.pdbx_end_PDB_ins_code 
_struct_conf.beg_auth_comp_id 
_struct_conf.beg_auth_asym_id 
_struct_conf.beg_auth_seq_id 
_struct_conf.end_auth_comp_id 
_struct_conf.end_auth_asym_id 
_struct_conf.end_auth_seq_id 
_struct_conf.pdbx_PDB_helix_class 
_struct_conf.details 
_struct_conf.pdbx_PDB_helix_length 
HELX_P HELX_P1 1 LYS A 25 ? GLY A 44 ? LYS A 26 GLY A 45 1 ? 20 
HELX_P HELX_P2 2 THR B 24 ? GLY B 44 ? THR B 25 GLY B 45 1 ? 21 
# 
_struct_conf_type.id          HELX_P 
_struct_conf_type.criteria    ? 
_struct_conf_type.reference   ? 
# 
loop_
_struct_sheet.id 
_struct_sheet.type 
_struct_sheet.number_strands 
_struct_sheet.details 
A ? 4 ? 
B ? 4 ? 
# 
loop_
_struct_sheet_order.sheet_id 
_struct_sheet_order.range_id_1 
_struct_sheet_order.range_id_2 
_struct_sheet_order.offset 
_struct_sheet_order.sense 
A 1 2 ? anti-parallel 
A 2 3 ? parallel      
A 3 4 ? anti-parallel 
B 1 2 ? anti-parallel 
B 2 3 ? parallel      
B 3 4 ? anti-parallel 
# 
loop_
_struct_sheet_range.sheet_id 
_struct_sheet_range.id 
_struct_sheet_range.beg_label_comp_id 
_struct_sheet_range.beg_label_asym_id 
_struct_sheet_range.beg_label_seq_id 
_struct_sheet_range.pdbx_beg_PDB_ins_code 
_struct_sheet_range.end_label_comp_id 
_struct_sheet_range.end_label_asym_id 
_struct_sheet_range.end_label_seq_id 
_struct_sheet_range.pdbx_end_PDB_ins_code 
_struct_sheet_range.beg_auth_comp_id 
_struct_sheet_range.beg_auth_asym_id 
_struct_sheet_range.beg_auth_seq_id 
_struct_sheet_range.end_auth_comp_id 
_struct_sheet_range.end_auth_asym_id 
_struct_sheet_range.end_auth_seq_id 
A 1 THR A 16 ? THR A 24 ? THR A 17 THR A 25 
A 2 GLU A 2  ? ILE A 10 ? GLU A 3  ILE A 11 
A 3 VAL A 56 ? PHE A 63 ? VAL A 57 PHE A 64 
A 4 TRP A 46 ? THR A 53 ? TRP A 47 THR A 54 
B 1 THR B 16 ? GLY B 23 ? THR B 17 GLY B 24 
B 2 VAL B 3  ? ILE B 10 ? VAL B 4  ILE B 11 
B 3 VAL B 56 ? PHE B 63 ? VAL B 57 PHE B 64 
B 4 TRP B 46 ? THR B 53 ? TRP B 47 THR B 54 
# 
loop_
_pdbx_struct_sheet_hbond.sheet_id 
_pdbx_struct_sheet_hbond.range_id_1 
_pdbx_struct_sheet_hbond.range_id_2 
_pdbx_struct_sheet_hbond.range_1_label_atom_id 
_pdbx_struct_sheet_hbond.range_1_label_comp_id 
_pdbx_struct_sheet_hbond.range_1_label_asym_id 
_pdbx_struct_sheet_hbond.range_1_label_seq_id 
_pdbx_struct_sheet_hbond.range_1_PDB_ins_code 
_pdbx_struct_sheet_hbond.range_1_auth_atom_id 
_pdbx_struct_sheet_hbond.range_1_auth_comp_id 
_pdbx_struct_sheet_hbond.range_1_auth_asym_id 
_pdbx_struct_sheet_hbond.range_1_auth_seq_id 
_pdbx_struct_sheet_hbond.range_2_label_atom_id 
_pdbx_struct_sheet_hbond.range_2_label_comp_id 
_pdbx_struct_sheet_hbond.range_2_label_asym_id 
_pdbx_struct_sheet_hbond.range_2_label_seq_id 
_pdbx_struct_sheet_hbond.range_2_PDB_ins_code 
_pdbx_struct_sheet_hbond.range_2_auth_atom_id 
_pdbx_struct_sheet_hbond.range_2_auth_comp_id 
_pdbx_struct_sheet_hbond.range_2_auth_asym_id 
_pdbx_struct_sheet_hbond.range_2_auth_seq_id 
A 1 2 O GLN A 17 ? O GLN A 18 N LEU A 9  ? N LEU A 10 
A 2 3 N LYS A 6  ? N LYS A 7  O ILE A 57 ? O ILE A 58 
A 3 4 O ILE A 58 ? O ILE A 59 N ARG A 51 ? N ARG A 52 
B 1 2 O GLY B 23 ? O GLY B 24 N VAL B 3  ? N VAL B 4  
B 2 3 N ASN B 8  ? N ASN B 9  O LEU B 59 ? O LEU B 60 
B 3 4 O ILE B 58 ? O ILE B 59 N ARG B 51 ? N ARG B 52 
# 
_atom_sites.entry_id                    1KH0 
_atom_sites.fract_transf_matrix[1][1]   -0.00385083 
_atom_sites.fract_transf_matrix[1][2]   -0.01004787 
_atom_sites.fract_transf_matrix[1][3]   -0.02355009 
_atom_sites.fract_transf_matrix[2][1]   0.00765366 
_atom_sites.fract_transf_matrix[2][2]   0.01449974 
_atom_sites.fract_transf_matrix[2][3]   -0.00743795 
_atom_sites.fract_transf_matrix[3][1]   0.01325064 
_atom_sites.fract_transf_matrix[3][2]   -0.00665027 
_atom_sites.fract_transf_matrix[3][3]   0.00067070 
_atom_sites.fract_transf_vector[1]      0.527883 
_atom_sites.fract_transf_vector[2]      0.663086 
_atom_sites.fract_transf_vector[3]      0.172867 
# 
loop_
_atom_type.symbol 
C 
N 
O 
# 
loop_
_atom_site.group_PDB 
_atom_site.id 
_atom_site.type_symbol 
_atom_site.label_atom_id 
_atom_site.label_alt_id 
_atom_site.label_comp_id 
_atom_site.label_asym_id 
_atom_site.label_entity_id 
_atom_site.label_seq_id 
_atom_site.pdbx_PDB_ins_code 
_atom_site.Cartn_x 
_atom_site.Cartn_y 
_atom_site.Cartn_z 
_atom_site.occupancy 
_atom_site.B_iso_or_equiv 
_atom_site.pdbx_formal_charge 
_atom_site.auth_seq_id 
_atom_site.auth_comp_id 
_atom_site.auth_asym_id 
_atom_site.auth_atom_id 
_atom_site.pdbx_PDB_model_num 
ATOM   1    N N   . GLU A 1 1  ? 17.112  -3.664  11.814  1.00 56.49 ? 2    GLU A N   1 
ATOM   2    C CA  . GLU A 1 1  ? 17.445  -2.513  12.704  1.00 55.16 ? 2    GLU A CA  1 
ATOM   3    C C   . GLU A 1 1  ? 17.368  -1.209  11.916  1.00 52.97 ? 2    GLU A C   1 
ATOM   4    O O   . GLU A 1 1  ? 16.630  -0.307  12.300  1.00 53.48 ? 2    GLU A O   1 
ATOM   5    C CB  . GLU A 1 1  ? 18.849  -2.686  13.292  1.00 56.71 ? 2    GLU A CB  1 
ATOM   6    C CG  . GLU A 1 1  ? 19.213  -1.684  14.383  1.00 59.96 ? 2    GLU A CG  1 
ATOM   7    C CD  . GLU A 1 1  ? 18.386  -1.848  15.656  1.00 62.66 ? 2    GLU A CD  1 
ATOM   8    O OE1 . GLU A 1 1  ? 17.135  -1.869  15.569  1.00 63.95 ? 2    GLU A OE1 1 
ATOM   9    O OE2 . GLU A 1 1  ? 18.994  -1.943  16.748  1.00 63.11 ? 2    GLU A OE2 1 
ATOM   10   N N   . GLU A 1 2  ? 18.122  -1.114  10.821  1.00 50.27 ? 3    GLU A N   1 
ATOM   11   C CA  . GLU A 1 2  ? 18.124  0.088   9.983   1.00 48.95 ? 3    GLU A CA  1 
ATOM   12   C C   . GLU A 1 2  ? 16.858  0.141   9.136   1.00 45.55 ? 3    GLU A C   1 
ATOM   13   O O   . GLU A 1 2  ? 16.585  -0.780  8.368   1.00 45.07 ? 3    GLU A O   1 
ATOM   14   C CB  . GLU A 1 2  ? 19.337  0.102   9.054   1.00 51.87 ? 3    GLU A CB  1 
ATOM   15   C CG  . GLU A 1 2  ? 19.479  1.412   8.283   1.00 56.79 ? 3    GLU A CG  1 
ATOM   16   C CD  . GLU A 1 2  ? 20.554  2.328   8.859   1.00 59.41 ? 3    GLU A CD  1 
ATOM   17   O OE1 . GLU A 1 2  ? 20.789  2.277   10.089  1.00 60.33 ? 3    GLU A OE1 1 
ATOM   18   O OE2 . GLU A 1 2  ? 21.153  3.109   8.077   1.00 60.34 ? 3    GLU A OE2 1 
ATOM   19   N N   . VAL A 1 3  ? 16.099  1.229   9.262   1.00 40.67 ? 4    VAL A N   1 
ATOM   20   C CA  . VAL A 1 3  ? 14.848  1.382   8.531   1.00 37.10 ? 4    VAL A CA  1 
ATOM   21   C C   . VAL A 1 3  ? 14.675  2.747   7.881   1.00 34.84 ? 4    VAL A C   1 
ATOM   22   O O   . VAL A 1 3  ? 15.373  3.702   8.224   1.00 32.26 ? 4    VAL A O   1 
ATOM   23   C CB  . VAL A 1 3  ? 13.630  1.174   9.472   1.00 38.49 ? 4    VAL A CB  1 
ATOM   24   C CG1 . VAL A 1 3  ? 13.598  -0.253  9.981   1.00 39.57 ? 4    VAL A CG1 1 
ATOM   25   C CG2 . VAL A 1 3  ? 13.697  2.152   10.649  1.00 38.08 ? 4    VAL A CG2 1 
ATOM   26   N N   . THR A 1 4  ? 13.735  2.824   6.942   1.00 31.85 ? 5    THR A N   1 
ATOM   27   C CA  . THR A 1 4  ? 13.398  4.070   6.268   1.00 31.00 ? 5    THR A CA  1 
ATOM   28   C C   . THR A 1 4  ? 12.008  4.452   6.772   1.00 30.96 ? 5    THR A C   1 
ATOM   29   O O   . THR A 1 4  ? 11.101  3.624   6.763   1.00 30.13 ? 5    THR A O   1 
ATOM   30   C CB  . THR A 1 4  ? 13.344  3.902   4.723   1.00 33.29 ? 5    THR A CB  1 
ATOM   31   O OG1 . THR A 1 4  ? 14.660  3.646   4.223   1.00 34.51 ? 5    THR A OG1 1 
ATOM   32   C CG2 . THR A 1 4  ? 12.816  5.167   4.059   1.00 34.25 ? 5    THR A CG2 1 
ATOM   33   N N   . ILE A 1 5  ? 11.853  5.693   7.237   1.00 28.46 ? 6    ILE A N   1 
ATOM   34   C CA  . ILE A 1 5  ? 10.577  6.182   7.731   1.00 27.89 ? 6    ILE A CA  1 
ATOM   35   C C   . ILE A 1 5  ? 10.166  7.314   6.824   1.00 27.62 ? 6    ILE A C   1 
ATOM   36   O O   . ILE A 1 5  ? 10.946  8.246   6.572   1.00 28.50 ? 6    ILE A O   1 
ATOM   37   C CB  . ILE A 1 5  ? 10.676  6.748   9.159   1.00 30.02 ? 6    ILE A CB  1 
ATOM   38   C CG1 . ILE A 1 5  ? 11.056  5.639   10.141  1.00 31.27 ? 6    ILE A CG1 1 
ATOM   39   C CG2 . ILE A 1 5  ? 9.330   7.384   9.561   1.00 28.30 ? 6    ILE A CG2 1 
ATOM   40   C CD1 . ILE A 1 5  ? 11.217  6.122   11.592  1.00 33.99 ? 6    ILE A CD1 1 
ATOM   41   N N   . LYS A 1 6  ? 8.954   7.220   6.305   1.00 25.86 ? 7    LYS A N   1 
ATOM   42   C CA  . LYS A 1 6  ? 8.420   8.247   5.437   1.00 26.19 ? 7    LYS A CA  1 
ATOM   43   C C   . LYS A 1 6  ? 7.352   8.937   6.264   1.00 27.46 ? 7    LYS A C   1 
ATOM   44   O O   . LYS A 1 6  ? 6.391   8.286   6.707   1.00 26.98 ? 7    LYS A O   1 
ATOM   45   C CB  . LYS A 1 6  ? 7.788   7.609   4.205   1.00 30.71 ? 7    LYS A CB  1 
ATOM   46   C CG  . LYS A 1 6  ? 7.462   8.567   3.087   1.00 39.70 ? 7    LYS A CG  1 
ATOM   47   C CD  . LYS A 1 6  ? 8.377   8.303   1.879   1.00 46.02 ? 7    LYS A CD  1 
ATOM   48   C CE  . LYS A 1 6  ? 8.333   6.829   1.451   1.00 47.93 ? 7    LYS A CE  1 
ATOM   49   N NZ  . LYS A 1 6  ? 9.306   6.505   0.354   1.00 51.35 ? 7    LYS A NZ  1 
ATOM   50   N N   . ALA A 1 7  ? 7.516   10.238  6.487   1.00 24.60 ? 8    ALA A N   1 
ATOM   51   C CA  . ALA A 1 7  ? 6.552   10.992  7.288   1.00 24.81 ? 8    ALA A CA  1 
ATOM   52   C C   . ALA A 1 7  ? 5.725   11.925  6.436   1.00 26.43 ? 8    ALA A C   1 
ATOM   53   O O   . ALA A 1 7  ? 6.275   12.821  5.794   1.00 28.64 ? 8    ALA A O   1 
ATOM   54   C CB  . ALA A 1 7  ? 7.269   11.811  8.347   1.00 24.73 ? 8    ALA A CB  1 
ATOM   55   N N   . ASN A 1 8  ? 4.413   11.714  6.427   1.00 23.62 ? 9    ASN A N   1 
ATOM   56   C CA  . ASN A 1 8  ? 3.506   12.595  5.704   1.00 26.04 ? 9    ASN A CA  1 
ATOM   57   C C   . ASN A 1 8  ? 2.956   13.549  6.729   1.00 26.78 ? 9    ASN A C   1 
ATOM   58   O O   . ASN A 1 8  ? 2.258   13.126  7.658   1.00 26.56 ? 9    ASN A O   1 
ATOM   59   C CB  . ASN A 1 8  ? 2.351   11.812  5.090   1.00 27.28 ? 9    ASN A CB  1 
ATOM   60   C CG  . ASN A 1 8  ? 2.826   10.839  4.058   1.00 31.72 ? 9    ASN A CG  1 
ATOM   61   O OD1 . ASN A 1 8  ? 3.553   11.220  3.135   1.00 32.99 ? 9    ASN A OD1 1 
ATOM   62   N ND2 . ASN A 1 8  ? 2.452   9.575   4.210   1.00 29.41 ? 9    ASN A ND2 1 
ATOM   63   N N   . LEU A 1 9  ? 3.271   14.825  6.552   1.00 25.56 ? 10   LEU A N   1 
ATOM   64   C CA  . LEU A 1 9  ? 2.837   15.873  7.453   1.00 27.04 ? 10   LEU A CA  1 
ATOM   65   C C   . LEU A 1 9  ? 1.592   16.483  6.832   1.00 27.94 ? 10   LEU A C   1 
ATOM   66   O O   . LEU A 1 9  ? 1.658   17.169  5.801   1.00 28.01 ? 10   LEU A O   1 
ATOM   67   C CB  . LEU A 1 9  ? 3.940   16.918  7.597   1.00 29.42 ? 10   LEU A CB  1 
ATOM   68   C CG  . LEU A 1 9  ? 5.268   16.302  8.079   1.00 31.51 ? 10   LEU A CG  1 
ATOM   69   C CD1 . LEU A 1 9  ? 6.412   17.259  7.827   1.00 35.66 ? 10   LEU A CD1 1 
ATOM   70   C CD2 . LEU A 1 9  ? 5.165   15.987  9.547   1.00 33.98 ? 10   LEU A CD2 1 
ATOM   71   N N   . ILE A 1 10 ? 0.457   16.211  7.460   1.00 26.81 ? 11   ILE A N   1 
ATOM   72   C CA  . ILE A 1 10 ? -0.826  16.693  6.970   1.00 24.41 ? 11   ILE A CA  1 
ATOM   73   C C   . ILE A 1 10 ? -1.309  17.843  7.845   1.00 25.96 ? 11   ILE A C   1 
ATOM   74   O O   . ILE A 1 10 ? -1.661  17.637  9.007   1.00 26.04 ? 11   ILE A O   1 
ATOM   75   C CB  . ILE A 1 10 ? -1.822  15.524  6.970   1.00 28.10 ? 11   ILE A CB  1 
ATOM   76   C CG1 . ILE A 1 10 ? -1.214  14.365  6.164   1.00 29.02 ? 11   ILE A CG1 1 
ATOM   77   C CG2 . ILE A 1 10 ? -3.158  15.951  6.336   1.00 28.24 ? 11   ILE A CG2 1 
ATOM   78   C CD1 . ILE A 1 10 ? -1.836  12.990  6.436   1.00 31.61 ? 11   ILE A CD1 1 
ATOM   79   N N   . PHE A 1 11 ? -1.324  19.052  7.280   1.00 25.29 ? 12   PHE A N   1 
ATOM   80   C CA  . PHE A 1 11 ? -1.758  20.248  7.996   1.00 26.24 ? 12   PHE A CA  1 
ATOM   81   C C   . PHE A 1 11 ? -3.243  20.530  7.774   1.00 26.53 ? 12   PHE A C   1 
ATOM   82   O O   . PHE A 1 11 ? -3.805  20.146  6.749   1.00 27.73 ? 12   PHE A O   1 
ATOM   83   C CB  . PHE A 1 11 ? -0.896  21.437  7.564   1.00 27.99 ? 12   PHE A CB  1 
ATOM   84   C CG  . PHE A 1 11 ? 0.567   21.223  7.830   1.00 31.02 ? 12   PHE A CG  1 
ATOM   85   C CD1 . PHE A 1 11 ? 1.041   21.149  9.140   1.00 31.79 ? 12   PHE A CD1 1 
ATOM   86   C CD2 . PHE A 1 11 ? 1.460   21.027  6.781   1.00 32.66 ? 12   PHE A CD2 1 
ATOM   87   C CE1 . PHE A 1 11 ? 2.397   20.879  9.404   1.00 31.84 ? 12   PHE A CE1 1 
ATOM   88   C CE2 . PHE A 1 11 ? 2.815   20.758  7.035   1.00 34.99 ? 12   PHE A CE2 1 
ATOM   89   C CZ  . PHE A 1 11 ? 3.279   20.686  8.357   1.00 32.66 ? 12   PHE A CZ  1 
ATOM   90   N N   . ALA A 1 12 ? -3.851  21.204  8.749   1.00 26.62 ? 13   ALA A N   1 
ATOM   91   C CA  . ALA A 1 12 ? -5.280  21.511  8.747   1.00 29.35 ? 13   ALA A CA  1 
ATOM   92   C C   . ALA A 1 12 ? -5.720  22.527  7.692   1.00 30.39 ? 13   ALA A C   1 
ATOM   93   O O   . ALA A 1 12 ? -6.926  22.663  7.414   1.00 30.80 ? 13   ALA A O   1 
ATOM   94   C CB  . ALA A 1 12 ? -5.696  21.993  10.132  1.00 28.86 ? 13   ALA A CB  1 
ATOM   95   N N   . ASN A 1 13 ? -4.756  23.232  7.112   1.00 29.71 ? 14   ASN A N   1 
ATOM   96   C CA  . ASN A 1 13 ? -5.069  24.223  6.091   1.00 32.22 ? 14   ASN A CA  1 
ATOM   97   C C   . ASN A 1 13 ? -5.123  23.567  4.715   1.00 30.87 ? 14   ASN A C   1 
ATOM   98   O O   . ASN A 1 13 ? -5.343  24.238  3.710   1.00 31.86 ? 14   ASN A O   1 
ATOM   99   C CB  . ASN A 1 13 ? -4.032  25.349  6.117   1.00 33.25 ? 14   ASN A CB  1 
ATOM   100  C CG  . ASN A 1 13 ? -2.691  24.942  5.515   1.00 36.23 ? 14   ASN A CG  1 
ATOM   101  O OD1 . ASN A 1 13 ? -2.309  23.771  5.516   1.00 33.58 ? 14   ASN A OD1 1 
ATOM   102  N ND2 . ASN A 1 13 ? -1.963  25.932  5.001   1.00 40.85 ? 14   ASN A ND2 1 
ATOM   103  N N   . GLY A 1 14 ? -4.902  22.250  4.685   1.00 29.82 ? 15   GLY A N   1 
ATOM   104  C CA  . GLY A 1 14 ? -4.953  21.516  3.440   1.00 29.71 ? 15   GLY A CA  1 
ATOM   105  C C   . GLY A 1 14 ? -3.611  21.217  2.794   1.00 31.22 ? 15   GLY A C   1 
ATOM   106  O O   . GLY A 1 14 ? -3.568  20.453  1.842   1.00 31.86 ? 15   GLY A O   1 
ATOM   107  N N   . SER A 1 15 ? -2.528  21.826  3.264   1.00 29.26 ? 16   SER A N   1 
ATOM   108  C CA  . SER A 1 15 ? -1.232  21.530  2.663   1.00 31.67 ? 16   SER A CA  1 
ATOM   109  C C   . SER A 1 15 ? -0.623  20.286  3.314   1.00 32.37 ? 16   SER A C   1 
ATOM   110  O O   . SER A 1 15 ? -0.981  19.911  4.428   1.00 30.12 ? 16   SER A O   1 
ATOM   111  C CB  . SER A 1 15 ? -0.274  22.714  2.817   1.00 33.04 ? 16   SER A CB  1 
ATOM   112  O OG  . SER A 1 15 ? -0.014  22.980  4.175   1.00 35.14 ? 16   SER A OG  1 
ATOM   113  N N   . THR A 1 16 ? 0.275   19.627  2.594   1.00 33.12 ? 17   THR A N   1 
ATOM   114  C CA  . THR A 1 16 ? 0.934   18.447  3.116   1.00 34.04 ? 17   THR A CA  1 
ATOM   115  C C   . THR A 1 16 ? 2.378   18.486  2.662   1.00 35.88 ? 17   THR A C   1 
ATOM   116  O O   . THR A 1 16 ? 2.692   18.978  1.572   1.00 35.51 ? 17   THR A O   1 
ATOM   117  C CB  . THR A 1 16 ? 0.316   17.150  2.576   1.00 36.13 ? 17   THR A CB  1 
ATOM   118  O OG1 . THR A 1 16 ? 0.378   17.164  1.145   1.00 42.40 ? 17   THR A OG1 1 
ATOM   119  C CG2 . THR A 1 16 ? -1.129  17.011  3.009   1.00 38.03 ? 17   THR A CG2 1 
ATOM   120  N N   . GLN A 1 17 ? 3.275   18.018  3.512   1.00 34.79 ? 18   GLN A N   1 
ATOM   121  C CA  . GLN A 1 17 ? 4.664   17.955  3.106   1.00 34.12 ? 18   GLN A CA  1 
ATOM   122  C C   . GLN A 1 17 ? 5.162   16.595  3.567   1.00 33.71 ? 18   GLN A C   1 
ATOM   123  O O   . GLN A 1 17 ? 4.549   15.964  4.441   1.00 33.01 ? 18   GLN A O   1 
ATOM   124  C CB  . GLN A 1 17 ? 5.473   19.116  3.687   1.00 36.94 ? 18   GLN A CB  1 
ATOM   125  C CG  . GLN A 1 17 ? 5.880   19.029  5.126   1.00 44.13 ? 18   GLN A CG  1 
ATOM   126  C CD  . GLN A 1 17 ? 6.839   20.160  5.505   1.00 49.95 ? 18   GLN A CD  1 
ATOM   127  O OE1 . GLN A 1 17 ? 6.488   21.345  5.413   1.00 52.29 ? 18   GLN A OE1 1 
ATOM   128  N NE2 . GLN A 1 17 ? 8.061   19.800  5.923   1.00 52.55 ? 18   GLN A NE2 1 
ATOM   129  N N   . THR A 1 18 ? 6.230   16.110  2.943   1.00 30.28 ? 19   THR A N   1 
ATOM   130  C CA  . THR A 1 18 ? 6.770   14.811  3.305   1.00 31.79 ? 19   THR A CA  1 
ATOM   131  C C   . THR A 1 18 ? 8.251   14.948  3.628   1.00 32.30 ? 19   THR A C   1 
ATOM   132  O O   . THR A 1 18 ? 8.951   15.817  3.098   1.00 32.92 ? 19   THR A O   1 
ATOM   133  C CB  . THR A 1 18 ? 6.606   13.795  2.158   1.00 34.63 ? 19   THR A CB  1 
ATOM   134  O OG1 . THR A 1 18 ? 7.357   14.246  1.024   1.00 41.65 ? 19   THR A OG1 1 
ATOM   135  C CG2 . THR A 1 18 ? 5.132   13.659  1.756   1.00 36.83 ? 19   THR A CG2 1 
ATOM   136  N N   . ALA A 1 19 ? 8.717   14.107  4.536   1.00 29.33 ? 20   ALA A N   1 
ATOM   137  C CA  . ALA A 1 19 ? 10.118  14.117  4.923   1.00 28.81 ? 20   ALA A CA  1 
ATOM   138  C C   . ALA A 1 19 ? 10.456  12.646  5.047   1.00 28.07 ? 20   ALA A C   1 
ATOM   139  O O   . ALA A 1 19 ? 9.586   11.832  5.354   1.00 26.20 ? 20   ALA A O   1 
ATOM   140  C CB  . ALA A 1 19 ? 10.295  14.831  6.268   1.00 28.15 ? 20   ALA A CB  1 
ATOM   141  N N   . GLU A 1 20 ? 11.712  12.301  4.799   1.00 26.41 ? 21   GLU A N   1 
ATOM   142  C CA  . GLU A 1 20 ? 12.133  10.913  4.889   1.00 26.12 ? 21   GLU A CA  1 
ATOM   143  C C   . GLU A 1 20 ? 13.353  10.826  5.802   1.00 25.70 ? 21   GLU A C   1 
ATOM   144  O O   . GLU A 1 20 ? 14.226  11.695  5.754   1.00 24.02 ? 21   GLU A O   1 
ATOM   145  C CB  . GLU A 1 20 ? 12.457  10.402  3.492   1.00 27.92 ? 21   GLU A CB  1 
ATOM   146  C CG  . GLU A 1 20 ? 13.011  9.007   3.463   1.00 36.79 ? 21   GLU A CG  1 
ATOM   147  C CD  . GLU A 1 20 ? 13.163  8.504   2.038   1.00 41.39 ? 21   GLU A CD  1 
ATOM   148  O OE1 . GLU A 1 20 ? 12.129  8.396   1.341   1.00 42.96 ? 21   GLU A OE1 1 
ATOM   149  O OE2 . GLU A 1 20 ? 14.316  8.238   1.623   1.00 45.82 ? 21   GLU A OE2 1 
ATOM   150  N N   . PHE A 1 21 ? 13.377  9.793   6.635   1.00 22.88 ? 22   PHE A N   1 
ATOM   151  C CA  . PHE A 1 21 ? 14.450  9.580   7.604   1.00 24.72 ? 22   PHE A CA  1 
ATOM   152  C C   . PHE A 1 21 ? 14.915  8.129   7.550   1.00 26.90 ? 22   PHE A C   1 
ATOM   153  O O   . PHE A 1 21 ? 14.105  7.223   7.359   1.00 28.23 ? 22   PHE A O   1 
ATOM   154  C CB  . PHE A 1 21 ? 13.925  9.854   9.018   1.00 24.02 ? 22   PHE A CB  1 
ATOM   155  C CG  . PHE A 1 21 ? 13.258  11.191  9.176   1.00 26.22 ? 22   PHE A CG  1 
ATOM   156  C CD1 . PHE A 1 21 ? 11.912  11.348  8.895   1.00 27.30 ? 22   PHE A CD1 1 
ATOM   157  C CD2 . PHE A 1 21 ? 13.982  12.296  9.606   1.00 27.82 ? 22   PHE A CD2 1 
ATOM   158  C CE1 . PHE A 1 21 ? 11.296  12.595  9.043   1.00 29.83 ? 22   PHE A CE1 1 
ATOM   159  C CE2 . PHE A 1 21 ? 13.377  13.540  9.755   1.00 29.01 ? 22   PHE A CE2 1 
ATOM   160  C CZ  . PHE A 1 21 ? 12.033  13.689  9.474   1.00 29.12 ? 22   PHE A CZ  1 
ATOM   161  N N   . LYS A 1 22 ? 16.214  7.902   7.716   1.00 27.17 ? 23   LYS A N   1 
ATOM   162  C CA  . LYS A 1 22 ? 16.744  6.546   7.738   1.00 29.02 ? 23   LYS A CA  1 
ATOM   163  C C   . LYS A 1 22 ? 17.704  6.445   8.905   1.00 29.92 ? 23   LYS A C   1 
ATOM   164  O O   . LYS A 1 22 ? 18.526  7.339   9.121   1.00 27.80 ? 23   LYS A O   1 
ATOM   165  C CB  . LYS A 1 22 ? 17.462  6.205   6.429   1.00 31.87 ? 23   LYS A CB  1 
ATOM   166  C CG  . LYS A 1 22 ? 16.531  6.182   5.224   1.00 37.71 ? 23   LYS A CG  1 
ATOM   167  C CD  . LYS A 1 22 ? 17.193  5.575   3.986   1.00 44.29 ? 23   LYS A CD  1 
ATOM   168  C CE  . LYS A 1 22 ? 18.234  6.500   3.367   1.00 45.88 ? 23   LYS A CE  1 
ATOM   169  N NZ  . LYS A 1 22 ? 18.865  5.855   2.172   1.00 50.07 ? 23   LYS A NZ  1 
ATOM   170  N N   . GLY A 1 23 ? 17.569  5.365   9.672   1.00 29.63 ? 24   GLY A N   1 
ATOM   171  C CA  . GLY A 1 23 ? 18.428  5.127   10.826  1.00 30.30 ? 24   GLY A CA  1 
ATOM   172  C C   . GLY A 1 23 ? 17.943  3.874   11.531  1.00 31.46 ? 24   GLY A C   1 
ATOM   173  O O   . GLY A 1 23 ? 17.098  3.164   10.992  1.00 31.37 ? 24   GLY A O   1 
ATOM   174  N N   . THR A 1 24 ? 18.457  3.593   12.719  1.00 32.12 ? 25   THR A N   1 
ATOM   175  C CA  . THR A 1 24 ? 18.022  2.415   13.448  1.00 34.34 ? 25   THR A CA  1 
ATOM   176  C C   . THR A 1 24 ? 16.601  2.673   13.956  1.00 34.85 ? 25   THR A C   1 
ATOM   177  O O   . THR A 1 24 ? 16.284  3.756   14.455  1.00 30.87 ? 25   THR A O   1 
ATOM   178  C CB  . THR A 1 24 ? 18.993  2.089   14.600  1.00 36.42 ? 25   THR A CB  1 
ATOM   179  O OG1 . THR A 1 24 ? 19.087  3.204   15.491  1.00 41.33 ? 25   THR A OG1 1 
ATOM   180  C CG2 . THR A 1 24 ? 20.382  1.798   14.032  1.00 39.82 ? 25   THR A CG2 1 
ATOM   181  N N   . LYS A 1 25 ? 15.752  1.661   13.812  1.00 34.63 ? 26   LYS A N   1 
ATOM   182  C CA  . LYS A 1 25 ? 14.340  1.748   14.156  1.00 35.93 ? 26   LYS A CA  1 
ATOM   183  C C   . LYS A 1 25 ? 13.934  2.483   15.437  1.00 34.44 ? 26   LYS A C   1 
ATOM   184  O O   . LYS A 1 25 ? 13.160  3.445   15.373  1.00 31.50 ? 26   LYS A O   1 
ATOM   185  C CB  . LYS A 1 25 ? 13.726  0.342   14.156  1.00 38.77 ? 26   LYS A CB  1 
ATOM   186  C CG  . LYS A 1 25 ? 12.210  0.335   14.280  1.00 41.61 ? 26   LYS A CG  1 
ATOM   187  C CD  . LYS A 1 25 ? 11.668  -1.099  14.306  1.00 44.56 ? 26   LYS A CD  1 
ATOM   188  C CE  . LYS A 1 25 ? 10.172  -1.113  14.617  1.00 48.22 ? 26   LYS A CE  1 
ATOM   189  N NZ  . LYS A 1 25 ? 9.573   -2.489  14.575  1.00 48.97 ? 26   LYS A NZ  1 
ATOM   190  N N   . GLU A 1 26 ? 14.438  2.035   16.583  1.00 32.14 ? 27   GLU A N   1 
ATOM   191  C CA  . GLU A 1 26 ? 14.089  2.635   17.868  1.00 33.96 ? 27   GLU A CA  1 
ATOM   192  C C   . GLU A 1 26 ? 14.384  4.111   17.941  1.00 32.39 ? 27   GLU A C   1 
ATOM   193  O O   . GLU A 1 26 ? 13.517  4.917   18.280  1.00 32.85 ? 27   GLU A O   1 
ATOM   194  C CB  . GLU A 1 26 ? 14.836  1.940   19.011  1.00 37.59 ? 27   GLU A CB  1 
ATOM   195  C CG  . GLU A 1 26 ? 14.032  0.825   19.662  1.00 46.05 ? 27   GLU A CG  1 
ATOM   196  C CD  . GLU A 1 26 ? 14.805  0.091   20.754  1.00 49.52 ? 27   GLU A CD  1 
ATOM   197  O OE1 . GLU A 1 26 ? 15.842  0.622   21.234  1.00 49.71 ? 27   GLU A OE1 1 
ATOM   198  O OE2 . GLU A 1 26 ? 14.367  -1.022  21.137  1.00 52.83 ? 27   GLU A OE2 1 
ATOM   199  N N   . LYS A 1 27 ? 15.618  4.457   17.614  1.00 31.93 ? 28   LYS A N   1 
ATOM   200  C CA  . LYS A 1 27 ? 16.060  5.833   17.665  1.00 32.43 ? 28   LYS A CA  1 
ATOM   201  C C   . LYS A 1 27 ? 15.347  6.718   16.645  1.00 30.16 ? 28   LYS A C   1 
ATOM   202  O O   . LYS A 1 27 ? 14.871  7.800   16.985  1.00 29.13 ? 28   LYS A O   1 
ATOM   203  C CB  . LYS A 1 27 ? 17.581  5.878   17.463  1.00 34.28 ? 28   LYS A CB  1 
ATOM   204  C CG  . LYS A 1 27 ? 18.221  7.240   17.673  1.00 40.22 ? 28   LYS A CG  1 
ATOM   205  C CD  . LYS A 1 27 ? 19.737  7.081   17.831  1.00 44.55 ? 28   LYS A CD  1 
ATOM   206  C CE  . LYS A 1 27 ? 20.519  8.149   17.073  1.00 46.17 ? 28   LYS A CE  1 
ATOM   207  N NZ  . LYS A 1 27 ? 20.316  9.531   17.585  1.00 48.27 ? 28   LYS A NZ  1 
ATOM   208  N N   . ALA A 1 28 ? 15.243  6.251   15.405  1.00 27.39 ? 29   ALA A N   1 
ATOM   209  C CA  . ALA A 1 28 ? 14.598  7.041   14.362  1.00 28.10 ? 29   ALA A CA  1 
ATOM   210  C C   . ALA A 1 28 ? 13.153  7.430   14.673  1.00 28.10 ? 29   ALA A C   1 
ATOM   211  O O   . ALA A 1 28 ? 12.764  8.582   14.467  1.00 26.47 ? 29   ALA A O   1 
ATOM   212  C CB  . ALA A 1 28 ? 14.666  6.294   13.024  1.00 27.74 ? 29   ALA A CB  1 
ATOM   213  N N   . LEU A 1 29 ? 12.357  6.478   15.159  1.00 26.88 ? 30   LEU A N   1 
ATOM   214  C CA  . LEU A 1 29 ? 10.952  6.757   15.480  1.00 29.40 ? 30   LEU A CA  1 
ATOM   215  C C   . LEU A 1 29 ? 10.830  7.808   16.570  1.00 27.57 ? 30   LEU A C   1 
ATOM   216  O O   . LEU A 1 29 ? 10.023  8.735   16.479  1.00 26.41 ? 30   LEU A O   1 
ATOM   217  C CB  . LEU A 1 29 ? 10.244  5.486   15.951  1.00 32.99 ? 30   LEU A CB  1 
ATOM   218  C CG  . LEU A 1 29 ? 9.641   4.588   14.880  1.00 36.22 ? 30   LEU A CG  1 
ATOM   219  C CD1 . LEU A 1 29 ? 9.206   3.273   15.529  1.00 40.82 ? 30   LEU A CD1 1 
ATOM   220  C CD2 . LEU A 1 29 ? 8.448   5.287   14.238  1.00 37.92 ? 30   LEU A CD2 1 
ATOM   221  N N   . SER A 1 30 ? 11.620  7.642   17.620  1.00 24.60 ? 31   SER A N   1 
ATOM   222  C CA  . SER A 1 30 ? 11.606  8.588   18.715  1.00 25.39 ? 31   SER A CA  1 
ATOM   223  C C   . SER A 1 30 ? 11.968  9.991   18.212  1.00 24.18 ? 31   SER A C   1 
ATOM   224  O O   . SER A 1 30 ? 11.362  10.990  18.618  1.00 22.08 ? 31   SER A O   1 
ATOM   225  C CB  . SER A 1 30 ? 12.606  8.134   19.783  1.00 27.87 ? 31   SER A CB  1 
ATOM   226  O OG  . SER A 1 30 ? 12.660  9.062   20.840  1.00 32.90 ? 31   SER A OG  1 
ATOM   227  N N   . GLU A 1 31 ? 12.966  10.061  17.331  1.00 24.25 ? 32   GLU A N   1 
ATOM   228  C CA  . GLU A 1 31 ? 13.424  11.334  16.783  1.00 23.40 ? 32   GLU A CA  1 
ATOM   229  C C   . GLU A 1 31 ? 12.380  12.028  15.922  1.00 23.14 ? 32   GLU A C   1 
ATOM   230  O O   . GLU A 1 31 ? 12.223  13.258  15.984  1.00 22.31 ? 32   GLU A O   1 
ATOM   231  C CB  . GLU A 1 31 ? 14.703  11.117  15.969  1.00 26.95 ? 32   GLU A CB  1 
ATOM   232  C CG  . GLU A 1 31 ? 15.928  10.846  16.859  1.00 30.67 ? 32   GLU A CG  1 
ATOM   233  C CD  . GLU A 1 31 ? 17.138  10.330  16.080  1.00 32.44 ? 32   GLU A CD  1 
ATOM   234  O OE1 . GLU A 1 31 ? 17.039  10.092  14.865  1.00 34.37 ? 32   GLU A OE1 1 
ATOM   235  O OE2 . GLU A 1 31 ? 18.197  10.157  16.697  1.00 35.46 ? 32   GLU A OE2 1 
ATOM   236  N N   . VAL A 1 32 ? 11.660  11.249  15.118  1.00 23.68 ? 33   VAL A N   1 
ATOM   237  C CA  . VAL A 1 32 ? 10.634  11.839  14.276  1.00 23.84 ? 33   VAL A CA  1 
ATOM   238  C C   . VAL A 1 32 ? 9.517   12.387  15.164  1.00 24.87 ? 33   VAL A C   1 
ATOM   239  O O   . VAL A 1 32 ? 8.991   13.470  14.907  1.00 26.88 ? 33   VAL A O   1 
ATOM   240  C CB  . VAL A 1 32 ? 10.063  10.814  13.271  1.00 26.18 ? 33   VAL A CB  1 
ATOM   241  C CG1 . VAL A 1 32 ? 8.875   11.421  12.543  1.00 28.44 ? 33   VAL A CG1 1 
ATOM   242  C CG2 . VAL A 1 32 ? 11.135  10.420  12.268  1.00 27.98 ? 33   VAL A CG2 1 
ATOM   243  N N   . LEU A 1 33 ? 9.144   11.673  16.219  1.00 23.51 ? 34   LEU A N   1 
ATOM   244  C CA  . LEU A 1 33 ? 8.086   12.212  17.093  1.00 23.56 ? 34   LEU A CA  1 
ATOM   245  C C   . LEU A 1 33 ? 8.522   13.513  17.774  1.00 23.95 ? 34   LEU A C   1 
ATOM   246  O O   . LEU A 1 33 ? 7.708   14.428  17.952  1.00 23.89 ? 34   LEU A O   1 
ATOM   247  C CB  . LEU A 1 33 ? 7.668   11.197  18.162  1.00 26.24 ? 34   LEU A CB  1 
ATOM   248  C CG  . LEU A 1 33 ? 6.447   10.323  17.841  1.00 31.31 ? 34   LEU A CG  1 
ATOM   249  C CD1 . LEU A 1 33 ? 6.649   9.612   16.543  1.00 32.52 ? 34   LEU A CD1 1 
ATOM   250  C CD2 . LEU A 1 33 ? 6.237   9.321   18.970  1.00 34.09 ? 34   LEU A CD2 1 
ATOM   251  N N   . ALA A 1 34 ? 9.793   13.594  18.173  1.00 24.06 ? 35   ALA A N   1 
ATOM   252  C CA  . ALA A 1 34 ? 10.302  14.809  18.807  1.00 24.68 ? 35   ALA A CA  1 
ATOM   253  C C   . ALA A 1 34 ? 10.242  15.971  17.816  1.00 25.43 ? 35   ALA A C   1 
ATOM   254  O O   . ALA A 1 34 ? 9.987   17.111  18.200  1.00 26.23 ? 35   ALA A O   1 
ATOM   255  C CB  . ALA A 1 34 ? 11.747  14.598  19.290  1.00 25.37 ? 35   ALA A CB  1 
ATOM   256  N N   . TYR A 1 35 ? 10.481  15.687  16.539  1.00 25.47 ? 36   TYR A N   1 
ATOM   257  C CA  . TYR A 1 35 ? 10.420  16.724  15.508  1.00 26.37 ? 36   TYR A CA  1 
ATOM   258  C C   . TYR A 1 35 ? 8.968   17.162  15.303  1.00 26.83 ? 36   TYR A C   1 
ATOM   259  O O   . TYR A 1 35 ? 8.673   18.363  15.182  1.00 25.44 ? 36   TYR A O   1 
ATOM   260  C CB  . TYR A 1 35 ? 11.022  16.204  14.194  1.00 27.14 ? 36   TYR A CB  1 
ATOM   261  C CG  . TYR A 1 35 ? 10.802  17.144  13.024  1.00 31.21 ? 36   TYR A CG  1 
ATOM   262  C CD1 . TYR A 1 35 ? 11.384  18.415  13.005  1.00 29.47 ? 36   TYR A CD1 1 
ATOM   263  C CD2 . TYR A 1 35 ? 9.976   16.777  11.961  1.00 30.57 ? 36   TYR A CD2 1 
ATOM   264  C CE1 . TYR A 1 35 ? 11.134  19.305  11.943  1.00 32.82 ? 36   TYR A CE1 1 
ATOM   265  C CE2 . TYR A 1 35 ? 9.722   17.660  10.901  1.00 34.18 ? 36   TYR A CE2 1 
ATOM   266  C CZ  . TYR A 1 35 ? 10.303  18.915  10.909  1.00 33.61 ? 36   TYR A CZ  1 
ATOM   267  O OH  . TYR A 1 35 ? 10.032  19.794  9.892   1.00 38.83 ? 36   TYR A OH  1 
ATOM   268  N N   . ALA A 1 36 ? 8.055   16.196  15.295  1.00 25.13 ? 37   ALA A N   1 
ATOM   269  C CA  . ALA A 1 36 ? 6.637   16.505  15.130  1.00 25.19 ? 37   ALA A CA  1 
ATOM   270  C C   . ALA A 1 36 ? 6.216   17.458  16.244  1.00 24.92 ? 37   ALA A C   1 
ATOM   271  O O   . ALA A 1 36 ? 5.410   18.360  16.032  1.00 26.39 ? 37   ALA A O   1 
ATOM   272  C CB  . ALA A 1 36 ? 5.797   15.236  15.217  1.00 23.55 ? 37   ALA A CB  1 
ATOM   273  N N   . ASP A 1 37 ? 6.762   17.241  17.437  1.00 25.80 ? 38   ASP A N   1 
ATOM   274  C CA  . ASP A 1 37 ? 6.432   18.093  18.567  1.00 28.73 ? 38   ASP A CA  1 
ATOM   275  C C   . ASP A 1 37 ? 6.827   19.552  18.318  1.00 29.03 ? 38   ASP A C   1 
ATOM   276  O O   . ASP A 1 37 ? 6.121   20.453  18.757  1.00 29.13 ? 38   ASP A O   1 
ATOM   277  C CB  . ASP A 1 37 ? 7.093   17.584  19.860  1.00 28.22 ? 38   ASP A CB  1 
ATOM   278  C CG  . ASP A 1 37 ? 6.324   16.438  20.514  1.00 30.60 ? 38   ASP A CG  1 
ATOM   279  O OD1 . ASP A 1 37 ? 5.156   16.198  20.142  1.00 29.35 ? 38   ASP A OD1 1 
ATOM   280  O OD2 . ASP A 1 37 ? 6.892   15.772  21.415  1.00 30.14 ? 38   ASP A OD2 1 
ATOM   281  N N   . THR A 1 38 ? 7.929   19.800  17.612  1.00 29.97 ? 39   THR A N   1 
ATOM   282  C CA  . THR A 1 38 ? 8.325   21.193  17.351  1.00 31.87 ? 39   THR A CA  1 
ATOM   283  C C   . THR A 1 38 ? 7.326   21.908  16.419  1.00 32.92 ? 39   THR A C   1 
ATOM   284  O O   . THR A 1 38 ? 7.281   23.136  16.373  1.00 32.91 ? 39   THR A O   1 
ATOM   285  C CB  . THR A 1 38 ? 9.727   21.311  16.691  1.00 33.36 ? 39   THR A CB  1 
ATOM   286  O OG1 . THR A 1 38 ? 9.656   20.859  15.332  1.00 35.91 ? 39   THR A OG1 1 
ATOM   287  C CG2 . THR A 1 38 ? 10.772  20.494  17.455  1.00 34.46 ? 39   THR A CG2 1 
ATOM   288  N N   . LEU A 1 39 ? 6.532   21.145  15.676  1.00 31.74 ? 40   LEU A N   1 
ATOM   289  C CA  . LEU A 1 39 ? 5.570   21.736  14.746  1.00 32.74 ? 40   LEU A CA  1 
ATOM   290  C C   . LEU A 1 39 ? 4.244   22.120  15.403  1.00 32.94 ? 40   LEU A C   1 
ATOM   291  O O   . LEU A 1 39 ? 3.450   22.853  14.823  1.00 33.20 ? 40   LEU A O   1 
ATOM   292  C CB  . LEU A 1 39 ? 5.303   20.763  13.587  1.00 32.92 ? 40   LEU A CB  1 
ATOM   293  C CG  . LEU A 1 39 ? 6.482   20.578  12.632  1.00 35.42 ? 40   LEU A CG  1 
ATOM   294  C CD1 . LEU A 1 39 ? 6.206   19.488  11.594  1.00 34.99 ? 40   LEU A CD1 1 
ATOM   295  C CD2 . LEU A 1 39 ? 6.740   21.917  11.952  1.00 36.78 ? 40   LEU A CD2 1 
ATOM   296  N N   . LYS A 1 40 ? 4.007   21.628  16.611  1.00 34.01 ? 41   LYS A N   1 
ATOM   297  C CA  . LYS A 1 40 ? 2.760   21.912  17.313  1.00 36.99 ? 41   LYS A CA  1 
ATOM   298  C C   . LYS A 1 40 ? 2.428   23.383  17.565  1.00 38.42 ? 41   LYS A C   1 
ATOM   299  O O   . LYS A 1 40 ? 1.274   23.784  17.452  1.00 38.24 ? 41   LYS A O   1 
ATOM   300  C CB  . LYS A 1 40 ? 2.726   21.165  18.640  1.00 37.13 ? 41   LYS A CB  1 
ATOM   301  C CG  . LYS A 1 40 ? 2.413   19.685  18.508  1.00 39.16 ? 41   LYS A CG  1 
ATOM   302  C CD  . LYS A 1 40 ? 2.798   18.971  19.800  1.00 42.77 ? 41   LYS A CD  1 
ATOM   303  C CE  . LYS A 1 40 ? 2.211   19.645  21.021  1.00 45.74 ? 41   LYS A CE  1 
ATOM   304  N NZ  . LYS A 1 40 ? 2.364   18.787  22.229  1.00 46.77 ? 41   LYS A NZ  1 
ATOM   305  N N   . LYS A 1 41 ? 3.430   24.184  17.914  1.00 40.29 ? 42   LYS A N   1 
ATOM   306  C CA  . LYS A 1 41 ? 3.184   25.592  18.190  1.00 42.51 ? 42   LYS A CA  1 
ATOM   307  C C   . LYS A 1 41 ? 2.493   26.307  17.035  1.00 43.71 ? 42   LYS A C   1 
ATOM   308  O O   . LYS A 1 41 ? 1.526   27.036  17.246  1.00 44.88 ? 42   LYS A O   1 
ATOM   309  C CB  . LYS A 1 41 ? 4.498   26.286  18.492  1.00 45.57 ? 42   LYS A CB  1 
ATOM   310  N N   . ASP A 1 42 ? 2.960   26.097  15.809  1.00 43.10 ? 43   ASP A N   1 
ATOM   311  C CA  . ASP A 1 42 ? 2.346   26.752  14.662  1.00 43.10 ? 43   ASP A CA  1 
ATOM   312  C C   . ASP A 1 42 ? 1.244   25.976  13.948  1.00 43.08 ? 43   ASP A C   1 
ATOM   313  O O   . ASP A 1 42 ? 0.487   26.556  13.160  1.00 41.77 ? 43   ASP A O   1 
ATOM   314  C CB  . ASP A 1 42 ? 3.425   27.123  13.642  1.00 46.64 ? 43   ASP A CB  1 
ATOM   315  C CG  . ASP A 1 42 ? 4.279   28.296  14.093  1.00 50.81 ? 43   ASP A CG  1 
ATOM   316  O OD1 . ASP A 1 42 ? 5.208   28.100  14.907  1.00 53.21 ? 43   ASP A OD1 1 
ATOM   317  O OD2 . ASP A 1 42 ? 4.013   29.427  13.634  1.00 55.02 ? 43   ASP A OD2 1 
ATOM   318  N N   . ASN A 1 43 ? 1.128   24.679  14.231  1.00 39.36 ? 44   ASN A N   1 
ATOM   319  C CA  . ASN A 1 43 ? 0.148   23.884  13.526  1.00 37.16 ? 44   ASN A CA  1 
ATOM   320  C C   . ASN A 1 43 ? -0.871  23.099  14.342  1.00 35.46 ? 44   ASN A C   1 
ATOM   321  O O   . ASN A 1 43 ? -1.715  22.416  13.764  1.00 34.60 ? 44   ASN A O   1 
ATOM   322  C CB  . ASN A 1 43 ? 0.880   22.935  12.577  1.00 38.61 ? 44   ASN A CB  1 
ATOM   323  C CG  . ASN A 1 43 ? 1.890   23.658  11.699  1.00 40.49 ? 44   ASN A CG  1 
ATOM   324  O OD1 . ASN A 1 43 ? 3.090   23.679  11.989  1.00 41.18 ? 44   ASN A OD1 1 
ATOM   325  N ND2 . ASN A 1 43 ? 1.404   24.269  10.629  1.00 41.53 ? 44   ASN A ND2 1 
ATOM   326  N N   . GLY A 1 44 ? -0.807  23.190  15.670  1.00 32.58 ? 45   GLY A N   1 
ATOM   327  C CA  . GLY A 1 44 ? -1.759  22.451  16.480  1.00 31.26 ? 45   GLY A CA  1 
ATOM   328  C C   . GLY A 1 44 ? -1.309  21.055  16.899  1.00 31.71 ? 45   GLY A C   1 
ATOM   329  O O   . GLY A 1 44 ? -0.221  20.592  16.527  1.00 30.36 ? 45   GLY A O   1 
ATOM   330  N N   . GLU A 1 45 ? -2.150  20.384  17.678  1.00 31.25 ? 46   GLU A N   1 
ATOM   331  C CA  . GLU A 1 45 ? -1.849  19.037  18.176  1.00 31.65 ? 46   GLU A CA  1 
ATOM   332  C C   . GLU A 1 45 ? -1.849  18.023  17.050  1.00 29.75 ? 46   GLU A C   1 
ATOM   333  O O   . GLU A 1 45 ? -2.665  18.108  16.137  1.00 28.68 ? 46   GLU A O   1 
ATOM   334  C CB  . GLU A 1 45 ? -2.901  18.602  19.204  1.00 34.98 ? 46   GLU A CB  1 
ATOM   335  C CG  . GLU A 1 45 ? -3.052  19.559  20.383  1.00 40.58 ? 46   GLU A CG  1 
ATOM   336  C CD  . GLU A 1 45 ? -1.865  19.521  21.322  1.00 45.12 ? 46   GLU A CD  1 
ATOM   337  O OE1 . GLU A 1 45 ? -1.193  18.465  21.397  1.00 45.88 ? 46   GLU A OE1 1 
ATOM   338  O OE2 . GLU A 1 45 ? -1.610  20.550  21.996  1.00 48.44 ? 46   GLU A OE2 1 
ATOM   339  N N   . TRP A 1 46 ? -0.962  17.038  17.137  1.00 27.28 ? 47   TRP A N   1 
ATOM   340  C CA  . TRP A 1 46 ? -0.903  16.001  16.116  1.00 26.43 ? 47   TRP A CA  1 
ATOM   341  C C   . TRP A 1 46 ? -1.483  14.665  16.578  1.00 26.25 ? 47   TRP A C   1 
ATOM   342  O O   . TRP A 1 46 ? -1.656  14.395  17.779  1.00 24.48 ? 47   TRP A O   1 
ATOM   343  C CB  . TRP A 1 46 ? 0.543   15.776  15.617  1.00 26.62 ? 47   TRP A CB  1 
ATOM   344  C CG  . TRP A 1 46 ? 1.625   15.477  16.688  1.00 25.35 ? 47   TRP A CG  1 
ATOM   345  C CD1 . TRP A 1 46 ? 2.586   16.341  17.135  1.00 26.01 ? 47   TRP A CD1 1 
ATOM   346  C CD2 . TRP A 1 46 ? 1.867   14.229  17.371  1.00 26.66 ? 47   TRP A CD2 1 
ATOM   347  N NE1 . TRP A 1 46 ? 3.415   15.722  18.038  1.00 25.20 ? 47   TRP A NE1 1 
ATOM   348  C CE2 . TRP A 1 46 ? 3.000   14.426  18.209  1.00 26.88 ? 47   TRP A CE2 1 
ATOM   349  C CE3 . TRP A 1 46 ? 1.245   12.973  17.360  1.00 25.97 ? 47   TRP A CE3 1 
ATOM   350  C CZ2 . TRP A 1 46 ? 3.515   13.412  19.027  1.00 24.79 ? 47   TRP A CZ2 1 
ATOM   351  C CZ3 . TRP A 1 46 ? 1.759   11.957  18.180  1.00 26.06 ? 47   TRP A CZ3 1 
ATOM   352  C CH2 . TRP A 1 46 ? 2.889   12.193  19.003  1.00 26.76 ? 47   TRP A CH2 1 
ATOM   353  N N   . THR A 1 47 ? -1.820  13.845  15.593  1.00 24.59 ? 48   THR A N   1 
ATOM   354  C CA  . THR A 1 47 ? -2.324  12.504  15.809  1.00 25.80 ? 48   THR A CA  1 
ATOM   355  C C   . THR A 1 47 ? -1.544  11.703  14.772  1.00 26.40 ? 48   THR A C   1 
ATOM   356  O O   . THR A 1 47 ? -1.359  12.167  13.644  1.00 26.86 ? 48   THR A O   1 
ATOM   357  C CB  . THR A 1 47 ? -3.849  12.421  15.523  1.00 28.39 ? 48   THR A CB  1 
ATOM   358  O OG1 . THR A 1 47 ? -4.563  13.196  16.504  1.00 29.86 ? 48   THR A OG1 1 
ATOM   359  C CG2 . THR A 1 47 ? -4.320  10.983  15.605  1.00 32.56 ? 48   THR A CG2 1 
ATOM   360  N N   . ILE A 1 48 ? -1.079  10.518  15.141  1.00 22.78 ? 49   ILE A N   1 
ATOM   361  C CA  . ILE A 1 48 ? -0.308  9.699   14.228  1.00 24.52 ? 49   ILE A CA  1 
ATOM   362  C C   . ILE A 1 48 ? -0.857  8.296   14.025  1.00 24.57 ? 49   ILE A C   1 
ATOM   363  O O   . ILE A 1 48 ? -1.403  7.698   14.947  1.00 24.51 ? 49   ILE A O   1 
ATOM   364  C CB  . ILE A 1 48 ? 1.168   9.569   14.734  1.00 26.72 ? 49   ILE A CB  1 
ATOM   365  C CG1 . ILE A 1 48 ? 1.911   10.869  14.470  1.00 28.32 ? 49   ILE A CG1 1 
ATOM   366  C CG2 . ILE A 1 48 ? 1.898   8.402   14.054  1.00 29.51 ? 49   ILE A CG2 1 
ATOM   367  C CD1 . ILE A 1 48 ? 3.265   10.930  15.129  1.00 30.43 ? 49   ILE A CD1 1 
ATOM   368  N N   . ASP A 1 49 ? -0.736  7.788   12.803  1.00 25.06 ? 50   ASP A N   1 
ATOM   369  C CA  . ASP A 1 49 ? -1.114  6.408   12.520  1.00 26.75 ? 50   ASP A CA  1 
ATOM   370  C C   . ASP A 1 49 ? 0.074   5.880   11.705  1.00 27.01 ? 50   ASP A C   1 
ATOM   371  O O   . ASP A 1 49 ? 0.826   6.653   11.081  1.00 26.69 ? 50   ASP A O   1 
ATOM   372  C CB  . ASP A 1 49 ? -2.473  6.284   11.789  1.00 28.48 ? 50   ASP A CB  1 
ATOM   373  C CG  . ASP A 1 49 ? -2.498  6.981   10.443  1.00 29.88 ? 50   ASP A CG  1 
ATOM   374  O OD1 . ASP A 1 49 ? -1.896  6.459   9.488   1.00 32.87 ? 50   ASP A OD1 1 
ATOM   375  O OD2 . ASP A 1 49 ? -3.130  8.054   10.338  1.00 32.25 ? 50   ASP A OD2 1 
ATOM   376  N N   . LYS A 1 50 ? 0.254   4.569   11.742  1.00 25.52 ? 51   LYS A N   1 
ATOM   377  C CA  . LYS A 1 50 ? 1.407   3.928   11.122  1.00 28.87 ? 51   LYS A CA  1 
ATOM   378  C C   . LYS A 1 50 ? 1.054   2.765   10.225  1.00 30.00 ? 51   LYS A C   1 
ATOM   379  O O   . LYS A 1 50 ? 0.121   2.005   10.498  1.00 27.09 ? 51   LYS A O   1 
ATOM   380  C CB  . LYS A 1 50 ? 2.331   3.422   12.243  1.00 29.64 ? 51   LYS A CB  1 
ATOM   381  C CG  . LYS A 1 50 ? 3.542   2.597   11.823  1.00 32.86 ? 51   LYS A CG  1 
ATOM   382  C CD  . LYS A 1 50 ? 4.414   2.267   13.050  1.00 36.75 ? 51   LYS A CD  1 
ATOM   383  C CE  . LYS A 1 50 ? 3.812   1.150   13.927  1.00 37.38 ? 51   LYS A CE  1 
ATOM   384  N NZ  . LYS A 1 50 ? 3.924   -0.212  13.317  1.00 35.45 ? 51   LYS A NZ  1 
ATOM   385  N N   . ARG A 1 51 ? 1.818   2.634   9.152   1.00 29.74 ? 52   ARG A N   1 
ATOM   386  C CA  . ARG A 1 51 ? 1.643   1.533   8.228   1.00 31.68 ? 52   ARG A CA  1 
ATOM   387  C C   . ARG A 1 51 ? 3.040   1.086   7.794   1.00 33.36 ? 52   ARG A C   1 
ATOM   388  O O   . ARG A 1 51 ? 3.926   1.915   7.577   1.00 32.33 ? 52   ARG A O   1 
ATOM   389  C CB  . ARG A 1 51 ? 0.835   1.995   7.008   1.00 31.86 ? 52   ARG A CB  1 
ATOM   390  N N   . VAL A 1 52 ? 3.265   -0.216  7.700   1.00 35.18 ? 53   VAL A N   1 
ATOM   391  C CA  . VAL A 1 52 ? 4.561   -0.684  7.230   1.00 39.36 ? 53   VAL A CA  1 
ATOM   392  C C   . VAL A 1 52 ? 4.278   -1.263  5.853   1.00 42.94 ? 53   VAL A C   1 
ATOM   393  O O   . VAL A 1 52 ? 3.761   -2.380  5.741   1.00 43.75 ? 53   VAL A O   1 
ATOM   394  C CB  . VAL A 1 52 ? 5.148   -1.782  8.128   1.00 39.65 ? 53   VAL A CB  1 
ATOM   395  C CG1 . VAL A 1 52 ? 6.481   -2.240  7.565   1.00 43.07 ? 53   VAL A CG1 1 
ATOM   396  C CG2 . VAL A 1 52 ? 5.334   -1.257  9.542   1.00 40.79 ? 53   VAL A CG2 1 
ATOM   397  N N   . THR A 1 53 ? 4.584   -0.494  4.813   1.00 45.33 ? 54   THR A N   1 
ATOM   398  C CA  . THR A 1 53 ? 4.330   -0.935  3.443   1.00 48.36 ? 54   THR A CA  1 
ATOM   399  C C   . THR A 1 53 ? 5.615   -1.240  2.680   1.00 48.88 ? 54   THR A C   1 
ATOM   400  O O   . THR A 1 53 ? 6.471   -0.368  2.509   1.00 48.92 ? 54   THR A O   1 
ATOM   401  C CB  . THR A 1 53 ? 3.546   0.125   2.648   1.00 49.15 ? 54   THR A CB  1 
ATOM   402  O OG1 . THR A 1 53 ? 4.343   1.308   2.519   1.00 53.44 ? 54   THR A OG1 1 
ATOM   403  C CG2 . THR A 1 53 ? 2.243   0.482   3.361   1.00 50.83 ? 54   THR A CG2 1 
ATOM   404  N N   . ASN A 1 54 ? 5.742   -2.482  2.224   1.00 50.59 ? 55   ASN A N   1 
ATOM   405  C CA  . ASN A 1 54 ? 6.917   -2.905  1.466   1.00 51.15 ? 55   ASN A CA  1 
ATOM   406  C C   . ASN A 1 54 ? 8.217   -2.556  2.194   1.00 50.76 ? 55   ASN A C   1 
ATOM   407  O O   . ASN A 1 54 ? 9.150   -2.023  1.590   1.00 50.54 ? 55   ASN A O   1 
ATOM   408  C CB  . ASN A 1 54 ? 6.897   -2.250  0.073   1.00 52.52 ? 55   ASN A CB  1 
ATOM   409  C CG  . ASN A 1 54 ? 5.816   -2.835  -0.843  1.00 54.11 ? 55   ASN A CG  1 
ATOM   410  O OD1 . ASN A 1 54 ? 5.386   -2.194  -1.809  1.00 53.98 ? 55   ASN A OD1 1 
ATOM   411  N ND2 . ASN A 1 54 ? 5.389   -4.064  -0.552  1.00 53.72 ? 55   ASN A ND2 1 
ATOM   412  N N   . GLY A 1 55 ? 8.262   -2.844  3.495   1.00 50.52 ? 56   GLY A N   1 
ATOM   413  C CA  . GLY A 1 55 ? 9.457   -2.578  4.282   1.00 48.32 ? 56   GLY A CA  1 
ATOM   414  C C   . GLY A 1 55 ? 9.643   -1.160  4.810   1.00 47.05 ? 56   GLY A C   1 
ATOM   415  O O   . GLY A 1 55 ? 10.434  -0.941  5.726   1.00 47.75 ? 56   GLY A O   1 
ATOM   416  N N   . VAL A 1 56 ? 8.930   -0.194  4.244   1.00 43.98 ? 57   VAL A N   1 
ATOM   417  C CA  . VAL A 1 56 ? 9.055   1.190   4.686   1.00 40.37 ? 57   VAL A CA  1 
ATOM   418  C C   . VAL A 1 56 ? 8.000   1.550   5.737   1.00 37.97 ? 57   VAL A C   1 
ATOM   419  O O   . VAL A 1 56 ? 6.823   1.198   5.597   1.00 37.26 ? 57   VAL A O   1 
ATOM   420  C CB  . VAL A 1 56 ? 8.923   2.150   3.480   1.00 40.56 ? 57   VAL A CB  1 
ATOM   421  C CG1 . VAL A 1 56 ? 8.939   3.595   3.944   1.00 41.01 ? 57   VAL A CG1 1 
ATOM   422  C CG2 . VAL A 1 56 ? 10.064  1.890   2.499   1.00 42.36 ? 57   VAL A CG2 1 
ATOM   423  N N   . ILE A 1 57 ? 8.421   2.236   6.795   1.00 33.28 ? 58   ILE A N   1 
ATOM   424  C CA  . ILE A 1 57 ? 7.482   2.655   7.837   1.00 30.57 ? 58   ILE A CA  1 
ATOM   425  C C   . ILE A 1 57 ? 6.871   3.982   7.399   1.00 31.56 ? 58   ILE A C   1 
ATOM   426  O O   . ILE A 1 57 ? 7.586   4.979   7.203   1.00 31.36 ? 58   ILE A O   1 
ATOM   427  C CB  . ILE A 1 57 ? 8.175   2.864   9.201   1.00 30.67 ? 58   ILE A CB  1 
ATOM   428  C CG1 . ILE A 1 57 ? 8.763   1.537   9.693   1.00 31.57 ? 58   ILE A CG1 1 
ATOM   429  C CG2 . ILE A 1 57 ? 7.170   3.432   10.224  1.00 26.91 ? 58   ILE A CG2 1 
ATOM   430  C CD1 . ILE A 1 57 ? 9.551   1.662   11.012  1.00 33.78 ? 58   ILE A CD1 1 
ATOM   431  N N   . ILE A 1 58 ? 5.556   3.993   7.232   1.00 29.36 ? 59   ILE A N   1 
ATOM   432  C CA  . ILE A 1 58 ? 4.861   5.206   6.813   1.00 30.51 ? 59   ILE A CA  1 
ATOM   433  C C   . ILE A 1 58 ? 4.141   5.799   8.012   1.00 28.94 ? 59   ILE A C   1 
ATOM   434  O O   . ILE A 1 58 ? 3.330   5.128   8.641   1.00 29.02 ? 59   ILE A O   1 
ATOM   435  C CB  . ILE A 1 58 ? 3.786   4.915   5.730   1.00 32.10 ? 59   ILE A CB  1 
ATOM   436  C CG1 . ILE A 1 58 ? 4.420   4.217   4.521   1.00 36.41 ? 59   ILE A CG1 1 
ATOM   437  C CG2 . ILE A 1 58 ? 3.116   6.225   5.310   1.00 34.56 ? 59   ILE A CG2 1 
ATOM   438  C CD1 . ILE A 1 58 ? 5.298   5.090   3.680   1.00 38.53 ? 59   ILE A CD1 1 
ATOM   439  N N   . LEU A 1 59 ? 4.447   7.050   8.331   1.00 26.77 ? 60   LEU A N   1 
ATOM   440  C CA  . LEU A 1 59 ? 3.804   7.735   9.439   1.00 26.72 ? 60   LEU A CA  1 
ATOM   441  C C   . LEU A 1 59 ? 2.957   8.884   8.905   1.00 27.18 ? 60   LEU A C   1 
ATOM   442  O O   . LEU A 1 59 ? 3.472   9.774   8.209   1.00 27.53 ? 60   LEU A O   1 
ATOM   443  C CB  . LEU A 1 59 ? 4.836   8.341   10.395  1.00 27.86 ? 60   LEU A CB  1 
ATOM   444  C CG  . LEU A 1 59 ? 5.648   7.401   11.279  1.00 30.56 ? 60   LEU A CG  1 
ATOM   445  C CD1 . LEU A 1 59 ? 6.485   8.261   12.237  1.00 31.36 ? 60   LEU A CD1 1 
ATOM   446  C CD2 . LEU A 1 59 ? 4.710   6.467   12.063  1.00 32.33 ? 60   LEU A CD2 1 
ATOM   447  N N   . ASN A 1 60 ? 1.666   8.868   9.212   1.00 24.36 ? 61   ASN A N   1 
ATOM   448  C CA  . ASN A 1 60 ? 0.809   9.967   8.798   1.00 24.42 ? 61   ASN A CA  1 
ATOM   449  C C   . ASN A 1 60 ? 0.639   10.798  10.046  1.00 23.64 ? 61   ASN A C   1 
ATOM   450  O O   . ASN A 1 60 ? 0.052   10.340  11.017  1.00 23.32 ? 61   ASN A O   1 
ATOM   451  C CB  . ASN A 1 60 ? -0.553  9.467   8.322   1.00 26.91 ? 61   ASN A CB  1 
ATOM   452  C CG  . ASN A 1 60 ? -0.445  8.673   7.058   1.00 31.59 ? 61   ASN A CG  1 
ATOM   453  O OD1 . ASN A 1 60 ? 0.179   9.114   6.098   1.00 31.67 ? 61   ASN A OD1 1 
ATOM   454  N ND2 . ASN A 1 60 ? -1.033  7.490   7.046   1.00 33.64 ? 61   ASN A ND2 1 
ATOM   455  N N   . ILE A 1 61 ? 1.148   12.022  10.002  1.00 23.25 ? 62   ILE A N   1 
ATOM   456  C CA  . ILE A 1 61 ? 1.099   12.935  11.136  1.00 25.26 ? 62   ILE A CA  1 
ATOM   457  C C   . ILE A 1 61 ? 0.132   14.051  10.794  1.00 25.67 ? 62   ILE A C   1 
ATOM   458  O O   . ILE A 1 61 ? 0.423   14.901  9.952   1.00 26.06 ? 62   ILE A O   1 
ATOM   459  C CB  . ILE A 1 61 ? 2.495   13.492  11.401  1.00 24.79 ? 62   ILE A CB  1 
ATOM   460  C CG1 . ILE A 1 61 ? 3.499   12.318  11.437  1.00 26.57 ? 62   ILE A CG1 1 
ATOM   461  C CG2 . ILE A 1 61 ? 2.501   14.277  12.700  1.00 26.42 ? 62   ILE A CG2 1 
ATOM   462  C CD1 . ILE A 1 61 ? 4.965   12.724  11.726  1.00 27.54 ? 62   ILE A CD1 1 
ATOM   463  N N   . LYS A 1 62 ? -1.018  14.036  11.455  1.00 25.40 ? 63   LYS A N   1 
ATOM   464  C CA  . LYS A 1 62 ? -2.072  15.001  11.158  1.00 28.38 ? 63   LYS A CA  1 
ATOM   465  C C   . LYS A 1 62 ? -2.174  16.050  12.236  1.00 27.62 ? 63   LYS A C   1 
ATOM   466  O O   . LYS A 1 62 ? -2.343  15.721  13.413  1.00 28.79 ? 63   LYS A O   1 
ATOM   467  C CB  . LYS A 1 62 ? -3.430  14.288  11.025  1.00 30.50 ? 63   LYS A CB  1 
ATOM   468  C CG  . LYS A 1 62 ? -3.532  13.261  9.892   1.00 38.60 ? 63   LYS A CG  1 
ATOM   469  C CD  . LYS A 1 62 ? -2.871  11.936  10.249  1.00 43.80 ? 63   LYS A CD  1 
ATOM   470  C CE  . LYS A 1 62 ? -3.493  11.333  11.517  1.00 46.80 ? 63   LYS A CE  1 
ATOM   471  N NZ  . LYS A 1 62 ? -2.938  10.005  11.879  1.00 44.29 ? 63   LYS A NZ  1 
ATOM   472  N N   . PHE A 1 63 ? -2.086  17.311  11.827  1.00 27.89 ? 64   PHE A N   1 
ATOM   473  C CA  . PHE A 1 63 ? -2.165  18.418  12.754  1.00 27.71 ? 64   PHE A CA  1 
ATOM   474  C C   . PHE A 1 63 ? -3.584  19.000  12.745  1.00 31.96 ? 64   PHE A C   1 
ATOM   475  O O   . PHE A 1 63 ? -4.171  19.221  11.681  1.00 30.87 ? 64   PHE A O   1 
ATOM   476  C CB  . PHE A 1 63 ? -1.134  19.472  12.383  1.00 26.51 ? 64   PHE A CB  1 
ATOM   477  C CG  . PHE A 1 63 ? 0.275   19.007  12.560  1.00 27.75 ? 64   PHE A CG  1 
ATOM   478  C CD1 . PHE A 1 63 ? 0.936   18.339  11.542  1.00 25.96 ? 64   PHE A CD1 1 
ATOM   479  C CD2 . PHE A 1 63 ? 0.916   19.175  13.782  1.00 27.43 ? 64   PHE A CD2 1 
ATOM   480  C CE1 . PHE A 1 63 ? 2.234   17.835  11.738  1.00 29.37 ? 64   PHE A CE1 1 
ATOM   481  C CE2 . PHE A 1 63 ? 2.202   18.680  13.994  1.00 28.62 ? 64   PHE A CE2 1 
ATOM   482  C CZ  . PHE A 1 63 ? 2.863   18.014  12.985  1.00 26.86 ? 64   PHE A CZ  1 
ATOM   483  N N   . ALA A 1 64 ? -4.118  19.257  13.939  1.00 33.45 ? 65   ALA A N   1 
ATOM   484  C CA  . ALA A 1 64 ? -5.492  19.736  14.080  1.00 35.71 ? 65   ALA A CA  1 
ATOM   485  C C   . ALA A 1 64 ? -5.713  21.203  13.766  1.00 37.04 ? 65   ALA A C   1 
ATOM   486  O O   . ALA A 1 64 ? -6.841  21.607  13.456  1.00 35.15 ? 65   ALA A O   1 
ATOM   487  C CB  . ALA A 1 64 ? -6.008  19.417  15.492  1.00 35.51 ? 65   ALA A CB  1 
ATOM   488  N N   . GLY A 1 65 ? -4.641  21.988  13.834  1.00 37.18 ? 66   GLY A N   1 
ATOM   489  C CA  . GLY A 1 65 ? -4.741  23.407  13.561  1.00 41.56 ? 66   GLY A CA  1 
ATOM   490  C C   . GLY A 1 65 ? -5.066  24.179  14.829  1.00 44.11 ? 66   GLY A C   1 
ATOM   491  O O   . GLY A 1 65 ? -5.234  23.543  15.895  1.00 43.46 ? 66   GLY A O   1 
ATOM   492  O OXT . GLY A 1 65 ? -5.167  25.426  14.757  1.00 47.84 ? 66   GLY A OXT 1 
ATOM   493  N N   . GLU B 1 1  ? 12.600  -6.466  -4.029  1.00 59.61 ? 2    GLU B N   1 
ATOM   494  C CA  . GLU B 1 1  ? 11.897  -6.974  -2.818  1.00 59.69 ? 2    GLU B CA  1 
ATOM   495  C C   . GLU B 1 1  ? 10.544  -7.533  -3.248  1.00 57.67 ? 2    GLU B C   1 
ATOM   496  O O   . GLU B 1 1  ? 10.120  -7.310  -4.382  1.00 57.61 ? 2    GLU B O   1 
ATOM   497  C CB  . GLU B 1 1  ? 11.707  -5.843  -1.810  1.00 62.21 ? 2    GLU B CB  1 
ATOM   498  C CG  . GLU B 1 1  ? 11.787  -6.310  -0.371  1.00 65.67 ? 2    GLU B CG  1 
ATOM   499  C CD  . GLU B 1 1  ? 13.086  -7.049  -0.082  1.00 68.46 ? 2    GLU B CD  1 
ATOM   500  O OE1 . GLU B 1 1  ? 14.168  -6.421  -0.168  1.00 69.72 ? 2    GLU B OE1 1 
ATOM   501  O OE2 . GLU B 1 1  ? 13.025  -8.262  0.223   1.00 69.90 ? 2    GLU B OE2 1 
ATOM   502  N N   . GLU B 1 2  ? 9.857   -8.254  -2.363  1.00 54.43 ? 3    GLU B N   1 
ATOM   503  C CA  . GLU B 1 2  ? 8.587   -8.823  -2.780  1.00 51.54 ? 3    GLU B CA  1 
ATOM   504  C C   . GLU B 1 2  ? 7.350   -7.991  -2.499  1.00 48.75 ? 3    GLU B C   1 
ATOM   505  O O   . GLU B 1 2  ? 7.287   -7.208  -1.545  1.00 48.18 ? 3    GLU B O   1 
ATOM   506  C CB  . GLU B 1 2  ? 8.409   -10.258 -2.254  1.00 53.46 ? 3    GLU B CB  1 
ATOM   507  C CG  . GLU B 1 2  ? 8.400   -10.477 -0.761  1.00 55.89 ? 3    GLU B CG  1 
ATOM   508  C CD  . GLU B 1 2  ? 8.120   -11.944 -0.420  1.00 58.11 ? 3    GLU B CD  1 
ATOM   509  O OE1 . GLU B 1 2  ? 8.842   -12.827 -0.937  1.00 58.94 ? 3    GLU B OE1 1 
ATOM   510  O OE2 . GLU B 1 2  ? 7.177   -12.217 0.358   1.00 58.45 ? 3    GLU B OE2 1 
ATOM   511  N N   . VAL B 1 3  ? 6.366   -8.176  -3.371  1.00 42.74 ? 4    VAL B N   1 
ATOM   512  C CA  . VAL B 1 3  ? 5.115   -7.447  -3.297  1.00 39.69 ? 4    VAL B CA  1 
ATOM   513  C C   . VAL B 1 3  ? 3.959   -8.429  -3.192  1.00 36.11 ? 4    VAL B C   1 
ATOM   514  O O   . VAL B 1 3  ? 4.128   -9.642  -3.351  1.00 35.74 ? 4    VAL B O   1 
ATOM   515  C CB  . VAL B 1 3  ? 4.942   -6.559  -4.570  1.00 40.37 ? 4    VAL B CB  1 
ATOM   516  C CG1 . VAL B 1 3  ? 4.688   -7.432  -5.802  1.00 39.95 ? 4    VAL B CG1 1 
ATOM   517  C CG2 . VAL B 1 3  ? 3.812   -5.563  -4.371  1.00 44.99 ? 4    VAL B CG2 1 
ATOM   518  N N   . THR B 1 4  ? 2.782   -7.915  -2.888  1.00 32.59 ? 5    THR B N   1 
ATOM   519  C CA  . THR B 1 4  ? 1.621   -8.779  -2.820  1.00 30.41 ? 5    THR B CA  1 
ATOM   520  C C   . THR B 1 4  ? 0.689   -8.357  -3.947  1.00 28.93 ? 5    THR B C   1 
ATOM   521  O O   . THR B 1 4  ? 0.519   -7.159  -4.214  1.00 25.63 ? 5    THR B O   1 
ATOM   522  C CB  . THR B 1 4  ? 0.893   -8.632  -1.488  1.00 31.69 ? 5    THR B CB  1 
ATOM   523  O OG1 . THR B 1 4  ? 1.742   -9.111  -0.441  1.00 32.76 ? 5    THR B OG1 1 
ATOM   524  C CG2 . THR B 1 4  ? -0.411  -9.437  -1.498  1.00 32.78 ? 5    THR B CG2 1 
ATOM   525  N N   . ILE B 1 5  ? 0.127   -9.342  -4.636  1.00 26.59 ? 6    ILE B N   1 
ATOM   526  C CA  . ILE B 1 5  ? -0.830  -9.051  -5.700  1.00 26.88 ? 6    ILE B CA  1 
ATOM   527  C C   . ILE B 1 5  ? -2.095  -9.770  -5.298  1.00 27.46 ? 6    ILE B C   1 
ATOM   528  O O   . ILE B 1 5  ? -2.085  -10.974 -5.025  1.00 28.96 ? 6    ILE B O   1 
ATOM   529  C CB  . ILE B 1 5  ? -0.373  -9.558  -7.079  1.00 26.86 ? 6    ILE B CB  1 
ATOM   530  C CG1 . ILE B 1 5  ? 0.922   -8.855  -7.461  1.00 28.02 ? 6    ILE B CG1 1 
ATOM   531  C CG2 . ILE B 1 5  ? -1.464  -9.243  -8.153  1.00 25.52 ? 6    ILE B CG2 1 
ATOM   532  C CD1 . ILE B 1 5  ? 1.435   -9.177  -8.862  1.00 31.20 ? 6    ILE B CD1 1 
ATOM   533  N N   . LYS B 1 6  ? -3.170  -9.007  -5.192  1.00 25.55 ? 7    LYS B N   1 
ATOM   534  C CA  . LYS B 1 6  ? -4.458  -9.558  -4.826  1.00 27.45 ? 7    LYS B CA  1 
ATOM   535  C C   . LYS B 1 6  ? -5.333  -9.474  -6.069  1.00 26.13 ? 7    LYS B C   1 
ATOM   536  O O   . LYS B 1 6  ? -5.405  -8.434  -6.710  1.00 27.14 ? 7    LYS B O   1 
ATOM   537  C CB  . LYS B 1 6  ? -5.062  -8.744  -3.686  1.00 30.51 ? 7    LYS B CB  1 
ATOM   538  C CG  . LYS B 1 6  ? -6.402  -9.242  -3.185  1.00 39.29 ? 7    LYS B CG  1 
ATOM   539  C CD  . LYS B 1 6  ? -6.466  -9.179  -1.656  1.00 45.71 ? 7    LYS B CD  1 
ATOM   540  C CE  . LYS B 1 6  ? -5.899  -7.862  -1.105  1.00 47.57 ? 7    LYS B CE  1 
ATOM   541  N NZ  . LYS B 1 6  ? -5.804  -7.878  0.400   1.00 51.56 ? 7    LYS B NZ  1 
ATOM   542  N N   . ALA B 1 7  ? -5.972  -10.574 -6.431  1.00 25.04 ? 8    ALA B N   1 
ATOM   543  C CA  . ALA B 1 7  ? -6.818  -10.543 -7.607  1.00 25.23 ? 8    ALA B CA  1 
ATOM   544  C C   . ALA B 1 7  ? -8.260  -10.839 -7.241  1.00 23.92 ? 8    ALA B C   1 
ATOM   545  O O   . ALA B 1 7  ? -8.530  -11.799 -6.514  1.00 24.94 ? 8    ALA B O   1 
ATOM   546  C CB  . ALA B 1 7  ? -6.325  -11.554 -8.626  1.00 24.19 ? 8    ALA B CB  1 
ATOM   547  N N   . ASN B 1 8  ? -9.173  -9.987  -7.709  1.00 23.60 ? 9    ASN B N   1 
ATOM   548  C CA  . ASN B 1 8  ? -10.603 -10.204 -7.509  1.00 24.40 ? 9    ASN B CA  1 
ATOM   549  C C   . ASN B 1 8  ? -11.020 -10.862 -8.830  1.00 25.13 ? 9    ASN B C   1 
ATOM   550  O O   . ASN B 1 8  ? -10.878 -10.258 -9.898  1.00 25.44 ? 9    ASN B O   1 
ATOM   551  C CB  . ASN B 1 8  ? -11.347 -8.878  -7.343  1.00 24.28 ? 9    ASN B CB  1 
ATOM   552  C CG  . ASN B 1 8  ? -10.950 -8.150  -6.091  1.00 28.49 ? 9    ASN B CG  1 
ATOM   553  O OD1 . ASN B 1 8  ? -10.927 -8.744  -5.008  1.00 29.58 ? 9    ASN B OD1 1 
ATOM   554  N ND2 . ASN B 1 8  ? -10.630 -6.868  -6.218  1.00 25.73 ? 9    ASN B ND2 1 
ATOM   555  N N   . LEU B 1 9  ? -11.518 -12.093 -8.752  1.00 24.59 ? 10   LEU B N   1 
ATOM   556  C CA  . LEU B 1 9  ? -11.931 -12.842 -9.938  1.00 25.82 ? 10   LEU B CA  1 
ATOM   557  C C   . LEU B 1 9  ? -13.439 -12.662 -10.018 1.00 27.57 ? 10   LEU B C   1 
ATOM   558  O O   . LEU B 1 9  ? -14.161 -13.048 -9.098  1.00 26.35 ? 10   LEU B O   1 
ATOM   559  C CB  . LEU B 1 9  ? -11.584 -14.322 -9.765  1.00 27.60 ? 10   LEU B CB  1 
ATOM   560  C CG  . LEU B 1 9  ? -10.108 -14.608 -9.456  1.00 31.65 ? 10   LEU B CG  1 
ATOM   561  C CD1 . LEU B 1 9  ? -9.942  -16.022 -8.917  1.00 32.74 ? 10   LEU B CD1 1 
ATOM   562  C CD2 . LEU B 1 9  ? -9.285  -14.402 -10.703 1.00 30.88 ? 10   LEU B CD2 1 
ATOM   563  N N   . ILE B 1 10 ? -13.896 -12.078 -11.118 1.00 26.57 ? 11   ILE B N   1 
ATOM   564  C CA  . ILE B 1 10 ? -15.313 -11.770 -11.311 1.00 28.80 ? 11   ILE B CA  1 
ATOM   565  C C   . ILE B 1 10 ? -15.850 -12.594 -12.466 1.00 30.73 ? 11   ILE B C   1 
ATOM   566  O O   . ILE B 1 10 ? -15.427 -12.425 -13.612 1.00 28.75 ? 11   ILE B O   1 
ATOM   567  C CB  . ILE B 1 10 ? -15.475 -10.264 -11.606 1.00 28.90 ? 11   ILE B CB  1 
ATOM   568  C CG1 . ILE B 1 10 ? -14.866 -9.463  -10.447 1.00 29.20 ? 11   ILE B CG1 1 
ATOM   569  C CG2 . ILE B 1 10 ? -16.966 -9.921  -11.794 1.00 32.02 ? 11   ILE B CG2 1 
ATOM   570  C CD1 . ILE B 1 10 ? -14.475 -8.033  -10.781 1.00 33.83 ? 11   ILE B CD1 1 
ATOM   571  N N   . PHE B 1 11 ? -16.778 -13.496 -12.164 1.00 31.64 ? 12   PHE B N   1 
ATOM   572  C CA  . PHE B 1 11 ? -17.314 -14.360 -13.198 1.00 33.14 ? 12   PHE B CA  1 
ATOM   573  C C   . PHE B 1 11 ? -18.609 -13.856 -13.816 1.00 34.88 ? 12   PHE B C   1 
ATOM   574  O O   . PHE B 1 11 ? -19.309 -13.035 -13.233 1.00 35.89 ? 12   PHE B O   1 
ATOM   575  C CB  . PHE B 1 11 ? -17.475 -15.767 -12.640 1.00 33.62 ? 12   PHE B CB  1 
ATOM   576  C CG  . PHE B 1 11 ? -16.192 -16.351 -12.141 1.00 31.47 ? 12   PHE B CG  1 
ATOM   577  C CD1 . PHE B 1 11 ? -15.268 -16.887 -13.027 1.00 33.32 ? 12   PHE B CD1 1 
ATOM   578  C CD2 . PHE B 1 11 ? -15.872 -16.293 -10.792 1.00 33.45 ? 12   PHE B CD2 1 
ATOM   579  C CE1 . PHE B 1 11 ? -14.032 -17.358 -12.577 1.00 32.89 ? 12   PHE B CE1 1 
ATOM   580  C CE2 . PHE B 1 11 ? -14.638 -16.764 -10.328 1.00 31.02 ? 12   PHE B CE2 1 
ATOM   581  C CZ  . PHE B 1 11 ? -13.723 -17.291 -11.215 1.00 33.56 ? 12   PHE B CZ  1 
ATOM   582  N N   . ALA B 1 12 ? -18.906 -14.344 -15.013 1.00 38.68 ? 13   ALA B N   1 
ATOM   583  C CA  . ALA B 1 12 ? -20.104 -13.932 -15.743 1.00 41.67 ? 13   ALA B CA  1 
ATOM   584  C C   . ALA B 1 12 ? -21.395 -14.141 -14.944 1.00 44.65 ? 13   ALA B C   1 
ATOM   585  O O   . ALA B 1 12 ? -22.294 -13.297 -14.979 1.00 46.59 ? 13   ALA B O   1 
ATOM   586  C CB  . ALA B 1 12 ? -20.180 -14.688 -17.077 1.00 41.17 ? 13   ALA B CB  1 
ATOM   587  N N   . ASN B 1 13 ? -21.495 -15.259 -14.231 1.00 46.38 ? 14   ASN B N   1 
ATOM   588  C CA  . ASN B 1 13 ? -22.697 -15.533 -13.439 1.00 48.61 ? 14   ASN B CA  1 
ATOM   589  C C   . ASN B 1 13 ? -22.893 -14.538 -12.298 1.00 49.54 ? 14   ASN B C   1 
ATOM   590  O O   . ASN B 1 13 ? -23.950 -14.498 -11.674 1.00 52.38 ? 14   ASN B O   1 
ATOM   591  C CB  . ASN B 1 13 ? -22.656 -16.952 -12.862 1.00 48.97 ? 14   ASN B CB  1 
ATOM   592  C CG  . ASN B 1 13 ? -21.419 -17.203 -12.030 1.00 49.95 ? 14   ASN B CG  1 
ATOM   593  O OD1 . ASN B 1 13 ? -20.821 -16.275 -11.494 1.00 48.05 ? 14   ASN B OD1 1 
ATOM   594  N ND2 . ASN B 1 13 ? -21.036 -18.467 -11.906 1.00 52.23 ? 14   ASN B ND2 1 
ATOM   595  N N   . GLY B 1 14 ? -21.876 -13.736 -12.017 1.00 49.39 ? 15   GLY B N   1 
ATOM   596  C CA  . GLY B 1 14 ? -22.004 -12.771 -10.942 1.00 48.21 ? 15   GLY B CA  1 
ATOM   597  C C   . GLY B 1 14 ? -21.208 -13.126 -9.699  1.00 46.97 ? 15   GLY B C   1 
ATOM   598  O O   . GLY B 1 14 ? -20.943 -12.253 -8.873  1.00 48.74 ? 15   GLY B O   1 
ATOM   599  N N   . SER B 1 15 ? -20.827 -14.394 -9.553  1.00 44.46 ? 16   SER B N   1 
ATOM   600  C CA  . SER B 1 15 ? -20.046 -14.813 -8.388  1.00 42.48 ? 16   SER B CA  1 
ATOM   601  C C   . SER B 1 15 ? -18.636 -14.231 -8.453  1.00 40.65 ? 16   SER B C   1 
ATOM   602  O O   . SER B 1 15 ? -18.174 -13.809 -9.515  1.00 37.10 ? 16   SER B O   1 
ATOM   603  C CB  . SER B 1 15 ? -19.962 -16.332 -8.314  1.00 42.75 ? 16   SER B CB  1 
ATOM   604  O OG  . SER B 1 15 ? -19.418 -16.870 -9.503  1.00 46.03 ? 16   SER B OG  1 
ATOM   605  N N   . THR B 1 16 ? -17.962 -14.197 -7.306  1.00 38.74 ? 17   THR B N   1 
ATOM   606  C CA  . THR B 1 16 ? -16.606 -13.662 -7.235  1.00 36.54 ? 17   THR B CA  1 
ATOM   607  C C   . THR B 1 16 ? -15.716 -14.576 -6.395  1.00 36.51 ? 17   THR B C   1 
ATOM   608  O O   . THR B 1 16 ? -16.196 -15.275 -5.491  1.00 35.62 ? 17   THR B O   1 
ATOM   609  C CB  . THR B 1 16 ? -16.589 -12.289 -6.563  1.00 38.88 ? 17   THR B CB  1 
ATOM   610  O OG1 . THR B 1 16 ? -17.167 -12.410 -5.249  1.00 40.48 ? 17   THR B OG1 1 
ATOM   611  C CG2 . THR B 1 16 ? -17.380 -11.269 -7.386  1.00 38.35 ? 17   THR B CG2 1 
ATOM   612  N N   . GLN B 1 17 ? -14.424 -14.580 -6.711  1.00 31.38 ? 18   GLN B N   1 
ATOM   613  C CA  . GLN B 1 17 ? -13.456 -15.355 -5.957  1.00 31.38 ? 18   GLN B CA  1 
ATOM   614  C C   . GLN B 1 17 ? -12.231 -14.462 -5.799  1.00 29.53 ? 18   GLN B C   1 
ATOM   615  O O   . GLN B 1 17 ? -12.115 -13.434 -6.459  1.00 29.08 ? 18   GLN B O   1 
ATOM   616  C CB  . GLN B 1 17 ? -13.072 -16.626 -6.714  1.00 31.83 ? 18   GLN B CB  1 
ATOM   617  C CG  . GLN B 1 17 ? -14.113 -17.708 -6.659  1.00 34.33 ? 18   GLN B CG  1 
ATOM   618  C CD  . GLN B 1 17 ? -13.701 -18.932 -7.442  1.00 36.27 ? 18   GLN B CD  1 
ATOM   619  O OE1 . GLN B 1 17 ? -12.516 -19.282 -7.511  1.00 35.58 ? 18   GLN B OE1 1 
ATOM   620  N NE2 . GLN B 1 17 ? -14.673 -19.597 -8.026  1.00 37.01 ? 18   GLN B NE2 1 
ATOM   621  N N   . THR B 1 18 ? -11.336 -14.820 -4.897  1.00 28.49 ? 19   THR B N   1 
ATOM   622  C CA  . THR B 1 18 ? -10.117 -14.041 -4.742  1.00 28.22 ? 19   THR B CA  1 
ATOM   623  C C   . THR B 1 18 ? -8.903  -14.970 -4.773  1.00 29.08 ? 19   THR B C   1 
ATOM   624  O O   . THR B 1 18 ? -9.012  -16.181 -4.563  1.00 28.22 ? 19   THR B O   1 
ATOM   625  C CB  . THR B 1 18 ? -10.095 -13.211 -3.414  1.00 30.48 ? 19   THR B CB  1 
ATOM   626  O OG1 . THR B 1 18 ? -10.122 -14.094 -2.287  1.00 33.23 ? 19   THR B OG1 1 
ATOM   627  C CG2 . THR B 1 18 ? -11.298 -12.281 -3.329  1.00 29.98 ? 19   THR B CG2 1 
ATOM   628  N N   . ALA B 1 19 ? -7.750  -14.393 -5.081  1.00 27.65 ? 20   ALA B N   1 
ATOM   629  C CA  . ALA B 1 19 ? -6.488  -15.120 -5.102  1.00 28.22 ? 20   ALA B CA  1 
ATOM   630  C C   . ALA B 1 19 ? -5.451  -14.091 -4.689  1.00 28.26 ? 20   ALA B C   1 
ATOM   631  O O   . ALA B 1 19 ? -5.568  -12.906 -5.021  1.00 29.12 ? 20   ALA B O   1 
ATOM   632  C CB  . ALA B 1 19 ? -6.193  -15.666 -6.500  1.00 29.28 ? 20   ALA B CB  1 
ATOM   633  N N   . GLU B 1 20 ? -4.465  -14.519 -3.919  1.00 27.21 ? 21   GLU B N   1 
ATOM   634  C CA  . GLU B 1 20 ? -3.432  -13.610 -3.471  1.00 26.39 ? 21   GLU B CA  1 
ATOM   635  C C   . GLU B 1 20 ? -2.099  -14.303 -3.688  1.00 26.93 ? 21   GLU B C   1 
ATOM   636  O O   . GLU B 1 20 ? -1.924  -15.450 -3.270  1.00 26.60 ? 21   GLU B O   1 
ATOM   637  C CB  . GLU B 1 20 ? -3.625  -13.268 -1.999  1.00 29.92 ? 21   GLU B CB  1 
ATOM   638  C CG  . GLU B 1 20 ? -2.511  -12.426 -1.443  1.00 33.57 ? 21   GLU B CG  1 
ATOM   639  C CD  . GLU B 1 20 ? -2.830  -11.884 -0.076  1.00 38.70 ? 21   GLU B CD  1 
ATOM   640  O OE1 . GLU B 1 20 ? -3.960  -11.380 0.125   1.00 41.79 ? 21   GLU B OE1 1 
ATOM   641  O OE2 . GLU B 1 20 ? -1.940  -11.954 0.791   1.00 42.19 ? 21   GLU B OE2 1 
ATOM   642  N N   . PHE B 1 21 ? -1.187  -13.615 -4.361  1.00 24.62 ? 22   PHE B N   1 
ATOM   643  C CA  . PHE B 1 21 ? 0.133   -14.167 -4.669  1.00 27.93 ? 22   PHE B CA  1 
ATOM   644  C C   . PHE B 1 21 ? 1.202   -13.235 -4.146  1.00 29.99 ? 22   PHE B C   1 
ATOM   645  O O   . PHE B 1 21 ? 1.013   -12.021 -4.121  1.00 29.19 ? 22   PHE B O   1 
ATOM   646  C CB  . PHE B 1 21 ? 0.346   -14.332 -6.185  1.00 28.84 ? 22   PHE B CB  1 
ATOM   647  C CG  . PHE B 1 21 ? -0.457  -15.451 -6.808  1.00 29.42 ? 22   PHE B CG  1 
ATOM   648  C CD1 . PHE B 1 21 ? -1.766  -15.242 -7.218  1.00 32.17 ? 22   PHE B CD1 1 
ATOM   649  C CD2 . PHE B 1 21 ? 0.097   -16.714 -6.976  1.00 31.47 ? 22   PHE B CD2 1 
ATOM   650  C CE1 . PHE B 1 21 ? -2.513  -16.270 -7.788  1.00 29.96 ? 22   PHE B CE1 1 
ATOM   651  C CE2 . PHE B 1 21 ? -0.656  -17.757 -7.551  1.00 31.16 ? 22   PHE B CE2 1 
ATOM   652  C CZ  . PHE B 1 21 ? -1.964  -17.516 -7.953  1.00 30.28 ? 22   PHE B CZ  1 
ATOM   653  N N   . LYS B 1 22 ? 2.336   -13.806 -3.759  1.00 30.20 ? 23   LYS B N   1 
ATOM   654  C CA  . LYS B 1 22 ? 3.435   -13.025 -3.215  1.00 32.64 ? 23   LYS B CA  1 
ATOM   655  C C   . LYS B 1 22 ? 4.758   -13.338 -3.932  1.00 32.79 ? 23   LYS B C   1 
ATOM   656  O O   . LYS B 1 22 ? 5.000   -14.479 -4.319  1.00 34.77 ? 23   LYS B O   1 
ATOM   657  C CB  . LYS B 1 22 ? 3.532   -13.327 -1.709  1.00 37.72 ? 23   LYS B CB  1 
ATOM   658  C CG  . LYS B 1 22 ? 4.926   -13.205 -1.083  1.00 45.30 ? 23   LYS B CG  1 
ATOM   659  C CD  . LYS B 1 22 ? 5.916   -14.341 -1.479  1.00 48.60 ? 23   LYS B CD  1 
ATOM   660  C CE  . LYS B 1 22 ? 5.657   -15.683 -0.764  1.00 50.19 ? 23   LYS B CE  1 
ATOM   661  N NZ  . LYS B 1 22 ? 5.094   -16.730 -1.673  1.00 45.50 ? 23   LYS B NZ  1 
ATOM   662  N N   . GLY B 1 23 ? 5.597   -12.325 -4.121  1.00 30.76 ? 24   GLY B N   1 
ATOM   663  C CA  . GLY B 1 23 ? 6.883   -12.544 -4.772  1.00 32.40 ? 24   GLY B CA  1 
ATOM   664  C C   . GLY B 1 23 ? 7.434   -11.267 -5.374  1.00 31.44 ? 24   GLY B C   1 
ATOM   665  O O   . GLY B 1 23 ? 6.941   -10.181 -5.081  1.00 31.18 ? 24   GLY B O   1 
ATOM   666  N N   . THR B 1 24 ? 8.466   -11.373 -6.205  1.00 31.15 ? 25   THR B N   1 
ATOM   667  C CA  . THR B 1 24 ? 8.977   -10.170 -6.849  1.00 31.62 ? 25   THR B CA  1 
ATOM   668  C C   . THR B 1 24 ? 7.848   -9.739  -7.790  1.00 32.18 ? 25   THR B C   1 
ATOM   669  O O   . THR B 1 24 ? 7.028   -10.561 -8.208  1.00 29.28 ? 25   THR B O   1 
ATOM   670  C CB  . THR B 1 24 ? 10.243  -10.451 -7.689  1.00 33.63 ? 25   THR B CB  1 
ATOM   671  O OG1 . THR B 1 24 ? 9.938   -11.424 -8.694  1.00 35.93 ? 25   THR B OG1 1 
ATOM   672  C CG2 . THR B 1 24 ? 11.366  -10.970 -6.815  1.00 35.06 ? 25   THR B CG2 1 
ATOM   673  N N   . LYS B 1 25 ? 7.801   -8.450  -8.097  1.00 32.11 ? 26   LYS B N   1 
ATOM   674  C CA  . LYS B 1 25 ? 6.787   -7.890  -8.976  1.00 34.27 ? 26   LYS B CA  1 
ATOM   675  C C   . LYS B 1 25 ? 6.626   -8.666  -10.301 1.00 32.23 ? 26   LYS B C   1 
ATOM   676  O O   . LYS B 1 25 ? 5.506   -8.968  -10.721 1.00 30.74 ? 26   LYS B O   1 
ATOM   677  C CB  . LYS B 1 25 ? 7.164   -6.425  -9.207  1.00 38.13 ? 26   LYS B CB  1 
ATOM   678  C CG  . LYS B 1 25 ? 6.567   -5.740  -10.390 1.00 45.03 ? 26   LYS B CG  1 
ATOM   679  C CD  . LYS B 1 25 ? 7.696   -5.059  -11.168 1.00 50.05 ? 26   LYS B CD  1 
ATOM   680  C CE  . LYS B 1 25 ? 8.583   -4.211  -10.248 1.00 51.72 ? 26   LYS B CE  1 
ATOM   681  N NZ  . LYS B 1 25 ? 9.926   -3.964  -10.851 1.00 52.32 ? 26   LYS B NZ  1 
ATOM   682  N N   . GLU B 1 26 ? 7.741   -8.991  -10.955 1.00 31.01 ? 27   GLU B N   1 
ATOM   683  C CA  . GLU B 1 26 ? 7.710   -9.732  -12.217 1.00 31.57 ? 27   GLU B CA  1 
ATOM   684  C C   . GLU B 1 26 ? 7.179   -11.150 -12.079 1.00 30.50 ? 27   GLU B C   1 
ATOM   685  O O   . GLU B 1 26 ? 6.368   -11.599 -12.891 1.00 29.26 ? 27   GLU B O   1 
ATOM   686  C CB  . GLU B 1 26 ? 9.119   -9.825  -12.836 1.00 34.29 ? 27   GLU B CB  1 
ATOM   687  C CG  . GLU B 1 26 ? 9.727   -8.495  -13.232 1.00 40.67 ? 27   GLU B CG  1 
ATOM   688  C CD  . GLU B 1 26 ? 10.441  -7.804  -12.081 1.00 45.93 ? 27   GLU B CD  1 
ATOM   689  O OE1 . GLU B 1 26 ? 10.346  -8.274  -10.920 1.00 47.60 ? 27   GLU B OE1 1 
ATOM   690  O OE2 . GLU B 1 26 ? 11.105  -6.780  -12.344 1.00 49.95 ? 27   GLU B OE2 1 
ATOM   691  N N   . LYS B 1 27 ? 7.652   -11.856 -11.060 1.00 30.62 ? 28   LYS B N   1 
ATOM   692  C CA  . LYS B 1 27 ? 7.266   -13.246 -10.830 1.00 31.54 ? 28   LYS B CA  1 
ATOM   693  C C   . LYS B 1 27 ? 5.827   -13.397 -10.367 1.00 29.09 ? 28   LYS B C   1 
ATOM   694  O O   . LYS B 1 27 ? 5.110   -14.271 -10.842 1.00 27.61 ? 28   LYS B O   1 
ATOM   695  C CB  . LYS B 1 27 ? 8.191   -13.890 -9.791  1.00 35.59 ? 28   LYS B CB  1 
ATOM   696  C CG  . LYS B 1 27 ? 8.100   -15.402 -9.745  1.00 42.94 ? 28   LYS B CG  1 
ATOM   697  C CD  . LYS B 1 27 ? 8.757   -16.035 -10.983 1.00 48.40 ? 28   LYS B CD  1 
ATOM   698  C CE  . LYS B 1 27 ? 10.278  -15.811 -11.009 1.00 50.30 ? 28   LYS B CE  1 
ATOM   699  N NZ  . LYS B 1 27 ? 10.931  -16.398 -12.233 1.00 51.65 ? 28   LYS B NZ  1 
ATOM   700  N N   . ALA B 1 28 ? 5.410   -12.548 -9.442  1.00 27.53 ? 29   ALA B N   1 
ATOM   701  C CA  . ALA B 1 28 ? 4.058   -12.604 -8.929  1.00 25.55 ? 29   ALA B CA  1 
ATOM   702  C C   . ALA B 1 28 ? 3.065   -12.272 -10.046 1.00 25.46 ? 29   ALA B C   1 
ATOM   703  O O   . ALA B 1 28 ? 2.017   -12.900 -10.163 1.00 23.68 ? 29   ALA B O   1 
ATOM   704  C CB  . ALA B 1 28 ? 3.909   -11.631 -7.762  1.00 27.40 ? 29   ALA B CB  1 
ATOM   705  N N   . LEU B 1 29 ? 3.397   -11.296 -10.882 1.00 24.21 ? 30   LEU B N   1 
ATOM   706  C CA  . LEU B 1 29 ? 2.490   -10.939 -11.964 1.00 26.67 ? 30   LEU B CA  1 
ATOM   707  C C   . LEU B 1 29 ? 2.306   -12.106 -12.934 1.00 27.28 ? 30   LEU B C   1 
ATOM   708  O O   . LEU B 1 29 ? 1.184   -12.407 -13.341 1.00 28.17 ? 30   LEU B O   1 
ATOM   709  C CB  . LEU B 1 29 ? 3.006   -9.711  -12.729 1.00 27.85 ? 30   LEU B CB  1 
ATOM   710  C CG  . LEU B 1 29 ? 2.166   -9.330  -13.957 1.00 33.32 ? 30   LEU B CG  1 
ATOM   711  C CD1 . LEU B 1 29 ? 0.789   -8.858  -13.488 1.00 35.22 ? 30   LEU B CD1 1 
ATOM   712  C CD2 . LEU B 1 29 ? 2.862   -8.223  -14.758 1.00 33.61 ? 30   LEU B CD2 1 
ATOM   713  N N   . SER B 1 30 ? 3.385   -12.790 -13.290 1.00 27.61 ? 31   SER B N   1 
ATOM   714  C CA  . SER B 1 30 ? 3.227   -13.886 -14.242 1.00 29.90 ? 31   SER B CA  1 
ATOM   715  C C   . SER B 1 30 ? 2.476   -15.073 -13.645 1.00 28.41 ? 31   SER B C   1 
ATOM   716  O O   . SER B 1 30 ? 1.789   -15.791 -14.368 1.00 25.89 ? 31   SER B O   1 
ATOM   717  C CB  . SER B 1 30 ? 4.582   -14.322 -14.810 1.00 32.90 ? 31   SER B CB  1 
ATOM   718  O OG  . SER B 1 30 ? 5.435   -14.814 -13.796 1.00 41.31 ? 31   SER B OG  1 
ATOM   719  N N   . GLU B 1 31 ? 2.577   -15.266 -12.331 1.00 26.02 ? 32   GLU B N   1 
ATOM   720  C CA  . GLU B 1 31 ? 1.844   -16.364 -11.707 1.00 26.33 ? 32   GLU B CA  1 
ATOM   721  C C   . GLU B 1 31 ? 0.356   -16.038 -11.669 1.00 25.60 ? 32   GLU B C   1 
ATOM   722  O O   . GLU B 1 31 ? -0.477  -16.932 -11.862 1.00 21.78 ? 32   GLU B O   1 
ATOM   723  C CB  . GLU B 1 31 ? 2.352   -16.637 -10.289 1.00 29.52 ? 32   GLU B CB  1 
ATOM   724  C CG  . GLU B 1 31 ? 3.757   -17.281 -10.242 1.00 34.74 ? 32   GLU B CG  1 
ATOM   725  C CD  . GLU B 1 31 ? 3.865   -18.552 -11.092 1.00 41.37 ? 32   GLU B CD  1 
ATOM   726  O OE1 . GLU B 1 31 ? 2.935   -19.394 -11.056 1.00 41.82 ? 32   GLU B OE1 1 
ATOM   727  O OE2 . GLU B 1 31 ? 4.890   -18.723 -11.800 1.00 45.41 ? 32   GLU B OE2 1 
ATOM   728  N N   . VAL B 1 32 ? 0.014   -14.778 -11.391 1.00 24.04 ? 33   VAL B N   1 
ATOM   729  C CA  . VAL B 1 32 ? -1.402  -14.405 -11.372 1.00 25.50 ? 33   VAL B CA  1 
ATOM   730  C C   . VAL B 1 32 ? -1.997  -14.549 -12.781 1.00 26.08 ? 33   VAL B C   1 
ATOM   731  O O   . VAL B 1 32 ? -3.136  -14.997 -12.943 1.00 23.89 ? 33   VAL B O   1 
ATOM   732  C CB  . VAL B 1 32 ? -1.627  -12.950 -10.874 1.00 27.49 ? 33   VAL B CB  1 
ATOM   733  C CG1 . VAL B 1 32 ? -3.125  -12.657 -10.813 1.00 30.61 ? 33   VAL B CG1 1 
ATOM   734  C CG2 . VAL B 1 32 ? -1.062  -12.796 -9.478  1.00 30.52 ? 33   VAL B CG2 1 
ATOM   735  N N   . LEU B 1 33 ? -1.233  -14.192 -13.809 1.00 25.96 ? 34   LEU B N   1 
ATOM   736  C CA  . LEU B 1 33 ? -1.759  -14.319 -15.176 1.00 27.05 ? 34   LEU B CA  1 
ATOM   737  C C   . LEU B 1 33 ? -1.852  -15.789 -15.584 1.00 27.95 ? 34   LEU B C   1 
ATOM   738  O O   . LEU B 1 33 ? -2.753  -16.178 -16.328 1.00 28.34 ? 34   LEU B O   1 
ATOM   739  C CB  . LEU B 1 33 ? -0.891  -13.528 -16.162 1.00 30.37 ? 34   LEU B CB  1 
ATOM   740  C CG  . LEU B 1 33 ? -0.903  -12.007 -15.949 1.00 32.21 ? 34   LEU B CG  1 
ATOM   741  C CD1 . LEU B 1 33 ? -0.075  -11.317 -17.008 1.00 32.91 ? 34   LEU B CD1 1 
ATOM   742  C CD2 . LEU B 1 33 ? -2.323  -11.502 -15.982 1.00 32.86 ? 34   LEU B CD2 1 
ATOM   743  N N   . ALA B 1 34 ? -0.926  -16.609 -15.103 1.00 25.12 ? 35   ALA B N   1 
ATOM   744  C CA  . ALA B 1 34 ? -0.965  -18.036 -15.399 1.00 27.44 ? 35   ALA B CA  1 
ATOM   745  C C   . ALA B 1 34 ? -2.212  -18.640 -14.751 1.00 27.32 ? 35   ALA B C   1 
ATOM   746  O O   . ALA B 1 34 ? -2.870  -19.506 -15.331 1.00 26.52 ? 35   ALA B O   1 
ATOM   747  C CB  . ALA B 1 34 ? 0.301   -18.738 -14.853 1.00 27.06 ? 35   ALA B CB  1 
ATOM   748  N N   . TYR B 1 35 ? -2.521  -18.201 -13.530 1.00 24.69 ? 36   TYR B N   1 
ATOM   749  C CA  . TYR B 1 35 ? -3.698  -18.696 -12.829 1.00 24.57 ? 36   TYR B CA  1 
ATOM   750  C C   . TYR B 1 35 ? -4.961  -18.305 -13.594 1.00 24.36 ? 36   TYR B C   1 
ATOM   751  O O   . TYR B 1 35 ? -5.865  -19.118 -13.803 1.00 22.35 ? 36   TYR B O   1 
ATOM   752  C CB  . TYR B 1 35 ? -3.753  -18.120 -11.407 1.00 24.05 ? 36   TYR B CB  1 
ATOM   753  C CG  . TYR B 1 35 ? -4.909  -18.632 -10.597 1.00 25.76 ? 36   TYR B CG  1 
ATOM   754  C CD1 . TYR B 1 35 ? -5.036  -19.994 -10.298 1.00 29.76 ? 36   TYR B CD1 1 
ATOM   755  C CD2 . TYR B 1 35 ? -5.886  -17.764 -10.130 1.00 27.97 ? 36   TYR B CD2 1 
ATOM   756  C CE1 . TYR B 1 35 ? -6.114  -20.470 -9.551  1.00 31.07 ? 36   TYR B CE1 1 
ATOM   757  C CE2 . TYR B 1 35 ? -6.970  -18.234 -9.384  1.00 31.13 ? 36   TYR B CE2 1 
ATOM   758  C CZ  . TYR B 1 35 ? -7.074  -19.577 -9.102  1.00 31.57 ? 36   TYR B CZ  1 
ATOM   759  O OH  . TYR B 1 35 ? -8.139  -20.009 -8.342  1.00 38.86 ? 36   TYR B OH  1 
ATOM   760  N N   . ALA B 1 36 ? -5.016  -17.052 -14.022 1.00 22.28 ? 37   ALA B N   1 
ATOM   761  C CA  . ALA B 1 36 ? -6.180  -16.571 -14.766 1.00 24.88 ? 37   ALA B CA  1 
ATOM   762  C C   . ALA B 1 36 ? -6.343  -17.351 -16.082 1.00 23.63 ? 37   ALA B C   1 
ATOM   763  O O   . ALA B 1 36 ? -7.470  -17.638 -16.495 1.00 25.83 ? 37   ALA B O   1 
ATOM   764  C CB  . ALA B 1 36 ? -6.042  -15.066 -15.044 1.00 23.63 ? 37   ALA B CB  1 
ATOM   765  N N   . ASP B 1 37 ? -5.231  -17.690 -16.734 1.00 24.44 ? 38   ASP B N   1 
ATOM   766  C CA  . ASP B 1 37 ? -5.289  -18.457 -17.975 1.00 25.91 ? 38   ASP B CA  1 
ATOM   767  C C   . ASP B 1 37 ? -5.828  -19.881 -17.730 1.00 29.02 ? 38   ASP B C   1 
ATOM   768  O O   . ASP B 1 37 ? -6.494  -20.454 -18.600 1.00 30.87 ? 38   ASP B O   1 
ATOM   769  C CB  . ASP B 1 37 ? -3.917  -18.513 -18.645 1.00 26.09 ? 38   ASP B CB  1 
ATOM   770  C CG  . ASP B 1 37 ? -3.620  -17.271 -19.477 1.00 28.75 ? 38   ASP B CG  1 
ATOM   771  O OD1 . ASP B 1 37 ? -4.565  -16.510 -19.737 1.00 30.39 ? 38   ASP B OD1 1 
ATOM   772  O OD2 . ASP B 1 37 ? -2.456  -17.066 -19.891 1.00 30.30 ? 38   ASP B OD2 1 
ATOM   773  N N   . THR B 1 38 ? -5.583  -20.454 -16.558 1.00 27.24 ? 39   THR B N   1 
ATOM   774  C CA  . THR B 1 38 ? -6.099  -21.807 -16.298 1.00 28.51 ? 39   THR B CA  1 
ATOM   775  C C   . THR B 1 38 ? -7.610  -21.776 -16.145 1.00 28.56 ? 39   THR B C   1 
ATOM   776  O O   . THR B 1 38 ? -8.282  -22.765 -16.416 1.00 29.37 ? 39   THR B O   1 
ATOM   777  C CB  . THR B 1 38 ? -5.532  -22.450 -15.005 1.00 27.97 ? 39   THR B CB  1 
ATOM   778  O OG1 . THR B 1 38 ? -6.066  -21.772 -13.857 1.00 32.02 ? 39   THR B OG1 1 
ATOM   779  C CG2 . THR B 1 38 ? -4.041  -22.396 -14.995 1.00 28.91 ? 39   THR B CG2 1 
ATOM   780  N N   . LEU B 1 39 ? -8.139  -20.638 -15.712 1.00 27.92 ? 40   LEU B N   1 
ATOM   781  C CA  . LEU B 1 39 ? -9.571  -20.477 -15.517 1.00 31.46 ? 40   LEU B CA  1 
ATOM   782  C C   . LEU B 1 39 ? -10.333 -20.195 -16.821 1.00 32.52 ? 40   LEU B C   1 
ATOM   783  O O   . LEU B 1 39 ? -11.556 -20.306 -16.858 1.00 31.27 ? 40   LEU B O   1 
ATOM   784  C CB  . LEU B 1 39 ? -9.847  -19.332 -14.532 1.00 30.35 ? 40   LEU B CB  1 
ATOM   785  C CG  . LEU B 1 39 ? -9.438  -19.515 -13.074 1.00 30.77 ? 40   LEU B CG  1 
ATOM   786  C CD1 . LEU B 1 39 ? -9.743  -18.241 -12.291 1.00 31.56 ? 40   LEU B CD1 1 
ATOM   787  C CD2 . LEU B 1 39 ? -10.204 -20.701 -12.480 1.00 31.55 ? 40   LEU B CD2 1 
ATOM   788  N N   . LYS B 1 40 ? -9.612  -19.817 -17.871 1.00 34.70 ? 41   LYS B N   1 
ATOM   789  C CA  . LYS B 1 40 ? -10.231 -19.511 -19.160 1.00 38.45 ? 41   LYS B CA  1 
ATOM   790  C C   . LYS B 1 40 ? -11.063 -20.648 -19.735 1.00 40.03 ? 41   LYS B C   1 
ATOM   791  O O   . LYS B 1 40 ? -12.101 -20.407 -20.340 1.00 39.57 ? 41   LYS B O   1 
ATOM   792  C CB  . LYS B 1 40 ? -9.168  -19.144 -20.200 1.00 41.53 ? 41   LYS B CB  1 
ATOM   793  C CG  . LYS B 1 40 ? -8.599  -17.747 -20.064 1.00 45.72 ? 41   LYS B CG  1 
ATOM   794  C CD  . LYS B 1 40 ? -7.410  -17.537 -21.009 1.00 48.41 ? 41   LYS B CD  1 
ATOM   795  C CE  . LYS B 1 40 ? -7.810  -17.629 -22.466 1.00 50.30 ? 41   LYS B CE  1 
ATOM   796  N NZ  . LYS B 1 40 ? -6.621  -17.477 -23.360 1.00 53.16 ? 41   LYS B NZ  1 
ATOM   797  N N   . LYS B 1 41 ? -10.601 -21.883 -19.559 1.00 42.66 ? 42   LYS B N   1 
ATOM   798  C CA  . LYS B 1 41 ? -11.308 -23.046 -20.105 1.00 44.61 ? 42   LYS B CA  1 
ATOM   799  C C   . LYS B 1 41 ? -12.772 -23.122 -19.710 1.00 44.30 ? 42   LYS B C   1 
ATOM   800  O O   . LYS B 1 41 ? -13.644 -23.289 -20.568 1.00 45.60 ? 42   LYS B O   1 
ATOM   801  C CB  . LYS B 1 41 ? -10.615 -24.354 -19.699 1.00 47.46 ? 42   LYS B CB  1 
ATOM   802  C CG  . LYS B 1 41 ? -11.204 -25.603 -20.380 1.00 51.37 ? 42   LYS B CG  1 
ATOM   803  C CD  . LYS B 1 41 ? -11.908 -26.565 -19.401 1.00 54.44 ? 42   LYS B CD  1 
ATOM   804  C CE  . LYS B 1 41 ? -11.029 -27.765 -19.020 1.00 56.45 ? 42   LYS B CE  1 
ATOM   805  N NZ  . LYS B 1 41 ? -11.753 -28.777 -18.175 1.00 57.17 ? 42   LYS B NZ  1 
ATOM   806  N N   . ASP B 1 42 ? -13.055 -22.983 -18.420 1.00 41.21 ? 43   ASP B N   1 
ATOM   807  C CA  . ASP B 1 42 ? -14.431 -23.062 -17.968 1.00 39.90 ? 43   ASP B CA  1 
ATOM   808  C C   . ASP B 1 42 ? -15.127 -21.723 -17.802 1.00 38.83 ? 43   ASP B C   1 
ATOM   809  O O   . ASP B 1 42 ? -16.355 -21.675 -17.692 1.00 39.93 ? 43   ASP B O   1 
ATOM   810  C CB  . ASP B 1 42 ? -14.510 -23.803 -16.628 1.00 42.26 ? 43   ASP B CB  1 
ATOM   811  C CG  . ASP B 1 42 ? -13.917 -25.189 -16.690 1.00 42.96 ? 43   ASP B CG  1 
ATOM   812  O OD1 . ASP B 1 42 ? -14.224 -25.926 -17.649 1.00 44.64 ? 43   ASP B OD1 1 
ATOM   813  O OD2 . ASP B 1 42 ? -13.153 -25.546 -15.771 1.00 43.20 ? 43   ASP B OD2 1 
ATOM   814  N N   . ASN B 1 43 ? -14.371 -20.633 -17.822 1.00 34.59 ? 44   ASN B N   1 
ATOM   815  C CA  . ASN B 1 43 ? -14.986 -19.342 -17.573 1.00 34.59 ? 44   ASN B CA  1 
ATOM   816  C C   . ASN B 1 43 ? -14.930 -18.281 -18.657 1.00 33.21 ? 44   ASN B C   1 
ATOM   817  O O   . ASN B 1 43 ? -15.535 -17.215 -18.513 1.00 33.53 ? 44   ASN B O   1 
ATOM   818  C CB  . ASN B 1 43 ? -14.416 -18.825 -16.260 1.00 33.98 ? 44   ASN B CB  1 
ATOM   819  C CG  . ASN B 1 43 ? -14.653 -19.808 -15.139 1.00 35.21 ? 44   ASN B CG  1 
ATOM   820  O OD1 . ASN B 1 43 ? -15.774 -19.933 -14.655 1.00 35.73 ? 44   ASN B OD1 1 
ATOM   821  N ND2 . ASN B 1 43 ? -13.618 -20.552 -14.760 1.00 32.14 ? 44   ASN B ND2 1 
ATOM   822  N N   . GLY B 1 44 ? -14.213 -18.581 -19.738 1.00 33.34 ? 45   GLY B N   1 
ATOM   823  C CA  . GLY B 1 44 ? -14.123 -17.658 -20.853 1.00 33.21 ? 45   GLY B CA  1 
ATOM   824  C C   . GLY B 1 44 ? -12.925 -16.725 -20.796 1.00 32.39 ? 45   GLY B C   1 
ATOM   825  O O   . GLY B 1 44 ? -12.125 -16.793 -19.861 1.00 32.03 ? 45   GLY B O   1 
ATOM   826  N N   . GLU B 1 45 ? -12.803 -15.865 -21.807 1.00 31.35 ? 46   GLU B N   1 
ATOM   827  C CA  . GLU B 1 45 ? -11.704 -14.889 -21.890 1.00 31.77 ? 46   GLU B CA  1 
ATOM   828  C C   . GLU B 1 45 ? -11.809 -13.850 -20.772 1.00 29.51 ? 46   GLU B C   1 
ATOM   829  O O   . GLU B 1 45 ? -12.912 -13.511 -20.326 1.00 26.82 ? 46   GLU B O   1 
ATOM   830  C CB  . GLU B 1 45 ? -11.742 -14.164 -23.236 1.00 33.90 ? 46   GLU B CB  1 
ATOM   831  C CG  . GLU B 1 45 ? -11.571 -15.080 -24.431 1.00 41.68 ? 46   GLU B CG  1 
ATOM   832  C CD  . GLU B 1 45 ? -10.172 -15.655 -24.520 1.00 46.07 ? 46   GLU B CD  1 
ATOM   833  O OE1 . GLU B 1 45 ? -9.265  -15.139 -23.828 1.00 49.48 ? 46   GLU B OE1 1 
ATOM   834  O OE2 . GLU B 1 45 ? -9.976  -16.620 -25.288 1.00 50.72 ? 46   GLU B OE2 1 
ATOM   835  N N   . TRP B 1 46 ? -10.662 -13.330 -20.336 1.00 27.21 ? 47   TRP B N   1 
ATOM   836  C CA  . TRP B 1 46 ? -10.660 -12.345 -19.259 1.00 28.54 ? 47   TRP B CA  1 
ATOM   837  C C   . TRP B 1 46 ? -10.093 -10.992 -19.657 1.00 26.58 ? 47   TRP B C   1 
ATOM   838  O O   . TRP B 1 46 ? -9.410  -10.859 -20.673 1.00 27.31 ? 47   TRP B O   1 
ATOM   839  C CB  . TRP B 1 46 ? -9.862  -12.873 -18.034 1.00 28.67 ? 47   TRP B CB  1 
ATOM   840  C CG  . TRP B 1 46 ? -8.454  -13.395 -18.325 1.00 29.17 ? 47   TRP B CG  1 
ATOM   841  C CD1 . TRP B 1 46 ? -8.063  -14.709 -18.413 1.00 29.75 ? 47   TRP B CD1 1 
ATOM   842  C CD2 . TRP B 1 46 ? -7.264  -12.613 -18.544 1.00 28.58 ? 47   TRP B CD2 1 
ATOM   843  N NE1 . TRP B 1 46 ? -6.710  -14.788 -18.669 1.00 28.90 ? 47   TRP B NE1 1 
ATOM   844  C CE2 . TRP B 1 46 ? -6.195  -13.520 -18.754 1.00 28.50 ? 47   TRP B CE2 1 
ATOM   845  C CE3 . TRP B 1 46 ? -7.001  -11.234 -18.590 1.00 29.24 ? 47   TRP B CE3 1 
ATOM   846  C CZ2 . TRP B 1 46 ? -4.881  -13.097 -19.003 1.00 26.92 ? 47   TRP B CZ2 1 
ATOM   847  C CZ3 . TRP B 1 46 ? -5.686  -10.812 -18.846 1.00 30.67 ? 47   TRP B CZ3 1 
ATOM   848  C CH2 . TRP B 1 46 ? -4.647  -11.746 -19.045 1.00 30.44 ? 47   TRP B CH2 1 
ATOM   849  N N   . THR B 1 47 ? -10.410 -9.983  -18.855 1.00 26.20 ? 48   THR B N   1 
ATOM   850  C CA  . THR B 1 47 ? -9.858  -8.654  -19.045 1.00 26.31 ? 48   THR B CA  1 
ATOM   851  C C   . THR B 1 47 ? -9.343  -8.280  -17.656 1.00 27.17 ? 48   THR B C   1 
ATOM   852  O O   . THR B 1 47 ? -9.841  -8.785  -16.639 1.00 27.78 ? 48   THR B O   1 
ATOM   853  C CB  . THR B 1 47 ? -10.911 -7.624  -19.479 1.00 29.37 ? 48   THR B CB  1 
ATOM   854  O OG1 . THR B 1 47 ? -11.925 -7.520  -18.475 1.00 32.77 ? 48   THR B OG1 1 
ATOM   855  C CG2 . THR B 1 47 ? -11.543 -8.036  -20.793 1.00 29.99 ? 48   THR B CG2 1 
ATOM   856  N N   . ILE B 1 48 ? -8.341  -7.420  -17.602 1.00 24.04 ? 49   ILE B N   1 
ATOM   857  C CA  . ILE B 1 48 ? -7.795  -7.016  -16.314 1.00 22.89 ? 49   ILE B CA  1 
ATOM   858  C C   . ILE B 1 48 ? -7.584  -5.518  -16.207 1.00 23.07 ? 49   ILE B C   1 
ATOM   859  O O   . ILE B 1 48 ? -7.244  -4.864  -17.192 1.00 21.51 ? 49   ILE B O   1 
ATOM   860  C CB  . ILE B 1 48 ? -6.415  -7.703  -16.077 1.00 26.29 ? 49   ILE B CB  1 
ATOM   861  C CG1 . ILE B 1 48 ? -6.596  -9.212  -15.901 1.00 26.76 ? 49   ILE B CG1 1 
ATOM   862  C CG2 . ILE B 1 48 ? -5.735  -7.122  -14.846 1.00 29.97 ? 49   ILE B CG2 1 
ATOM   863  C CD1 . ILE B 1 48 ? -5.298  -9.946  -15.564 1.00 33.43 ? 49   ILE B CD1 1 
ATOM   864  N N   . ASP B 1 49 ? -7.819  -4.964  -15.016 1.00 23.62 ? 50   ASP B N   1 
ATOM   865  C CA  . ASP B 1 49 ? -7.508  -3.559  -14.768 1.00 25.29 ? 50   ASP B CA  1 
ATOM   866  C C   . ASP B 1 49 ? -6.771  -3.559  -13.423 1.00 24.96 ? 50   ASP B C   1 
ATOM   867  O O   . ASP B 1 49 ? -6.795  -4.552  -12.695 1.00 22.83 ? 50   ASP B O   1 
ATOM   868  C CB  . ASP B 1 49 ? -8.744  -2.644  -14.771 1.00 27.93 ? 50   ASP B CB  1 
ATOM   869  C CG  . ASP B 1 49 ? -9.824  -3.110  -13.838 1.00 31.03 ? 50   ASP B CG  1 
ATOM   870  O OD1 . ASP B 1 49 ? -9.581  -3.115  -12.627 1.00 30.14 ? 50   ASP B OD1 1 
ATOM   871  O OD2 . ASP B 1 49 ? -10.922 -3.471  -14.327 1.00 34.55 ? 50   ASP B OD2 1 
ATOM   872  N N   . LYS B 1 50 ? -6.126  -2.458  -13.085 1.00 23.14 ? 51   LYS B N   1 
ATOM   873  C CA  . LYS B 1 50 ? -5.293  -2.454  -11.892 1.00 24.27 ? 51   LYS B CA  1 
ATOM   874  C C   . LYS B 1 50 ? -5.331  -1.190  -11.071 1.00 24.76 ? 51   LYS B C   1 
ATOM   875  O O   . LYS B 1 50 ? -5.598  -0.118  -11.602 1.00 26.04 ? 51   LYS B O   1 
ATOM   876  C CB  . LYS B 1 50 ? -3.838  -2.688  -12.359 1.00 26.60 ? 51   LYS B CB  1 
ATOM   877  C CG  . LYS B 1 50 ? -2.741  -2.595  -11.271 1.00 27.31 ? 51   LYS B CG  1 
ATOM   878  C CD  . LYS B 1 50 ? -1.395  -3.072  -11.821 1.00 31.69 ? 51   LYS B CD  1 
ATOM   879  C CE  . LYS B 1 50 ? -0.703  -2.029  -12.692 1.00 31.51 ? 51   LYS B CE  1 
ATOM   880  N NZ  . LYS B 1 50 ? -0.322  -0.805  -11.920 1.00 38.02 ? 51   LYS B NZ  1 
ATOM   881  N N   . ARG B 1 51 ? -5.070  -1.320  -9.773  1.00 24.73 ? 52   ARG B N   1 
ATOM   882  C CA  . ARG B 1 51 ? -4.930  -0.145  -8.905  1.00 25.65 ? 52   ARG B CA  1 
ATOM   883  C C   . ARG B 1 51 ? -3.961  -0.607  -7.830  1.00 26.59 ? 52   ARG B C   1 
ATOM   884  O O   . ARG B 1 51 ? -3.786  -1.811  -7.619  1.00 25.20 ? 52   ARG B O   1 
ATOM   885  C CB  . ARG B 1 51 ? -6.264  0.339   -8.291  1.00 25.91 ? 52   ARG B CB  1 
ATOM   886  C CG  . ARG B 1 51 ? -6.848  -0.454  -7.112  1.00 26.09 ? 52   ARG B CG  1 
ATOM   887  C CD  . ARG B 1 51 ? -7.734  -1.609  -7.564  1.00 23.22 ? 52   ARG B CD  1 
ATOM   888  N NE  . ARG B 1 51 ? -8.726  -1.185  -8.557  1.00 26.96 ? 52   ARG B NE  1 
ATOM   889  C CZ  . ARG B 1 51 ? -8.939  -1.776  -9.730  1.00 28.32 ? 52   ARG B CZ  1 
ATOM   890  N NH1 . ARG B 1 51 ? -8.224  -2.858  -10.101 1.00 23.07 ? 52   ARG B NH1 1 
ATOM   891  N NH2 . ARG B 1 51 ? -9.867  -1.275  -10.545 1.00 25.98 ? 52   ARG B NH2 1 
ATOM   892  N N   . VAL B 1 52 ? -3.291  0.337   -7.183  1.00 24.80 ? 53   VAL B N   1 
ATOM   893  C CA  . VAL B 1 52 ? -2.343  -0.016  -6.143  1.00 27.81 ? 53   VAL B CA  1 
ATOM   894  C C   . VAL B 1 52 ? -2.805  0.690   -4.896  1.00 28.14 ? 53   VAL B C   1 
ATOM   895  O O   . VAL B 1 52 ? -2.870  1.914   -4.869  1.00 27.53 ? 53   VAL B O   1 
ATOM   896  C CB  . VAL B 1 52 ? -0.928  0.448   -6.500  1.00 28.93 ? 53   VAL B CB  1 
ATOM   897  C CG1 . VAL B 1 52 ? 0.054   0.052   -5.389  1.00 31.17 ? 53   VAL B CG1 1 
ATOM   898  C CG2 . VAL B 1 52 ? -0.519  -0.184  -7.826  1.00 31.28 ? 53   VAL B CG2 1 
ATOM   899  N N   . THR B 1 53 ? -3.130  -0.089  -3.873  1.00 27.94 ? 54   THR B N   1 
ATOM   900  C CA  . THR B 1 53 ? -3.630  0.454   -2.619  1.00 29.30 ? 54   THR B CA  1 
ATOM   901  C C   . THR B 1 53 ? -2.757  0.060   -1.431  1.00 31.63 ? 54   THR B C   1 
ATOM   902  O O   . THR B 1 53 ? -2.677  -1.112  -1.074  1.00 28.50 ? 54   THR B O   1 
ATOM   903  C CB  . THR B 1 53 ? -5.059  -0.028  -2.403  1.00 31.36 ? 54   THR B CB  1 
ATOM   904  O OG1 . THR B 1 53 ? -5.856  0.427   -3.506  1.00 29.74 ? 54   THR B OG1 1 
ATOM   905  C CG2 . THR B 1 53 ? -5.638  0.526   -1.097  1.00 30.36 ? 54   THR B CG2 1 
ATOM   906  N N   . ASN B 1 54 ? -2.093  1.052   -0.835  1.00 34.14 ? 55   ASN B N   1 
ATOM   907  C CA  . ASN B 1 54 ? -1.205  0.797   0.302   1.00 35.91 ? 55   ASN B CA  1 
ATOM   908  C C   . ASN B 1 54 ? -0.143  -0.239  -0.088  1.00 35.57 ? 55   ASN B C   1 
ATOM   909  O O   . ASN B 1 54 ? 0.067   -1.222  0.615   1.00 36.20 ? 55   ASN B O   1 
ATOM   910  C CB  . ASN B 1 54 ? -2.020  0.298   1.496   1.00 37.80 ? 55   ASN B CB  1 
ATOM   911  C CG  . ASN B 1 54 ? -2.886  1.390   2.109   1.00 41.15 ? 55   ASN B CG  1 
ATOM   912  O OD1 . ASN B 1 54 ? -3.907  1.108   2.748   1.00 44.99 ? 55   ASN B OD1 1 
ATOM   913  N ND2 . ASN B 1 54 ? -2.475  2.643   1.930   1.00 40.80 ? 55   ASN B ND2 1 
ATOM   914  N N   . GLY B 1 55 ? 0.508   -0.018  -1.227  1.00 34.20 ? 56   GLY B N   1 
ATOM   915  C CA  . GLY B 1 55 ? 1.540   -0.938  -1.685  1.00 33.78 ? 56   GLY B CA  1 
ATOM   916  C C   . GLY B 1 55 ? 1.069   -2.295  -2.204  1.00 33.26 ? 56   GLY B C   1 
ATOM   917  O O   . GLY B 1 55 ? 1.888   -3.103  -2.644  1.00 36.31 ? 56   GLY B O   1 
ATOM   918  N N   . VAL B 1 56 ? -0.233  -2.568  -2.154  1.00 29.48 ? 57   VAL B N   1 
ATOM   919  C CA  . VAL B 1 56 ? -0.736  -3.852  -2.639  1.00 28.54 ? 57   VAL B CA  1 
ATOM   920  C C   . VAL B 1 56 ? -1.292  -3.664  -4.048  1.00 26.50 ? 57   VAL B C   1 
ATOM   921  O O   . VAL B 1 56 ? -2.073  -2.753  -4.290  1.00 24.99 ? 57   VAL B O   1 
ATOM   922  C CB  . VAL B 1 56 ? -1.845  -4.395  -1.725  1.00 29.94 ? 57   VAL B CB  1 
ATOM   923  C CG1 . VAL B 1 56 ? -2.365  -5.729  -2.279  1.00 33.22 ? 57   VAL B CG1 1 
ATOM   924  C CG2 . VAL B 1 56 ? -1.312  -4.566  -0.277  1.00 31.62 ? 57   VAL B CG2 1 
ATOM   925  N N   . ILE B 1 57 ? -0.864  -4.504  -4.983  1.00 25.10 ? 58   ILE B N   1 
ATOM   926  C CA  . ILE B 1 57 ? -1.356  -4.412  -6.361  1.00 24.18 ? 58   ILE B CA  1 
ATOM   927  C C   . ILE B 1 57 ? -2.672  -5.174  -6.370  1.00 24.15 ? 58   ILE B C   1 
ATOM   928  O O   . ILE B 1 57 ? -2.714  -6.347  -6.014  1.00 26.70 ? 58   ILE B O   1 
ATOM   929  C CB  . ILE B 1 57 ? -0.366  -5.071  -7.340  1.00 24.26 ? 58   ILE B CB  1 
ATOM   930  C CG1 . ILE B 1 57 ? 0.969   -4.312  -7.312  1.00 26.55 ? 58   ILE B CG1 1 
ATOM   931  C CG2 . ILE B 1 57 ? -0.939  -5.069  -8.778  1.00 24.83 ? 58   ILE B CG2 1 
ATOM   932  C CD1 . ILE B 1 57 ? 2.074   -5.028  -8.063  1.00 29.48 ? 58   ILE B CD1 1 
ATOM   933  N N   . ILE B 1 58 ? -3.757  -4.503  -6.750  1.00 22.83 ? 59   ILE B N   1 
ATOM   934  C CA  . ILE B 1 58 ? -5.066  -5.142  -6.770  1.00 21.54 ? 59   ILE B CA  1 
ATOM   935  C C   . ILE B 1 58 ? -5.553  -5.189  -8.198  1.00 21.40 ? 59   ILE B C   1 
ATOM   936  O O   . ILE B 1 58 ? -5.664  -4.159  -8.859  1.00 23.17 ? 59   ILE B O   1 
ATOM   937  C CB  . ILE B 1 58 ? -6.071  -4.359  -5.911  1.00 21.78 ? 59   ILE B CB  1 
ATOM   938  C CG1 . ILE B 1 58 ? -5.539  -4.259  -4.471  1.00 22.10 ? 59   ILE B CG1 1 
ATOM   939  C CG2 . ILE B 1 58 ? -7.434  -5.047  -5.939  1.00 24.00 ? 59   ILE B CG2 1 
ATOM   940  C CD1 . ILE B 1 58 ? -6.477  -3.567  -3.485  1.00 24.05 ? 59   ILE B CD1 1 
ATOM   941  N N   . LEU B 1 59 ? -5.812  -6.390  -8.679  1.00 22.28 ? 60   LEU B N   1 
ATOM   942  C CA  . LEU B 1 59 ? -6.263  -6.578  -10.043 1.00 23.71 ? 60   LEU B CA  1 
ATOM   943  C C   . LEU B 1 59 ? -7.700  -7.069  -10.071 1.00 24.16 ? 60   LEU B C   1 
ATOM   944  O O   . LEU B 1 59 ? -8.080  -7.929  -9.271  1.00 25.85 ? 60   LEU B O   1 
ATOM   945  C CB  . LEU B 1 59 ? -5.407  -7.646  -10.717 1.00 24.12 ? 60   LEU B CB  1 
ATOM   946  C CG  . LEU B 1 59 ? -3.902  -7.459  -10.813 1.00 23.25 ? 60   LEU B CG  1 
ATOM   947  C CD1 . LEU B 1 59 ? -3.307  -8.734  -11.379 1.00 28.15 ? 60   LEU B CD1 1 
ATOM   948  C CD2 . LEU B 1 59 ? -3.567  -6.268  -11.708 1.00 26.24 ? 60   LEU B CD2 1 
ATOM   949  N N   . ASN B 1 60 ? -8.496  -6.532  -10.987 1.00 21.72 ? 61   ASN B N   1 
ATOM   950  C CA  . ASN B 1 60 ? -9.851  -7.031  -11.157 1.00 22.07 ? 61   ASN B CA  1 
ATOM   951  C C   . ASN B 1 60 ? -9.722  -7.835  -12.463 1.00 21.40 ? 61   ASN B C   1 
ATOM   952  O O   . ASN B 1 60 ? -9.315  -7.294  -13.481 1.00 22.84 ? 61   ASN B O   1 
ATOM   953  C CB  . ASN B 1 60 ? -10.871 -5.902  -11.365 1.00 23.90 ? 61   ASN B CB  1 
ATOM   954  C CG  . ASN B 1 60 ? -11.294 -5.225  -10.065 1.00 27.26 ? 61   ASN B CG  1 
ATOM   955  O OD1 . ASN B 1 60 ? -11.159 -5.782  -8.979  1.00 28.29 ? 61   ASN B OD1 1 
ATOM   956  N ND2 . ASN B 1 60 ? -11.829 -4.012  -10.185 1.00 26.94 ? 61   ASN B ND2 1 
ATOM   957  N N   . ILE B 1 61 ? -10.047 -9.119  -12.412 1.00 21.66 ? 62   ILE B N   1 
ATOM   958  C CA  . ILE B 1 61 ? -9.967  -9.997  -13.575 1.00 20.89 ? 62   ILE B CA  1 
ATOM   959  C C   . ILE B 1 61 ? -11.403 -10.444 -13.841 1.00 23.91 ? 62   ILE B C   1 
ATOM   960  O O   . ILE B 1 61 ? -11.976 -11.210 -13.058 1.00 24.51 ? 62   ILE B O   1 
ATOM   961  C CB  . ILE B 1 61 ? -9.092  -11.240 -13.275 1.00 20.26 ? 62   ILE B CB  1 
ATOM   962  C CG1 . ILE B 1 61 ? -7.762  -10.791 -12.654 1.00 23.92 ? 62   ILE B CG1 1 
ATOM   963  C CG2 . ILE B 1 61 ? -8.856  -12.048 -14.576 1.00 21.48 ? 62   ILE B CG2 1 
ATOM   964  C CD1 . ILE B 1 61 ? -6.743  -11.932 -12.414 1.00 25.28 ? 62   ILE B CD1 1 
ATOM   965  N N   . LYS B 1 62 ? -11.973 -9.954  -14.936 1.00 24.65 ? 63   LYS B N   1 
ATOM   966  C CA  . LYS B 1 62 ? -13.362 -10.248 -15.303 1.00 27.68 ? 63   LYS B CA  1 
ATOM   967  C C   . LYS B 1 62 ? -13.447 -11.259 -16.433 1.00 27.68 ? 63   LYS B C   1 
ATOM   968  O O   . LYS B 1 62 ? -12.830 -11.065 -17.476 1.00 27.83 ? 63   LYS B O   1 
ATOM   969  C CB  . LYS B 1 62 ? -14.064 -8.971  -15.757 1.00 31.25 ? 63   LYS B CB  1 
ATOM   970  C CG  . LYS B 1 62 ? -14.136 -7.859  -14.714 1.00 36.68 ? 63   LYS B CG  1 
ATOM   971  C CD  . LYS B 1 62 ? -12.791 -7.174  -14.532 1.00 43.26 ? 63   LYS B CD  1 
ATOM   972  C CE  . LYS B 1 62 ? -12.349 -6.501  -15.836 1.00 43.49 ? 63   LYS B CE  1 
ATOM   973  N NZ  . LYS B 1 62 ? -11.022 -5.873  -15.724 1.00 39.21 ? 63   LYS B NZ  1 
ATOM   974  N N   . PHE B 1 63 ? -14.235 -12.312 -16.238 1.00 27.72 ? 64   PHE B N   1 
ATOM   975  C CA  . PHE B 1 63 ? -14.361 -13.350 -17.250 1.00 29.38 ? 64   PHE B CA  1 
ATOM   976  C C   . PHE B 1 63 ? -15.679 -13.192 -18.021 1.00 31.94 ? 64   PHE B C   1 
ATOM   977  O O   . PHE B 1 63 ? -16.720 -12.896 -17.445 1.00 33.47 ? 64   PHE B O   1 
ATOM   978  C CB  . PHE B 1 63 ? -14.265 -14.735 -16.606 1.00 28.76 ? 64   PHE B CB  1 
ATOM   979  C CG  . PHE B 1 63 ? -12.939 -15.008 -15.938 1.00 26.15 ? 64   PHE B CG  1 
ATOM   980  C CD1 . PHE B 1 63 ? -12.652 -14.497 -14.675 1.00 28.65 ? 64   PHE B CD1 1 
ATOM   981  C CD2 . PHE B 1 63 ? -11.980 -15.780 -16.577 1.00 28.15 ? 64   PHE B CD2 1 
ATOM   982  C CE1 . PHE B 1 63 ? -11.414 -14.761 -14.063 1.00 25.17 ? 64   PHE B CE1 1 
ATOM   983  C CE2 . PHE B 1 63 ? -10.737 -16.053 -15.977 1.00 25.72 ? 64   PHE B CE2 1 
ATOM   984  C CZ  . PHE B 1 63 ? -10.452 -15.547 -14.727 1.00 26.75 ? 64   PHE B CZ  1 
ATOM   985  N N   . ALA B 1 64 ? -15.606 -13.380 -19.332 1.00 35.00 ? 65   ALA B N   1 
ATOM   986  C CA  . ALA B 1 64 ? -16.759 -13.212 -20.219 1.00 37.99 ? 65   ALA B CA  1 
ATOM   987  C C   . ALA B 1 64 ? -17.750 -14.358 -20.192 1.00 39.72 ? 65   ALA B C   1 
ATOM   988  O O   . ALA B 1 64 ? -18.931 -14.169 -20.488 1.00 42.32 ? 65   ALA B O   1 
ATOM   989  C CB  . ALA B 1 64 ? -16.272 -12.990 -21.640 1.00 36.75 ? 65   ALA B CB  1 
ATOM   990  N N   . GLY B 1 65 ? -17.271 -15.544 -19.845 1.00 42.56 ? 66   GLY B N   1 
ATOM   991  C CA  . GLY B 1 65 ? -18.131 -16.710 -19.803 1.00 45.97 ? 66   GLY B CA  1 
ATOM   992  C C   . GLY B 1 65 ? -18.075 -17.479 -21.108 1.00 48.81 ? 66   GLY B C   1 
ATOM   993  O O   . GLY B 1 65 ? -17.688 -16.883 -22.139 1.00 49.85 ? 66   GLY B O   1 
ATOM   994  O OXT . GLY B 1 65 ? -18.426 -18.680 -21.106 1.00 52.69 ? 66   GLY B OXT 1 
HETATM 995  O O   . HOH C 2 .  ? 10.390  11.425  20.999  1.00 39.82 ? 1017 HOH A O   1 
HETATM 996  O O   . HOH C 2 .  ? -2.139  22.355  10.849  1.00 31.82 ? 1018 HOH A O   1 
HETATM 997  O O   . HOH C 2 .  ? 10.639  18.300  20.460  1.00 30.46 ? 1019 HOH A O   1 
HETATM 998  O O   . HOH C 2 .  ? -4.770  21.763  18.094  1.00 36.73 ? 1020 HOH A O   1 
HETATM 999  O O   . HOH C 2 .  ? -0.441  17.563  23.930  1.00 52.04 ? 1028 HOH A O   1 
HETATM 1000 O O   . HOH C 2 .  ? 10.454  21.446  4.542   1.00 58.11 ? 1030 HOH A O   1 
HETATM 1001 O O   . HOH C 2 .  ? -1.147  23.229  20.461  1.00 49.70 ? 1032 HOH A O   1 
HETATM 1002 O O   . HOH C 2 .  ? -4.940  17.856  9.539   1.00 46.67 ? 1034 HOH A O   1 
HETATM 1003 O O   . HOH C 2 .  ? 5.990   23.212  19.293  1.00 52.82 ? 1035 HOH A O   1 
HETATM 1004 O O   . HOH C 2 .  ? -6.155  26.515  12.157  1.00 56.75 ? 1039 HOH A O   1 
HETATM 1005 O O   . HOH C 2 .  ? 12.592  0.203   6.013   1.00 49.38 ? 1043 HOH A O   1 
HETATM 1006 O O   . HOH C 2 .  ? 6.318   -6.045  0.780   1.00 61.49 ? 1059 HOH A O   1 
HETATM 1007 O O   . HOH C 2 .  ? 8.152   12.912  21.296  1.00 65.83 ? 1061 HOH A O   1 
HETATM 1008 O O   . HOH C 2 .  ? -1.251  24.812  9.700   1.00 73.56 ? 1062 HOH A O   1 
HETATM 1009 O O   . HOH C 2 .  ? -7.010  18.924  18.968  1.00 57.56 ? 1063 HOH A O   1 
HETATM 1010 O O   . HOH C 2 .  ? -4.393  16.052  15.787  1.00 45.87 ? 1064 HOH A O   1 
HETATM 1011 O O   . HOH C 2 .  ? -4.316  20.520  24.479  1.00 58.56 ? 1066 HOH A O   1 
HETATM 1012 O O   . HOH C 2 .  ? 6.234   23.411  8.482   1.00 65.75 ? 1073 HOH A O   1 
HETATM 1013 O O   . HOH C 2 .  ? 5.111   25.066  10.233  1.00 55.80 ? 1074 HOH A O   1 
HETATM 1014 O O   . HOH C 2 .  ? 8.137   27.385  12.299  1.00 51.29 ? 1075 HOH A O   1 
HETATM 1015 O O   . HOH C 2 .  ? 1.568   28.960  10.026  1.00 72.97 ? 1076 HOH A O   1 
HETATM 1016 O O   . HOH C 2 .  ? -5.258  4.289   11.867  1.00 42.63 ? 1077 HOH A O   1 
HETATM 1017 O O   . HOH C 2 .  ? -6.140  27.151  3.042   1.00 56.94 ? 1078 HOH A O   1 
HETATM 1018 O O   . HOH C 2 .  ? -2.921  28.233  7.309   1.00 58.59 ? 1079 HOH A O   1 
HETATM 1019 O O   . HOH C 2 .  ? 0.700   26.910  3.364   1.00 71.98 ? 1080 HOH A O   1 
HETATM 1020 O O   . HOH D 2 .  ? -13.993 -10.157 -19.991 1.00 41.83 ? 1001 HOH B O   1 
HETATM 1021 O O   . HOH D 2 .  ? -14.999 -16.004 -23.540 1.00 47.18 ? 1002 HOH B O   1 
HETATM 1022 O O   . HOH D 2 .  ? -6.939  -15.521 -25.047 1.00 47.34 ? 1003 HOH B O   1 
HETATM 1023 O O   . HOH D 2 .  ? -7.311  -12.244 -21.962 1.00 30.71 ? 1004 HOH B O   1 
HETATM 1024 O O   . HOH D 2 .  ? -17.327 -16.536 -16.136 1.00 38.07 ? 1005 HOH B O   1 
HETATM 1025 O O   . HOH D 2 .  ? -10.239 1.179   -7.916  1.00 37.19 ? 1006 HOH B O   1 
HETATM 1026 O O   . HOH D 2 .  ? -8.481  3.005   -6.804  1.00 43.19 ? 1007 HOH B O   1 
HETATM 1027 O O   . HOH D 2 .  ? -3.460  2.993   -8.359  1.00 37.87 ? 1008 HOH B O   1 
HETATM 1028 O O   . HOH D 2 .  ? -2.323  1.073   -11.095 1.00 42.51 ? 1009 HOH B O   1 
HETATM 1029 O O   . HOH D 2 .  ? -2.518  4.031   -1.566  1.00 43.29 ? 1010 HOH B O   1 
HETATM 1030 O O   . HOH D 2 .  ? 0.544   2.329   -2.583  1.00 45.53 ? 1011 HOH B O   1 
HETATM 1031 O O   . HOH D 2 .  ? 2.895   -5.258  -1.673  1.00 40.37 ? 1012 HOH B O   1 
HETATM 1032 O O   . HOH D 2 .  ? -9.950  -18.328 -6.393  1.00 36.56 ? 1013 HOH B O   1 
HETATM 1033 O O   . HOH D 2 .  ? -16.847 -19.442 -5.871  1.00 59.53 ? 1014 HOH B O   1 
HETATM 1034 O O   . HOH D 2 .  ? -17.105 -17.627 -4.206  1.00 67.58 ? 1015 HOH B O   1 
HETATM 1035 O O   . HOH D 2 .  ? -5.788  -0.402  -14.883 1.00 29.96 ? 1016 HOH B O   1 
HETATM 1036 O O   . HOH D 2 .  ? -1.602  -20.934 -17.430 1.00 42.00 ? 1021 HOH B O   1 
HETATM 1037 O O   . HOH D 2 .  ? 5.497   -10.819 -15.301 1.00 38.39 ? 1022 HOH B O   1 
HETATM 1038 O O   . HOH D 2 .  ? -7.279  -14.603 -1.788  1.00 35.82 ? 1023 HOH B O   1 
HETATM 1039 O O   . HOH D 2 .  ? -6.018  2.781   -4.734  1.00 42.13 ? 1024 HOH B O   1 
HETATM 1040 O O   . HOH D 2 .  ? -3.034  0.882   -13.680 1.00 39.55 ? 1025 HOH B O   1 
HETATM 1041 O O   . HOH D 2 .  ? 3.742   -2.323  -5.066  1.00 48.62 ? 1026 HOH B O   1 
HETATM 1042 O O   . HOH D 2 .  ? 1.773   -15.975 -16.919 1.00 45.09 ? 1027 HOH B O   1 
HETATM 1043 O O   . HOH D 2 .  ? -12.957 -2.821  -12.753 1.00 44.08 ? 1029 HOH B O   1 
HETATM 1044 O O   . HOH D 2 .  ? 11.680  -11.974 -10.638 1.00 54.64 ? 1031 HOH B O   1 
HETATM 1045 O O   . HOH D 2 .  ? -0.211  -14.935 -0.735  1.00 51.73 ? 1033 HOH B O   1 
HETATM 1046 O O   . HOH D 2 .  ? 2.407   -4.644  -12.081 1.00 55.61 ? 1036 HOH B O   1 
HETATM 1047 O O   . HOH D 2 .  ? 9.410   -6.556  -6.799  1.00 47.28 ? 1037 HOH B O   1 
HETATM 1048 O O   . HOH D 2 .  ? -14.044 -6.110  -7.463  1.00 45.81 ? 1038 HOH B O   1 
HETATM 1049 O O   . HOH D 2 .  ? -4.533  -2.994  0.289   1.00 45.56 ? 1040 HOH B O   1 
HETATM 1050 O O   . HOH D 2 .  ? -13.467 -22.494 -12.694 1.00 44.11 ? 1041 HOH B O   1 
HETATM 1051 O O   . HOH D 2 .  ? -7.509  -23.353 -12.147 1.00 35.77 ? 1042 HOH B O   1 
HETATM 1052 O O   . HOH D 2 .  ? 4.539   -6.428  -12.183 1.00 55.13 ? 1044 HOH B O   1 
HETATM 1053 O O   . HOH D 2 .  ? 2.550   -21.197 -13.364 1.00 49.30 ? 1045 HOH B O   1 
HETATM 1054 O O   . HOH D 2 .  ? -0.156  -17.755 -18.952 1.00 63.73 ? 1046 HOH B O   1 
HETATM 1055 O O   . HOH D 2 .  ? -10.926 -23.579 -16.812 1.00 47.13 ? 1047 HOH B O   1 
HETATM 1056 O O   . HOH D 2 .  ? -5.460  -15.048 -22.010 1.00 39.37 ? 1048 HOH B O   1 
HETATM 1057 O O   . HOH D 2 .  ? -7.609  0.679   -13.262 1.00 55.70 ? 1049 HOH B O   1 
HETATM 1058 O O   . HOH D 2 .  ? 1.878   -1.926  -10.622 1.00 59.40 ? 1050 HOH B O   1 
HETATM 1059 O O   . HOH D 2 .  ? 3.097   -1.188  -8.128  1.00 54.11 ? 1051 HOH B O   1 
HETATM 1060 O O   . HOH D 2 .  ? 5.409   -2.343  -7.382  1.00 72.97 ? 1052 HOH B O   1 
HETATM 1061 O O   . HOH D 2 .  ? 2.169   2.605   -6.805  1.00 63.69 ? 1053 HOH B O   1 
HETATM 1062 O O   . HOH D 2 .  ? -18.992 -14.867 -23.852 1.00 67.15 ? 1054 HOH B O   1 
HETATM 1063 O O   . HOH D 2 .  ? -11.275 -17.062 -28.268 1.00 74.21 ? 1055 HOH B O   1 
HETATM 1064 O O   . HOH D 2 .  ? -4.266  -17.323 -26.249 1.00 51.56 ? 1056 HOH B O   1 
HETATM 1065 O O   . HOH D 2 .  ? -5.286  4.544   -9.702  1.00 65.03 ? 1057 HOH B O   1 
HETATM 1066 O O   . HOH D 2 .  ? -1.424  6.227   -4.927  1.00 67.24 ? 1058 HOH B O   1 
HETATM 1067 O O   . HOH D 2 .  ? -16.206 -23.877 -13.105 1.00 64.46 ? 1060 HOH B O   1 
HETATM 1068 O O   . HOH D 2 .  ? -6.393  -13.226 0.339   1.00 57.76 ? 1065 HOH B O   1 
HETATM 1069 O O   . HOH D 2 .  ? -10.615 0.566   -14.064 1.00 67.54 ? 1067 HOH B O   1 
HETATM 1070 O O   . HOH D 2 .  ? -9.298  -24.873 -13.496 1.00 41.80 ? 1068 HOH B O   1 
HETATM 1071 O O   . HOH D 2 .  ? 1.008   -15.358 -21.969 1.00 56.39 ? 1069 HOH B O   1 
HETATM 1072 O O   . HOH D 2 .  ? -11.698 -23.716 -14.032 1.00 56.45 ? 1070 HOH B O   1 
HETATM 1073 O O   . HOH D 2 .  ? -8.085  -25.705 -16.007 1.00 54.83 ? 1071 HOH B O   1 
HETATM 1074 O O   . HOH D 2 .  ? -7.993  -22.639 -19.611 1.00 56.61 ? 1072 HOH B O   1 
# 
loop_
_pdbx_poly_seq_scheme.asym_id 
_pdbx_poly_seq_scheme.entity_id 
_pdbx_poly_seq_scheme.seq_id 
_pdbx_poly_seq_scheme.mon_id 
_pdbx_poly_seq_scheme.ndb_seq_num 
_pdbx_poly_seq_scheme.pdb_seq_num 
_pdbx_poly_seq_scheme.auth_seq_num 
_pdbx_poly_seq_scheme.pdb_mon_id 
_pdbx_poly_seq_scheme.auth_mon_id 
_pdbx_poly_seq_scheme.pdb_strand_id 
_pdbx_poly_seq_scheme.pdb_ins_code 
_pdbx_poly_seq_scheme.hetero 
A 1 1  GLU 1  2  2  GLU GLU A . n 
A 1 2  GLU 2  3  3  GLU GLU A . n 
A 1 3  VAL 3  4  4  VAL VAL A . n 
A 1 4  THR 4  5  5  THR THR A . n 
A 1 5  ILE 5  6  6  ILE ILE A . n 
A 1 6  LYS 6  7  7  LYS LYS A . n 
A 1 7  ALA 7  8  8  ALA ALA A . n 
A 1 8  ASN 8  9  9  ASN ASN A . n 
A 1 9  LEU 9  10 10 LEU LEU A . n 
A 1 10 ILE 10 11 11 ILE ILE A . n 
A 1 11 PHE 11 12 12 PHE PHE A . n 
A 1 12 ALA 12 13 13 ALA ALA A . n 
A 1 13 ASN 13 14 14 ASN ASN A . n 
A 1 14 GLY 14 15 15 GLY GLY A . n 
A 1 15 SER 15 16 16 SER SER A . n 
A 1 16 THR 16 17 17 THR THR A . n 
A 1 17 GLN 17 18 18 GLN GLN A . n 
A 1 18 THR 18 19 19 THR THR A . n 
A 1 19 ALA 19 20 20 ALA ALA A . n 
A 1 20 GLU 20 21 21 GLU GLU A . n 
A 1 21 PHE 21 22 22 PHE PHE A . n 
A 1 22 LYS 22 23 23 LYS LYS A . n 
A 1 23 GLY 23 24 24 GLY GLY A . n 
A 1 24 THR 24 25 25 THR THR A . n 
A 1 25 LYS 25 26 26 LYS LYS A . n 
A 1 26 GLU 26 27 27 GLU GLU A . n 
A 1 27 LYS 27 28 28 LYS LYS A . n 
A 1 28 ALA 28 29 29 ALA ALA A . n 
A 1 29 LEU 29 30 30 LEU LEU A . n 
A 1 30 SER 30 31 31 SER SER A . n 
A 1 31 GLU 31 32 32 GLU GLU A . n 
A 1 32 VAL 32 33 33 VAL VAL A . n 
A 1 33 LEU 33 34 34 LEU LEU A . n 
A 1 34 ALA 34 35 35 ALA ALA A . n 
A 1 35 TYR 35 36 36 TYR TYR A . n 
A 1 36 ALA 36 37 37 ALA ALA A . n 
A 1 37 ASP 37 38 38 ASP ASP A . n 
A 1 38 THR 38 39 39 THR THR A . n 
A 1 39 LEU 39 40 40 LEU LEU A . n 
A 1 40 LYS 40 41 41 LYS LYS A . n 
A 1 41 LYS 41 42 42 LYS LYS A . n 
A 1 42 ASP 42 43 43 ASP ASP A . n 
A 1 43 ASN 43 44 44 ASN ASN A . n 
A 1 44 GLY 44 45 45 GLY GLY A . n 
A 1 45 GLU 45 46 46 GLU GLU A . n 
A 1 46 TRP 46 47 47 TRP TRP A . n 
A 1 47 THR 47 48 48 THR THR A . n 
A 1 48 ILE 48 49 49 ILE ILE A . n 
A 1 49 ASP 49 50 50 ASP ASP A . n 
A 1 50 LYS 50 51 51 LYS LYS A . n 
A 1 51 ARG 51 52 52 ARG ARG A . n 
A 1 52 VAL 52 53 53 VAL VAL A . n 
A 1 53 THR 53 54 54 THR THR A . n 
A 1 54 ASN 54 55 55 ASN ASN A . n 
A 1 55 GLY 55 56 56 GLY GLY A . n 
A 1 56 VAL 56 57 57 VAL VAL A . n 
A 1 57 ILE 57 58 58 ILE ILE A . n 
A 1 58 ILE 58 59 59 ILE ILE A . n 
A 1 59 LEU 59 60 60 LEU LEU A . n 
A 1 60 ASN 60 61 61 ASN ASN A . n 
A 1 61 ILE 61 62 62 ILE ILE A . n 
A 1 62 LYS 62 63 63 LYS LYS A . n 
A 1 63 PHE 63 64 64 PHE PHE A . n 
A 1 64 ALA 64 65 65 ALA ALA A . n 
A 1 65 GLY 65 66 66 GLY GLY A . n 
B 1 1  GLU 1  2  2  GLU GLU B . n 
B 1 2  GLU 2  3  3  GLU GLU B . n 
B 1 3  VAL 3  4  4  VAL VAL B . n 
B 1 4  THR 4  5  5  THR THR B . n 
B 1 5  ILE 5  6  6  ILE ILE B . n 
B 1 6  LYS 6  7  7  LYS LYS B . n 
B 1 7  ALA 7  8  8  ALA ALA B . n 
B 1 8  ASN 8  9  9  ASN ASN B . n 
B 1 9  LEU 9  10 10 LEU LEU B . n 
B 1 10 ILE 10 11 11 ILE ILE B . n 
B 1 11 PHE 11 12 12 PHE PHE B . n 
B 1 12 ALA 12 13 13 ALA ALA B . n 
B 1 13 ASN 13 14 14 ASN ASN B . n 
B 1 14 GLY 14 15 15 GLY GLY B . n 
B 1 15 SER 15 16 16 SER SER B . n 
B 1 16 THR 16 17 17 THR THR B . n 
B 1 17 GLN 17 18 18 GLN GLN B . n 
B 1 18 THR 18 19 19 THR THR B . n 
B 1 19 ALA 19 20 20 ALA ALA B . n 
B 1 20 GLU 20 21 21 GLU GLU B . n 
B 1 21 PHE 21 22 22 PHE PHE B . n 
B 1 22 LYS 22 23 23 LYS LYS B . n 
B 1 23 GLY 23 24 24 GLY GLY B . n 
B 1 24 THR 24 25 25 THR THR B . n 
B 1 25 LYS 25 26 26 LYS LYS B . n 
B 1 26 GLU 26 27 27 GLU GLU B . n 
B 1 27 LYS 27 28 28 LYS LYS B . n 
B 1 28 ALA 28 29 29 ALA ALA B . n 
B 1 29 LEU 29 30 30 LEU LEU B . n 
B 1 30 SER 30 31 31 SER SER B . n 
B 1 31 GLU 31 32 32 GLU GLU B . n 
B 1 32 VAL 32 33 33 VAL VAL B . n 
B 1 33 LEU 33 34 34 LEU LEU B . n 
B 1 34 ALA 34 35 35 ALA ALA B . n 
B 1 35 TYR 35 36 36 TYR TYR B . n 
B 1 36 ALA 36 37 37 ALA ALA B . n 
B 1 37 ASP 37 38 38 ASP ASP B . n 
B 1 38 THR 38 39 39 THR THR B . n 
B 1 39 LEU 39 40 40 LEU LEU B . n 
B 1 40 LYS 40 41 41 LYS LYS B . n 
B 1 41 LYS 41 42 42 LYS LYS B . n 
B 1 42 ASP 42 43 43 ASP ASP B . n 
B 1 43 ASN 43 44 44 ASN ASN B . n 
B 1 44 GLY 44 45 45 GLY GLY B . n 
B 1 45 GLU 45 46 46 GLU GLU B . n 
B 1 46 TRP 46 47 47 TRP TRP B . n 
B 1 47 THR 47 48 48 THR THR B . n 
B 1 48 ILE 48 49 49 ILE ILE B . n 
B 1 49 ASP 49 50 50 ASP ASP B . n 
B 1 50 LYS 50 51 51 LYS LYS B . n 
B 1 51 ARG 51 52 52 ARG ARG B . n 
B 1 52 VAL 52 53 53 VAL VAL B . n 
B 1 53 THR 53 54 54 THR THR B . n 
B 1 54 ASN 54 55 55 ASN ASN B . n 
B 1 55 GLY 55 56 56 GLY GLY B . n 
B 1 56 VAL 56 57 57 VAL VAL B . n 
B 1 57 ILE 57 58 58 ILE ILE B . n 
B 1 58 ILE 58 59 59 ILE ILE B . n 
B 1 59 LEU 59 60 60 LEU LEU B . n 
B 1 60 ASN 60 61 61 ASN ASN B . n 
B 1 61 ILE 61 62 62 ILE ILE B . n 
B 1 62 LYS 62 63 63 LYS LYS B . n 
B 1 63 PHE 63 64 64 PHE PHE B . n 
B 1 64 ALA 64 65 65 ALA ALA B . n 
B 1 65 GLY 65 66 66 GLY GLY B . n 
# 
loop_
_pdbx_nonpoly_scheme.asym_id 
_pdbx_nonpoly_scheme.entity_id 
_pdbx_nonpoly_scheme.mon_id 
_pdbx_nonpoly_scheme.ndb_seq_num 
_pdbx_nonpoly_scheme.pdb_seq_num 
_pdbx_nonpoly_scheme.auth_seq_num 
_pdbx_nonpoly_scheme.pdb_mon_id 
_pdbx_nonpoly_scheme.auth_mon_id 
_pdbx_nonpoly_scheme.pdb_strand_id 
_pdbx_nonpoly_scheme.pdb_ins_code 
C 2 HOH 1  1017 1017 HOH HOH A . 
C 2 HOH 2  1018 1018 HOH HOH A . 
C 2 HOH 3  1019 1019 HOH HOH A . 
C 2 HOH 4  1020 1020 HOH HOH A . 
C 2 HOH 5  1028 1028 HOH HOH A . 
C 2 HOH 6  1030 1030 HOH HOH A . 
C 2 HOH 7  1032 1032 HOH HOH A . 
C 2 HOH 8  1034 1034 HOH HOH A . 
C 2 HOH 9  1035 1035 HOH HOH A . 
C 2 HOH 10 1039 1039 HOH HOH A . 
C 2 HOH 11 1043 1043 HOH HOH A . 
C 2 HOH 12 1059 1059 HOH HOH A . 
C 2 HOH 13 1061 1061 HOH HOH A . 
C 2 HOH 14 1062 1062 HOH HOH A . 
C 2 HOH 15 1063 1063 HOH HOH A . 
C 2 HOH 16 1064 1064 HOH HOH A . 
C 2 HOH 17 1066 1066 HOH HOH A . 
C 2 HOH 18 1073 1073 HOH HOH A . 
C 2 HOH 19 1074 1074 HOH HOH A . 
C 2 HOH 20 1075 1075 HOH HOH A . 
C 2 HOH 21 1076 1076 HOH HOH A . 
C 2 HOH 22 1077 1077 HOH HOH A . 
C 2 HOH 23 1078 1078 HOH HOH A . 
C 2 HOH 24 1079 1079 HOH HOH A . 
C 2 HOH 25 1080 1080 HOH HOH A . 
D 2 HOH 1  1001 1001 HOH HOH B . 
D 2 HOH 2  1002 1002 HOH HOH B . 
D 2 HOH 3  1003 1003 HOH HOH B . 
D 2 HOH 4  1004 1004 HOH HOH B . 
D 2 HOH 5  1005 1005 HOH HOH B . 
D 2 HOH 6  1006 1006 HOH HOH B . 
D 2 HOH 7  1007 1007 HOH HOH B . 
D 2 HOH 8  1008 1008 HOH HOH B . 
D 2 HOH 9  1009 1009 HOH HOH B . 
D 2 HOH 10 1010 1010 HOH HOH B . 
D 2 HOH 11 1011 1011 HOH HOH B . 
D 2 HOH 12 1012 1012 HOH HOH B . 
D 2 HOH 13 1013 1013 HOH HOH B . 
D 2 HOH 14 1014 1014 HOH HOH B . 
D 2 HOH 15 1015 1015 HOH HOH B . 
D 2 HOH 16 1016 1016 HOH HOH B . 
D 2 HOH 17 1021 1021 HOH HOH B . 
D 2 HOH 18 1022 1022 HOH HOH B . 
D 2 HOH 19 1023 1023 HOH HOH B . 
D 2 HOH 20 1024 1024 HOH HOH B . 
D 2 HOH 21 1025 1025 HOH HOH B . 
D 2 HOH 22 1026 1026 HOH HOH B . 
D 2 HOH 23 1027 1027 HOH HOH B . 
D 2 HOH 24 1029 1029 HOH HOH B . 
D 2 HOH 25 1031 1031 HOH HOH B . 
D 2 HOH 26 1033 1033 HOH HOH B . 
D 2 HOH 27 1036 1036 HOH HOH B . 
D 2 HOH 28 1037 1037 HOH HOH B . 
D 2 HOH 29 1038 1038 HOH HOH B . 
D 2 HOH 30 1040 1040 HOH HOH B . 
D 2 HOH 31 1041 1041 HOH HOH B . 
D 2 HOH 32 1042 1042 HOH HOH B . 
D 2 HOH 33 1044 1044 HOH HOH B . 
D 2 HOH 34 1045 1045 HOH HOH B . 
D 2 HOH 35 1046 1046 HOH HOH B . 
D 2 HOH 36 1047 1047 HOH HOH B . 
D 2 HOH 37 1048 1048 HOH HOH B . 
D 2 HOH 38 1049 1049 HOH HOH B . 
D 2 HOH 39 1050 1050 HOH HOH B . 
D 2 HOH 40 1051 1051 HOH HOH B . 
D 2 HOH 41 1052 1052 HOH HOH B . 
D 2 HOH 42 1053 1053 HOH HOH B . 
D 2 HOH 43 1054 1054 HOH HOH B . 
D 2 HOH 44 1055 1055 HOH HOH B . 
D 2 HOH 45 1056 1056 HOH HOH B . 
D 2 HOH 46 1057 1057 HOH HOH B . 
D 2 HOH 47 1058 1058 HOH HOH B . 
D 2 HOH 48 1060 1060 HOH HOH B . 
D 2 HOH 49 1065 1065 HOH HOH B . 
D 2 HOH 50 1067 1067 HOH HOH B . 
D 2 HOH 51 1068 1068 HOH HOH B . 
D 2 HOH 52 1069 1069 HOH HOH B . 
D 2 HOH 53 1070 1070 HOH HOH B . 
D 2 HOH 54 1071 1071 HOH HOH B . 
D 2 HOH 55 1072 1072 HOH HOH B . 
# 
loop_
_pdbx_struct_assembly.id 
_pdbx_struct_assembly.details 
_pdbx_struct_assembly.method_details 
_pdbx_struct_assembly.oligomeric_details 
_pdbx_struct_assembly.oligomeric_count 
1 author_defined_assembly ? monomeric 1 
2 author_defined_assembly ? monomeric 1 
# 
loop_
_pdbx_struct_assembly_gen.assembly_id 
_pdbx_struct_assembly_gen.oper_expression 
_pdbx_struct_assembly_gen.asym_id_list 
1 1 A,C 
2 1 B,D 
# 
_pdbx_struct_oper_list.id                   1 
_pdbx_struct_oper_list.type                 'identity operation' 
_pdbx_struct_oper_list.name                 1_555 
_pdbx_struct_oper_list.symmetry_operation   x,y,z 
_pdbx_struct_oper_list.matrix[1][1]         1.0000000000 
_pdbx_struct_oper_list.matrix[1][2]         0.0000000000 
_pdbx_struct_oper_list.matrix[1][3]         0.0000000000 
_pdbx_struct_oper_list.vector[1]            0.0000000000 
_pdbx_struct_oper_list.matrix[2][1]         0.0000000000 
_pdbx_struct_oper_list.matrix[2][2]         1.0000000000 
_pdbx_struct_oper_list.matrix[2][3]         0.0000000000 
_pdbx_struct_oper_list.vector[2]            0.0000000000 
_pdbx_struct_oper_list.matrix[3][1]         0.0000000000 
_pdbx_struct_oper_list.matrix[3][2]         0.0000000000 
_pdbx_struct_oper_list.matrix[3][3]         1.0000000000 
_pdbx_struct_oper_list.vector[3]            0.0000000000 
# 
loop_
_pdbx_audit_revision_history.ordinal 
_pdbx_audit_revision_history.data_content_type 
_pdbx_audit_revision_history.major_revision 
_pdbx_audit_revision_history.minor_revision 
_pdbx_audit_revision_history.revision_date 
1 'Structure model' 1 0 2002-01-23 
2 'Structure model' 1 1 2008-04-27 
3 'Structure model' 1 2 2011-07-13 
4 'Structure model' 1 3 2017-10-11 
5 'Structure model' 1 4 2021-10-27 
6 'Structure model' 1 5 2023-08-16 
# 
_pdbx_audit_revision_details.ordinal             1 
_pdbx_audit_revision_details.revision_ordinal    1 
_pdbx_audit_revision_details.data_content_type   'Structure model' 
_pdbx_audit_revision_details.provider            repository 
_pdbx_audit_revision_details.type                'Initial release' 
_pdbx_audit_revision_details.description         ? 
_pdbx_audit_revision_details.details             ? 
# 
loop_
_pdbx_audit_revision_group.ordinal 
_pdbx_audit_revision_group.revision_ordinal 
_pdbx_audit_revision_group.data_content_type 
_pdbx_audit_revision_group.group 
1 2 'Structure model' 'Version format compliance' 
2 3 'Structure model' 'Source and taxonomy'       
3 3 'Structure model' 'Version format compliance' 
4 4 'Structure model' 'Refinement description'    
5 5 'Structure model' 'Database references'       
6 6 'Structure model' 'Data collection'           
7 6 'Structure model' 'Refinement description'    
# 
loop_
_pdbx_audit_revision_category.ordinal 
_pdbx_audit_revision_category.revision_ordinal 
_pdbx_audit_revision_category.data_content_type 
_pdbx_audit_revision_category.category 
1 4 'Structure model' software                      
2 5 'Structure model' database_2                    
3 5 'Structure model' struct_ref_seq_dif            
4 6 'Structure model' chem_comp_atom                
5 6 'Structure model' chem_comp_bond                
6 6 'Structure model' pdbx_initial_refinement_model 
# 
loop_
_pdbx_audit_revision_item.ordinal 
_pdbx_audit_revision_item.revision_ordinal 
_pdbx_audit_revision_item.data_content_type 
_pdbx_audit_revision_item.item 
1 5 'Structure model' '_database_2.pdbx_DOI'                
2 5 'Structure model' '_database_2.pdbx_database_accession' 
3 5 'Structure model' '_struct_ref_seq_dif.details'         
# 
loop_
_software.name 
_software.classification 
_software.version 
_software.citation_id 
_software.pdbx_ordinal 
EPMR      phasing        .   ? 1 
CNS       refinement     1.0 ? 2 
SCALEPACK 'data scaling' .   ? 3 
# 
loop_
_pdbx_unobs_or_zero_occ_atoms.id 
_pdbx_unobs_or_zero_occ_atoms.PDB_model_num 
_pdbx_unobs_or_zero_occ_atoms.polymer_flag 
_pdbx_unobs_or_zero_occ_atoms.occupancy_flag 
_pdbx_unobs_or_zero_occ_atoms.auth_asym_id 
_pdbx_unobs_or_zero_occ_atoms.auth_comp_id 
_pdbx_unobs_or_zero_occ_atoms.auth_seq_id 
_pdbx_unobs_or_zero_occ_atoms.PDB_ins_code 
_pdbx_unobs_or_zero_occ_atoms.auth_atom_id 
_pdbx_unobs_or_zero_occ_atoms.label_alt_id 
_pdbx_unobs_or_zero_occ_atoms.label_asym_id 
_pdbx_unobs_or_zero_occ_atoms.label_comp_id 
_pdbx_unobs_or_zero_occ_atoms.label_seq_id 
_pdbx_unobs_or_zero_occ_atoms.label_atom_id 
1  1 Y 1 A LYS 42 ? CG  ? A LYS 41 CG  
2  1 Y 1 A LYS 42 ? CD  ? A LYS 41 CD  
3  1 Y 1 A LYS 42 ? CE  ? A LYS 41 CE  
4  1 Y 1 A LYS 42 ? NZ  ? A LYS 41 NZ  
5  1 Y 1 A ARG 52 ? CG  ? A ARG 51 CG  
6  1 Y 1 A ARG 52 ? CD  ? A ARG 51 CD  
7  1 Y 1 A ARG 52 ? NE  ? A ARG 51 NE  
8  1 Y 1 A ARG 52 ? CZ  ? A ARG 51 CZ  
9  1 Y 1 A ARG 52 ? NH1 ? A ARG 51 NH1 
10 1 Y 1 A ARG 52 ? NH2 ? A ARG 51 NH2 
# 
loop_
_chem_comp_atom.comp_id 
_chem_comp_atom.atom_id 
_chem_comp_atom.type_symbol 
_chem_comp_atom.pdbx_aromatic_flag 
_chem_comp_atom.pdbx_stereo_config 
_chem_comp_atom.pdbx_ordinal 
ALA N    N N N 1   
ALA CA   C N S 2   
ALA C    C N N 3   
ALA O    O N N 4   
ALA CB   C N N 5   
ALA OXT  O N N 6   
ALA H    H N N 7   
ALA H2   H N N 8   
ALA HA   H N N 9   
ALA HB1  H N N 10  
ALA HB2  H N N 11  
ALA HB3  H N N 12  
ALA HXT  H N N 13  
ARG N    N N N 14  
ARG CA   C N S 15  
ARG C    C N N 16  
ARG O    O N N 17  
ARG CB   C N N 18  
ARG CG   C N N 19  
ARG CD   C N N 20  
ARG NE   N N N 21  
ARG CZ   C N N 22  
ARG NH1  N N N 23  
ARG NH2  N N N 24  
ARG OXT  O N N 25  
ARG H    H N N 26  
ARG H2   H N N 27  
ARG HA   H N N 28  
ARG HB2  H N N 29  
ARG HB3  H N N 30  
ARG HG2  H N N 31  
ARG HG3  H N N 32  
ARG HD2  H N N 33  
ARG HD3  H N N 34  
ARG HE   H N N 35  
ARG HH11 H N N 36  
ARG HH12 H N N 37  
ARG HH21 H N N 38  
ARG HH22 H N N 39  
ARG HXT  H N N 40  
ASN N    N N N 41  
ASN CA   C N S 42  
ASN C    C N N 43  
ASN O    O N N 44  
ASN CB   C N N 45  
ASN CG   C N N 46  
ASN OD1  O N N 47  
ASN ND2  N N N 48  
ASN OXT  O N N 49  
ASN H    H N N 50  
ASN H2   H N N 51  
ASN HA   H N N 52  
ASN HB2  H N N 53  
ASN HB3  H N N 54  
ASN HD21 H N N 55  
ASN HD22 H N N 56  
ASN HXT  H N N 57  
ASP N    N N N 58  
ASP CA   C N S 59  
ASP C    C N N 60  
ASP O    O N N 61  
ASP CB   C N N 62  
ASP CG   C N N 63  
ASP OD1  O N N 64  
ASP OD2  O N N 65  
ASP OXT  O N N 66  
ASP H    H N N 67  
ASP H2   H N N 68  
ASP HA   H N N 69  
ASP HB2  H N N 70  
ASP HB3  H N N 71  
ASP HD2  H N N 72  
ASP HXT  H N N 73  
GLN N    N N N 74  
GLN CA   C N S 75  
GLN C    C N N 76  
GLN O    O N N 77  
GLN CB   C N N 78  
GLN CG   C N N 79  
GLN CD   C N N 80  
GLN OE1  O N N 81  
GLN NE2  N N N 82  
GLN OXT  O N N 83  
GLN H    H N N 84  
GLN H2   H N N 85  
GLN HA   H N N 86  
GLN HB2  H N N 87  
GLN HB3  H N N 88  
GLN HG2  H N N 89  
GLN HG3  H N N 90  
GLN HE21 H N N 91  
GLN HE22 H N N 92  
GLN HXT  H N N 93  
GLU N    N N N 94  
GLU CA   C N S 95  
GLU C    C N N 96  
GLU O    O N N 97  
GLU CB   C N N 98  
GLU CG   C N N 99  
GLU CD   C N N 100 
GLU OE1  O N N 101 
GLU OE2  O N N 102 
GLU OXT  O N N 103 
GLU H    H N N 104 
GLU H2   H N N 105 
GLU HA   H N N 106 
GLU HB2  H N N 107 
GLU HB3  H N N 108 
GLU HG2  H N N 109 
GLU HG3  H N N 110 
GLU HE2  H N N 111 
GLU HXT  H N N 112 
GLY N    N N N 113 
GLY CA   C N N 114 
GLY C    C N N 115 
GLY O    O N N 116 
GLY OXT  O N N 117 
GLY H    H N N 118 
GLY H2   H N N 119 
GLY HA2  H N N 120 
GLY HA3  H N N 121 
GLY HXT  H N N 122 
HOH O    O N N 123 
HOH H1   H N N 124 
HOH H2   H N N 125 
ILE N    N N N 126 
ILE CA   C N S 127 
ILE C    C N N 128 
ILE O    O N N 129 
ILE CB   C N S 130 
ILE CG1  C N N 131 
ILE CG2  C N N 132 
ILE CD1  C N N 133 
ILE OXT  O N N 134 
ILE H    H N N 135 
ILE H2   H N N 136 
ILE HA   H N N 137 
ILE HB   H N N 138 
ILE HG12 H N N 139 
ILE HG13 H N N 140 
ILE HG21 H N N 141 
ILE HG22 H N N 142 
ILE HG23 H N N 143 
ILE HD11 H N N 144 
ILE HD12 H N N 145 
ILE HD13 H N N 146 
ILE HXT  H N N 147 
LEU N    N N N 148 
LEU CA   C N S 149 
LEU C    C N N 150 
LEU O    O N N 151 
LEU CB   C N N 152 
LEU CG   C N N 153 
LEU CD1  C N N 154 
LEU CD2  C N N 155 
LEU OXT  O N N 156 
LEU H    H N N 157 
LEU H2   H N N 158 
LEU HA   H N N 159 
LEU HB2  H N N 160 
LEU HB3  H N N 161 
LEU HG   H N N 162 
LEU HD11 H N N 163 
LEU HD12 H N N 164 
LEU HD13 H N N 165 
LEU HD21 H N N 166 
LEU HD22 H N N 167 
LEU HD23 H N N 168 
LEU HXT  H N N 169 
LYS N    N N N 170 
LYS CA   C N S 171 
LYS C    C N N 172 
LYS O    O N N 173 
LYS CB   C N N 174 
LYS CG   C N N 175 
LYS CD   C N N 176 
LYS CE   C N N 177 
LYS NZ   N N N 178 
LYS OXT  O N N 179 
LYS H    H N N 180 
LYS H2   H N N 181 
LYS HA   H N N 182 
LYS HB2  H N N 183 
LYS HB3  H N N 184 
LYS HG2  H N N 185 
LYS HG3  H N N 186 
LYS HD2  H N N 187 
LYS HD3  H N N 188 
LYS HE2  H N N 189 
LYS HE3  H N N 190 
LYS HZ1  H N N 191 
LYS HZ2  H N N 192 
LYS HZ3  H N N 193 
LYS HXT  H N N 194 
PHE N    N N N 195 
PHE CA   C N S 196 
PHE C    C N N 197 
PHE O    O N N 198 
PHE CB   C N N 199 
PHE CG   C Y N 200 
PHE CD1  C Y N 201 
PHE CD2  C Y N 202 
PHE CE1  C Y N 203 
PHE CE2  C Y N 204 
PHE CZ   C Y N 205 
PHE OXT  O N N 206 
PHE H    H N N 207 
PHE H2   H N N 208 
PHE HA   H N N 209 
PHE HB2  H N N 210 
PHE HB3  H N N 211 
PHE HD1  H N N 212 
PHE HD2  H N N 213 
PHE HE1  H N N 214 
PHE HE2  H N N 215 
PHE HZ   H N N 216 
PHE HXT  H N N 217 
SER N    N N N 218 
SER CA   C N S 219 
SER C    C N N 220 
SER O    O N N 221 
SER CB   C N N 222 
SER OG   O N N 223 
SER OXT  O N N 224 
SER H    H N N 225 
SER H2   H N N 226 
SER HA   H N N 227 
SER HB2  H N N 228 
SER HB3  H N N 229 
SER HG   H N N 230 
SER HXT  H N N 231 
THR N    N N N 232 
THR CA   C N S 233 
THR C    C N N 234 
THR O    O N N 235 
THR CB   C N R 236 
THR OG1  O N N 237 
THR CG2  C N N 238 
THR OXT  O N N 239 
THR H    H N N 240 
THR H2   H N N 241 
THR HA   H N N 242 
THR HB   H N N 243 
THR HG1  H N N 244 
THR HG21 H N N 245 
THR HG22 H N N 246 
THR HG23 H N N 247 
THR HXT  H N N 248 
TRP N    N N N 249 
TRP CA   C N S 250 
TRP C    C N N 251 
TRP O    O N N 252 
TRP CB   C N N 253 
TRP CG   C Y N 254 
TRP CD1  C Y N 255 
TRP CD2  C Y N 256 
TRP NE1  N Y N 257 
TRP CE2  C Y N 258 
TRP CE3  C Y N 259 
TRP CZ2  C Y N 260 
TRP CZ3  C Y N 261 
TRP CH2  C Y N 262 
TRP OXT  O N N 263 
TRP H    H N N 264 
TRP H2   H N N 265 
TRP HA   H N N 266 
TRP HB2  H N N 267 
TRP HB3  H N N 268 
TRP HD1  H N N 269 
TRP HE1  H N N 270 
TRP HE3  H N N 271 
TRP HZ2  H N N 272 
TRP HZ3  H N N 273 
TRP HH2  H N N 274 
TRP HXT  H N N 275 
TYR N    N N N 276 
TYR CA   C N S 277 
TYR C    C N N 278 
TYR O    O N N 279 
TYR CB   C N N 280 
TYR CG   C Y N 281 
TYR CD1  C Y N 282 
TYR CD2  C Y N 283 
TYR CE1  C Y N 284 
TYR CE2  C Y N 285 
TYR CZ   C Y N 286 
TYR OH   O N N 287 
TYR OXT  O N N 288 
TYR H    H N N 289 
TYR H2   H N N 290 
TYR HA   H N N 291 
TYR HB2  H N N 292 
TYR HB3  H N N 293 
TYR HD1  H N N 294 
TYR HD2  H N N 295 
TYR HE1  H N N 296 
TYR HE2  H N N 297 
TYR HH   H N N 298 
TYR HXT  H N N 299 
VAL N    N N N 300 
VAL CA   C N S 301 
VAL C    C N N 302 
VAL O    O N N 303 
VAL CB   C N N 304 
VAL CG1  C N N 305 
VAL CG2  C N N 306 
VAL OXT  O N N 307 
VAL H    H N N 308 
VAL H2   H N N 309 
VAL HA   H N N 310 
VAL HB   H N N 311 
VAL HG11 H N N 312 
VAL HG12 H N N 313 
VAL HG13 H N N 314 
VAL HG21 H N N 315 
VAL HG22 H N N 316 
VAL HG23 H N N 317 
VAL HXT  H N N 318 
# 
loop_
_chem_comp_bond.comp_id 
_chem_comp_bond.atom_id_1 
_chem_comp_bond.atom_id_2 
_chem_comp_bond.value_order 
_chem_comp_bond.pdbx_aromatic_flag 
_chem_comp_bond.pdbx_stereo_config 
_chem_comp_bond.pdbx_ordinal 
ALA N   CA   sing N N 1   
ALA N   H    sing N N 2   
ALA N   H2   sing N N 3   
ALA CA  C    sing N N 4   
ALA CA  CB   sing N N 5   
ALA CA  HA   sing N N 6   
ALA C   O    doub N N 7   
ALA C   OXT  sing N N 8   
ALA CB  HB1  sing N N 9   
ALA CB  HB2  sing N N 10  
ALA CB  HB3  sing N N 11  
ALA OXT HXT  sing N N 12  
ARG N   CA   sing N N 13  
ARG N   H    sing N N 14  
ARG N   H2   sing N N 15  
ARG CA  C    sing N N 16  
ARG CA  CB   sing N N 17  
ARG CA  HA   sing N N 18  
ARG C   O    doub N N 19  
ARG C   OXT  sing N N 20  
ARG CB  CG   sing N N 21  
ARG CB  HB2  sing N N 22  
ARG CB  HB3  sing N N 23  
ARG CG  CD   sing N N 24  
ARG CG  HG2  sing N N 25  
ARG CG  HG3  sing N N 26  
ARG CD  NE   sing N N 27  
ARG CD  HD2  sing N N 28  
ARG CD  HD3  sing N N 29  
ARG NE  CZ   sing N N 30  
ARG NE  HE   sing N N 31  
ARG CZ  NH1  sing N N 32  
ARG CZ  NH2  doub N N 33  
ARG NH1 HH11 sing N N 34  
ARG NH1 HH12 sing N N 35  
ARG NH2 HH21 sing N N 36  
ARG NH2 HH22 sing N N 37  
ARG OXT HXT  sing N N 38  
ASN N   CA   sing N N 39  
ASN N   H    sing N N 40  
ASN N   H2   sing N N 41  
ASN CA  C    sing N N 42  
ASN CA  CB   sing N N 43  
ASN CA  HA   sing N N 44  
ASN C   O    doub N N 45  
ASN C   OXT  sing N N 46  
ASN CB  CG   sing N N 47  
ASN CB  HB2  sing N N 48  
ASN CB  HB3  sing N N 49  
ASN CG  OD1  doub N N 50  
ASN CG  ND2  sing N N 51  
ASN ND2 HD21 sing N N 52  
ASN ND2 HD22 sing N N 53  
ASN OXT HXT  sing N N 54  
ASP N   CA   sing N N 55  
ASP N   H    sing N N 56  
ASP N   H2   sing N N 57  
ASP CA  C    sing N N 58  
ASP CA  CB   sing N N 59  
ASP CA  HA   sing N N 60  
ASP C   O    doub N N 61  
ASP C   OXT  sing N N 62  
ASP CB  CG   sing N N 63  
ASP CB  HB2  sing N N 64  
ASP CB  HB3  sing N N 65  
ASP CG  OD1  doub N N 66  
ASP CG  OD2  sing N N 67  
ASP OD2 HD2  sing N N 68  
ASP OXT HXT  sing N N 69  
GLN N   CA   sing N N 70  
GLN N   H    sing N N 71  
GLN N   H2   sing N N 72  
GLN CA  C    sing N N 73  
GLN CA  CB   sing N N 74  
GLN CA  HA   sing N N 75  
GLN C   O    doub N N 76  
GLN C   OXT  sing N N 77  
GLN CB  CG   sing N N 78  
GLN CB  HB2  sing N N 79  
GLN CB  HB3  sing N N 80  
GLN CG  CD   sing N N 81  
GLN CG  HG2  sing N N 82  
GLN CG  HG3  sing N N 83  
GLN CD  OE1  doub N N 84  
GLN CD  NE2  sing N N 85  
GLN NE2 HE21 sing N N 86  
GLN NE2 HE22 sing N N 87  
GLN OXT HXT  sing N N 88  
GLU N   CA   sing N N 89  
GLU N   H    sing N N 90  
GLU N   H2   sing N N 91  
GLU CA  C    sing N N 92  
GLU CA  CB   sing N N 93  
GLU CA  HA   sing N N 94  
GLU C   O    doub N N 95  
GLU C   OXT  sing N N 96  
GLU CB  CG   sing N N 97  
GLU CB  HB2  sing N N 98  
GLU CB  HB3  sing N N 99  
GLU CG  CD   sing N N 100 
GLU CG  HG2  sing N N 101 
GLU CG  HG3  sing N N 102 
GLU CD  OE1  doub N N 103 
GLU CD  OE2  sing N N 104 
GLU OE2 HE2  sing N N 105 
GLU OXT HXT  sing N N 106 
GLY N   CA   sing N N 107 
GLY N   H    sing N N 108 
GLY N   H2   sing N N 109 
GLY CA  C    sing N N 110 
GLY CA  HA2  sing N N 111 
GLY CA  HA3  sing N N 112 
GLY C   O    doub N N 113 
GLY C   OXT  sing N N 114 
GLY OXT HXT  sing N N 115 
HOH O   H1   sing N N 116 
HOH O   H2   sing N N 117 
ILE N   CA   sing N N 118 
ILE N   H    sing N N 119 
ILE N   H2   sing N N 120 
ILE CA  C    sing N N 121 
ILE CA  CB   sing N N 122 
ILE CA  HA   sing N N 123 
ILE C   O    doub N N 124 
ILE C   OXT  sing N N 125 
ILE CB  CG1  sing N N 126 
ILE CB  CG2  sing N N 127 
ILE CB  HB   sing N N 128 
ILE CG1 CD1  sing N N 129 
ILE CG1 HG12 sing N N 130 
ILE CG1 HG13 sing N N 131 
ILE CG2 HG21 sing N N 132 
ILE CG2 HG22 sing N N 133 
ILE CG2 HG23 sing N N 134 
ILE CD1 HD11 sing N N 135 
ILE CD1 HD12 sing N N 136 
ILE CD1 HD13 sing N N 137 
ILE OXT HXT  sing N N 138 
LEU N   CA   sing N N 139 
LEU N   H    sing N N 140 
LEU N   H2   sing N N 141 
LEU CA  C    sing N N 142 
LEU CA  CB   sing N N 143 
LEU CA  HA   sing N N 144 
LEU C   O    doub N N 145 
LEU C   OXT  sing N N 146 
LEU CB  CG   sing N N 147 
LEU CB  HB2  sing N N 148 
LEU CB  HB3  sing N N 149 
LEU CG  CD1  sing N N 150 
LEU CG  CD2  sing N N 151 
LEU CG  HG   sing N N 152 
LEU CD1 HD11 sing N N 153 
LEU CD1 HD12 sing N N 154 
LEU CD1 HD13 sing N N 155 
LEU CD2 HD21 sing N N 156 
LEU CD2 HD22 sing N N 157 
LEU CD2 HD23 sing N N 158 
LEU OXT HXT  sing N N 159 
LYS N   CA   sing N N 160 
LYS N   H    sing N N 161 
LYS N   H2   sing N N 162 
LYS CA  C    sing N N 163 
LYS CA  CB   sing N N 164 
LYS CA  HA   sing N N 165 
LYS C   O    doub N N 166 
LYS C   OXT  sing N N 167 
LYS CB  CG   sing N N 168 
LYS CB  HB2  sing N N 169 
LYS CB  HB3  sing N N 170 
LYS CG  CD   sing N N 171 
LYS CG  HG2  sing N N 172 
LYS CG  HG3  sing N N 173 
LYS CD  CE   sing N N 174 
LYS CD  HD2  sing N N 175 
LYS CD  HD3  sing N N 176 
LYS CE  NZ   sing N N 177 
LYS CE  HE2  sing N N 178 
LYS CE  HE3  sing N N 179 
LYS NZ  HZ1  sing N N 180 
LYS NZ  HZ2  sing N N 181 
LYS NZ  HZ3  sing N N 182 
LYS OXT HXT  sing N N 183 
PHE N   CA   sing N N 184 
PHE N   H    sing N N 185 
PHE N   H2   sing N N 186 
PHE CA  C    sing N N 187 
PHE CA  CB   sing N N 188 
PHE CA  HA   sing N N 189 
PHE C   O    doub N N 190 
PHE C   OXT  sing N N 191 
PHE CB  CG   sing N N 192 
PHE CB  HB2  sing N N 193 
PHE CB  HB3  sing N N 194 
PHE CG  CD1  doub Y N 195 
PHE CG  CD2  sing Y N 196 
PHE CD1 CE1  sing Y N 197 
PHE CD1 HD1  sing N N 198 
PHE CD2 CE2  doub Y N 199 
PHE CD2 HD2  sing N N 200 
PHE CE1 CZ   doub Y N 201 
PHE CE1 HE1  sing N N 202 
PHE CE2 CZ   sing Y N 203 
PHE CE2 HE2  sing N N 204 
PHE CZ  HZ   sing N N 205 
PHE OXT HXT  sing N N 206 
SER N   CA   sing N N 207 
SER N   H    sing N N 208 
SER N   H2   sing N N 209 
SER CA  C    sing N N 210 
SER CA  CB   sing N N 211 
SER CA  HA   sing N N 212 
SER C   O    doub N N 213 
SER C   OXT  sing N N 214 
SER CB  OG   sing N N 215 
SER CB  HB2  sing N N 216 
SER CB  HB3  sing N N 217 
SER OG  HG   sing N N 218 
SER OXT HXT  sing N N 219 
THR N   CA   sing N N 220 
THR N   H    sing N N 221 
THR N   H2   sing N N 222 
THR CA  C    sing N N 223 
THR CA  CB   sing N N 224 
THR CA  HA   sing N N 225 
THR C   O    doub N N 226 
THR C   OXT  sing N N 227 
THR CB  OG1  sing N N 228 
THR CB  CG2  sing N N 229 
THR CB  HB   sing N N 230 
THR OG1 HG1  sing N N 231 
THR CG2 HG21 sing N N 232 
THR CG2 HG22 sing N N 233 
THR CG2 HG23 sing N N 234 
THR OXT HXT  sing N N 235 
TRP N   CA   sing N N 236 
TRP N   H    sing N N 237 
TRP N   H2   sing N N 238 
TRP CA  C    sing N N 239 
TRP CA  CB   sing N N 240 
TRP CA  HA   sing N N 241 
TRP C   O    doub N N 242 
TRP C   OXT  sing N N 243 
TRP CB  CG   sing N N 244 
TRP CB  HB2  sing N N 245 
TRP CB  HB3  sing N N 246 
TRP CG  CD1  doub Y N 247 
TRP CG  CD2  sing Y N 248 
TRP CD1 NE1  sing Y N 249 
TRP CD1 HD1  sing N N 250 
TRP CD2 CE2  doub Y N 251 
TRP CD2 CE3  sing Y N 252 
TRP NE1 CE2  sing Y N 253 
TRP NE1 HE1  sing N N 254 
TRP CE2 CZ2  sing Y N 255 
TRP CE3 CZ3  doub Y N 256 
TRP CE3 HE3  sing N N 257 
TRP CZ2 CH2  doub Y N 258 
TRP CZ2 HZ2  sing N N 259 
TRP CZ3 CH2  sing Y N 260 
TRP CZ3 HZ3  sing N N 261 
TRP CH2 HH2  sing N N 262 
TRP OXT HXT  sing N N 263 
TYR N   CA   sing N N 264 
TYR N   H    sing N N 265 
TYR N   H2   sing N N 266 
TYR CA  C    sing N N 267 
TYR CA  CB   sing N N 268 
TYR CA  HA   sing N N 269 
TYR C   O    doub N N 270 
TYR C   OXT  sing N N 271 
TYR CB  CG   sing N N 272 
TYR CB  HB2  sing N N 273 
TYR CB  HB3  sing N N 274 
TYR CG  CD1  doub Y N 275 
TYR CG  CD2  sing Y N 276 
TYR CD1 CE1  sing Y N 277 
TYR CD1 HD1  sing N N 278 
TYR CD2 CE2  doub Y N 279 
TYR CD2 HD2  sing N N 280 
TYR CE1 CZ   doub Y N 281 
TYR CE1 HE1  sing N N 282 
TYR CE2 CZ   sing Y N 283 
TYR CE2 HE2  sing N N 284 
TYR CZ  OH   sing N N 285 
TYR OH  HH   sing N N 286 
TYR OXT HXT  sing N N 287 
VAL N   CA   sing N N 288 
VAL N   H    sing N N 289 
VAL N   H2   sing N N 290 
VAL CA  C    sing N N 291 
VAL CA  CB   sing N N 292 
VAL CA  HA   sing N N 293 
VAL C   O    doub N N 294 
VAL C   OXT  sing N N 295 
VAL CB  CG1  sing N N 296 
VAL CB  CG2  sing N N 297 
VAL CB  HB   sing N N 298 
VAL CG1 HG11 sing N N 299 
VAL CG1 HG12 sing N N 300 
VAL CG1 HG13 sing N N 301 
VAL CG2 HG21 sing N N 302 
VAL CG2 HG22 sing N N 303 
VAL CG2 HG23 sing N N 304 
VAL OXT HXT  sing N N 305 
# 
_pdbx_entity_nonpoly.entity_id   2 
_pdbx_entity_nonpoly.name        water 
_pdbx_entity_nonpoly.comp_id     HOH 
# 
_pdbx_initial_refinement_model.id               1 
_pdbx_initial_refinement_model.entity_id_list   ? 
_pdbx_initial_refinement_model.type             'experimental model' 
_pdbx_initial_refinement_model.source_name      PDB 
_pdbx_initial_refinement_model.accession_code   1HZ6 
_pdbx_initial_refinement_model.details          'PDB ENTRY 1HZ6' 
# 
